data_8FCX
#
_entry.id   8FCX
#
_cell.length_a   1.00
_cell.length_b   1.00
_cell.length_c   1.00
_cell.angle_alpha   90.00
_cell.angle_beta   90.00
_cell.angle_gamma   90.00
#
_symmetry.space_group_name_H-M   'P 1'
#
loop_
_entity.id
_entity.type
_entity.pdbx_description
1 polymer TnsC
2 non-polymer "ADENOSINE-5'-TRIPHOSPHATE"
3 non-polymer 'MAGNESIUM ION'
#
_entity_poly.entity_id   1
_entity_poly.type   'polypeptide(L)'
_entity_poly.pdbx_seq_one_letter_code
;MTKSTGFPLELLTRPATERLAYFENYTVAHPRLKEVYEILMRTIAEPAGASFIFVYGASGVGKTTLRLRVEQKLTELALP
KLESDRARVPVVGIEAIAPESRYFNWKEYYTRALITLEEPLIDHKFDYGVRGISRDNFGKINVESKVVAPALRRALENAL
IHRHPDVFFVDEAQHFGKVASGYKLQDQLDCLKSLANMTGILHCLLGTYELLTFRNLSGQLSRRSVDIHFRRYCADSPED
VQAFKSVLLTFQQHLPLAETPNLVDHWEYFYERTLGCIGTLKDWLKRVLSDALDREATTITLKDLQKRALSVAQCQKMFK
EIQEGERQLSETEADVQNLRSALGLGAKPIVLPEETPKTTRPPGKVGKRKPKRDPIGVQQDVS
;
_entity_poly.pdbx_strand_id   R,S,T,U,V
#
# COMPACT_ATOMS: atom_id res chain seq x y z
N SER A 4 -67.35 -23.48 -15.97
CA SER A 4 -66.67 -23.45 -17.26
C SER A 4 -65.18 -23.73 -17.08
N THR A 5 -64.50 -23.99 -18.20
CA THR A 5 -63.07 -24.25 -18.20
C THR A 5 -62.23 -22.98 -18.20
N GLY A 6 -62.87 -21.80 -18.27
CA GLY A 6 -62.16 -20.54 -18.29
C GLY A 6 -62.30 -19.77 -16.99
N PHE A 7 -61.76 -18.56 -17.01
CA PHE A 7 -61.81 -17.68 -15.85
C PHE A 7 -63.25 -17.21 -15.61
N PRO A 8 -63.59 -16.89 -14.36
CA PRO A 8 -64.94 -16.39 -14.08
C PRO A 8 -65.23 -15.11 -14.83
N LEU A 9 -66.46 -15.00 -15.35
CA LEU A 9 -66.80 -13.93 -16.28
C LEU A 9 -67.01 -12.59 -15.59
N GLU A 10 -67.41 -12.59 -14.31
CA GLU A 10 -67.73 -11.34 -13.64
C GLU A 10 -66.51 -10.47 -13.40
N LEU A 11 -65.30 -11.02 -13.55
CA LEU A 11 -64.09 -10.24 -13.29
C LEU A 11 -63.92 -9.12 -14.30
N LEU A 12 -64.57 -9.22 -15.47
CA LEU A 12 -64.47 -8.14 -16.47
C LEU A 12 -64.99 -6.82 -15.91
N THR A 13 -66.02 -6.87 -15.06
CA THR A 13 -66.53 -5.64 -14.46
C THR A 13 -65.58 -5.12 -13.38
N ARG A 14 -64.78 -6.01 -12.78
CA ARG A 14 -63.89 -5.63 -11.71
C ARG A 14 -62.68 -4.85 -12.23
N PRO A 15 -62.04 -4.04 -11.37
CA PRO A 15 -60.87 -3.27 -11.81
C PRO A 15 -59.68 -4.16 -12.15
N ALA A 16 -58.60 -3.54 -12.62
CA ALA A 16 -57.43 -4.30 -13.06
C ALA A 16 -56.76 -5.02 -11.91
N THR A 17 -56.79 -4.45 -10.71
CA THR A 17 -56.08 -5.05 -9.57
C THR A 17 -56.66 -6.41 -9.24
N GLU A 18 -57.99 -6.53 -9.22
CA GLU A 18 -58.61 -7.81 -8.89
C GLU A 18 -58.29 -8.86 -9.94
N ARG A 19 -58.33 -8.50 -11.22
CA ARG A 19 -58.00 -9.45 -12.28
C ARG A 19 -56.55 -9.89 -12.18
N LEU A 20 -55.64 -8.96 -11.92
CA LEU A 20 -54.23 -9.31 -11.77
C LEU A 20 -54.01 -10.23 -10.57
N ALA A 21 -54.69 -9.95 -9.45
CA ALA A 21 -54.57 -10.81 -8.29
C ALA A 21 -55.10 -12.20 -8.56
N TYR A 22 -56.25 -12.29 -9.25
CA TYR A 22 -56.80 -13.60 -9.60
C TYR A 22 -55.84 -14.38 -10.49
N PHE A 23 -55.24 -13.71 -11.47
CA PHE A 23 -54.31 -14.40 -12.36
C PHE A 23 -53.07 -14.87 -11.62
N GLU A 24 -52.51 -14.03 -10.74
CA GLU A 24 -51.28 -14.40 -10.06
C GLU A 24 -51.51 -15.51 -9.03
N ASN A 25 -52.68 -15.49 -8.37
CA ASN A 25 -52.96 -16.51 -7.37
C ASN A 25 -53.45 -17.81 -7.98
N TYR A 26 -53.85 -17.82 -9.25
CA TYR A 26 -54.29 -19.06 -9.89
C TYR A 26 -53.09 -19.95 -10.19
N THR A 27 -53.23 -21.23 -9.87
CA THR A 27 -52.19 -22.22 -10.10
C THR A 27 -52.71 -23.31 -11.02
N VAL A 28 -51.96 -23.60 -12.08
CA VAL A 28 -52.33 -24.63 -13.04
C VAL A 28 -51.64 -25.93 -12.66
N ALA A 29 -52.26 -27.05 -13.01
CA ALA A 29 -51.72 -28.38 -12.75
C ALA A 29 -51.34 -29.03 -14.06
N HIS A 30 -50.12 -29.52 -14.15
CA HIS A 30 -49.59 -30.15 -15.34
C HIS A 30 -48.94 -31.46 -14.96
N PRO A 31 -48.86 -32.43 -15.91
CA PRO A 31 -48.47 -33.80 -15.52
C PRO A 31 -47.11 -33.90 -14.84
N ARG A 32 -46.12 -33.12 -15.27
CA ARG A 32 -44.82 -33.20 -14.61
C ARG A 32 -44.90 -32.73 -13.16
N LEU A 33 -45.62 -31.63 -12.92
CA LEU A 33 -45.76 -31.15 -11.56
C LEU A 33 -46.51 -32.15 -10.69
N LYS A 34 -47.57 -32.76 -11.22
CA LYS A 34 -48.32 -33.75 -10.45
C LYS A 34 -47.45 -34.97 -10.13
N GLU A 35 -46.69 -35.44 -11.11
CA GLU A 35 -45.84 -36.60 -10.89
C GLU A 35 -44.77 -36.32 -9.83
N VAL A 36 -44.10 -35.16 -9.96
CA VAL A 36 -43.05 -34.83 -8.99
C VAL A 36 -43.66 -34.62 -7.61
N TYR A 37 -44.84 -33.99 -7.54
CA TYR A 37 -45.51 -33.78 -6.27
C TYR A 37 -45.86 -35.10 -5.59
N GLU A 38 -46.41 -36.05 -6.34
CA GLU A 38 -46.78 -37.32 -5.74
C GLU A 38 -45.54 -38.12 -5.34
N ILE A 39 -44.46 -38.03 -6.12
CA ILE A 39 -43.22 -38.69 -5.75
C ILE A 39 -42.67 -38.11 -4.44
N LEU A 40 -42.68 -36.78 -4.34
CA LEU A 40 -42.18 -36.14 -3.12
C LEU A 40 -43.06 -36.49 -1.93
N MET A 41 -44.37 -36.53 -2.12
CA MET A 41 -45.27 -36.88 -1.01
C MET A 41 -45.03 -38.31 -0.56
N ARG A 42 -44.85 -39.24 -1.51
CA ARG A 42 -44.55 -40.62 -1.14
C ARG A 42 -43.23 -40.72 -0.39
N THR A 43 -42.21 -40.00 -0.88
CA THR A 43 -40.91 -40.04 -0.21
C THR A 43 -40.99 -39.46 1.20
N ILE A 44 -41.77 -38.38 1.37
CA ILE A 44 -41.93 -37.76 2.67
C ILE A 44 -42.74 -38.64 3.61
N ALA A 45 -43.65 -39.46 3.08
CA ALA A 45 -44.44 -40.34 3.93
C ALA A 45 -43.54 -41.32 4.69
N GLU A 46 -42.44 -41.76 4.08
CA GLU A 46 -41.48 -42.59 4.78
C GLU A 46 -40.10 -42.45 4.14
N PRO A 47 -39.11 -41.94 4.88
CA PRO A 47 -37.77 -41.82 4.29
C PRO A 47 -37.07 -43.16 4.13
N ALA A 48 -37.24 -44.06 5.09
CA ALA A 48 -36.62 -45.39 5.08
C ALA A 48 -35.11 -45.29 4.92
N GLY A 49 -34.48 -44.64 5.89
CA GLY A 49 -33.03 -44.55 5.92
C GLY A 49 -32.43 -43.53 4.98
N ALA A 50 -33.24 -42.78 4.26
CA ALA A 50 -32.76 -41.72 3.37
C ALA A 50 -32.83 -40.40 4.11
N SER A 51 -31.72 -39.67 4.12
CA SER A 51 -31.62 -38.42 4.87
C SER A 51 -31.53 -37.19 3.96
N PHE A 52 -31.64 -37.36 2.64
CA PHE A 52 -31.57 -36.23 1.73
C PHE A 52 -32.53 -36.46 0.57
N ILE A 53 -33.32 -35.42 0.27
CA ILE A 53 -34.23 -35.41 -0.88
C ILE A 53 -33.69 -34.34 -1.83
N PHE A 54 -32.99 -34.77 -2.88
CA PHE A 54 -32.39 -33.84 -3.83
C PHE A 54 -33.39 -33.60 -4.96
N VAL A 55 -33.90 -32.38 -5.04
CA VAL A 55 -34.84 -31.98 -6.08
C VAL A 55 -34.11 -31.04 -7.02
N TYR A 56 -33.76 -31.51 -8.21
CA TYR A 56 -33.12 -30.69 -9.22
C TYR A 56 -34.16 -30.15 -10.19
N GLY A 57 -33.95 -28.92 -10.64
CA GLY A 57 -34.84 -28.32 -11.62
C GLY A 57 -34.26 -27.01 -12.11
N ALA A 58 -34.61 -26.66 -13.35
CA ALA A 58 -34.14 -25.41 -13.92
C ALA A 58 -34.82 -24.23 -13.23
N SER A 59 -34.35 -23.04 -13.56
CA SER A 59 -35.01 -21.86 -13.05
C SER A 59 -36.27 -21.64 -13.85
N GLY A 60 -37.38 -22.25 -13.43
CA GLY A 60 -38.64 -22.06 -14.10
C GLY A 60 -39.55 -23.27 -13.97
N VAL A 61 -39.03 -24.35 -13.39
CA VAL A 61 -39.80 -25.58 -13.27
C VAL A 61 -40.92 -25.50 -12.24
N GLY A 62 -40.78 -24.61 -11.25
CA GLY A 62 -41.79 -24.49 -10.22
C GLY A 62 -41.38 -25.17 -8.93
N LYS A 63 -40.12 -25.03 -8.56
CA LYS A 63 -39.62 -25.66 -7.33
C LYS A 63 -40.21 -24.99 -6.10
N THR A 64 -40.21 -23.66 -6.06
CA THR A 64 -40.68 -22.95 -4.87
C THR A 64 -42.18 -23.16 -4.65
N THR A 65 -42.97 -23.10 -5.73
CA THR A 65 -44.40 -23.32 -5.58
C THR A 65 -44.72 -24.75 -5.20
N LEU A 66 -43.96 -25.72 -5.71
CA LEU A 66 -44.15 -27.10 -5.28
C LEU A 66 -43.81 -27.27 -3.81
N ARG A 67 -42.73 -26.63 -3.35
CA ARG A 67 -42.40 -26.66 -1.93
C ARG A 67 -43.52 -26.06 -1.09
N LEU A 68 -44.07 -24.92 -1.53
CA LEU A 68 -45.15 -24.28 -0.80
C LEU A 68 -46.39 -25.18 -0.75
N ARG A 69 -46.74 -25.80 -1.87
CA ARG A 69 -47.90 -26.68 -1.89
C ARG A 69 -47.70 -27.90 -1.00
N VAL A 70 -46.50 -28.48 -1.03
CA VAL A 70 -46.22 -29.65 -0.19
C VAL A 70 -46.32 -29.27 1.28
N GLU A 71 -45.73 -28.12 1.65
CA GLU A 71 -45.80 -27.67 3.03
C GLU A 71 -47.24 -27.42 3.47
N GLN A 72 -48.02 -26.77 2.61
CA GLN A 72 -49.42 -26.50 2.95
C GLN A 72 -50.20 -27.80 3.11
N LYS A 73 -50.01 -28.76 2.21
CA LYS A 73 -50.71 -30.02 2.28
C LYS A 73 -50.35 -30.78 3.55
N LEU A 74 -49.06 -30.79 3.90
CA LEU A 74 -48.65 -31.46 5.13
C LEU A 74 -49.22 -30.76 6.36
N THR A 75 -49.29 -29.43 6.33
CA THR A 75 -49.89 -28.71 7.45
C THR A 75 -51.37 -29.06 7.61
N GLU A 76 -52.11 -29.11 6.50
CA GLU A 76 -53.52 -29.48 6.57
C GLU A 76 -53.69 -30.93 7.04
N LEU A 77 -52.80 -31.83 6.59
CA LEU A 77 -52.88 -33.21 7.04
C LEU A 77 -52.58 -33.34 8.53
N ALA A 78 -51.68 -32.52 9.05
CA ALA A 78 -51.28 -32.61 10.45
C ALA A 78 -52.14 -31.77 11.38
N LEU A 79 -53.05 -30.94 10.85
CA LEU A 79 -53.95 -30.20 11.73
C LEU A 79 -54.72 -31.08 12.70
N PRO A 80 -55.36 -32.19 12.30
CA PRO A 80 -56.06 -33.01 13.30
C PRO A 80 -55.14 -33.54 14.39
N LYS A 81 -53.91 -33.92 14.03
CA LYS A 81 -52.97 -34.40 15.05
C LYS A 81 -52.39 -33.24 15.85
N LEU A 82 -52.22 -32.08 15.21
CA LEU A 82 -51.74 -30.90 15.92
C LEU A 82 -52.73 -30.45 16.99
N GLU A 83 -54.04 -30.60 16.72
CA GLU A 83 -55.03 -30.23 17.71
C GLU A 83 -54.88 -31.07 18.98
N SER A 84 -54.62 -32.36 18.83
CA SER A 84 -54.47 -33.24 19.99
C SER A 84 -53.06 -33.14 20.58
N ASP A 85 -52.03 -33.16 19.73
CA ASP A 85 -50.65 -33.14 20.16
C ASP A 85 -50.06 -31.78 19.87
N ARG A 86 -49.61 -31.08 20.92
CA ARG A 86 -48.99 -29.77 20.78
C ARG A 86 -47.48 -29.92 20.70
N ALA A 87 -46.77 -28.80 20.59
CA ALA A 87 -45.31 -28.77 20.47
C ALA A 87 -44.83 -29.64 19.30
N ARG A 88 -45.54 -29.54 18.18
CA ARG A 88 -45.23 -30.32 16.99
C ARG A 88 -45.48 -29.44 15.77
N VAL A 89 -44.41 -28.97 15.14
CA VAL A 89 -44.49 -28.26 13.88
C VAL A 89 -44.46 -29.29 12.75
N PRO A 90 -45.43 -29.29 11.84
CA PRO A 90 -45.43 -30.31 10.77
C PRO A 90 -44.27 -30.17 9.81
N VAL A 91 -44.08 -28.97 9.25
CA VAL A 91 -43.03 -28.72 8.26
C VAL A 91 -42.37 -27.40 8.59
N VAL A 92 -41.04 -27.38 8.57
CA VAL A 92 -40.26 -26.16 8.71
C VAL A 92 -39.36 -26.02 7.51
N GLY A 93 -39.41 -24.85 6.87
CA GLY A 93 -38.63 -24.61 5.67
C GLY A 93 -37.90 -23.28 5.74
N ILE A 94 -36.63 -23.30 5.36
CA ILE A 94 -35.78 -22.12 5.37
C ILE A 94 -35.14 -21.96 4.00
N GLU A 95 -34.49 -20.82 3.79
CA GLU A 95 -33.84 -20.49 2.54
C GLU A 95 -32.33 -20.46 2.74
N ALA A 96 -31.59 -20.91 1.72
CA ALA A 96 -30.13 -20.89 1.79
C ALA A 96 -29.61 -19.49 1.48
N ILE A 97 -28.62 -19.05 2.23
CA ILE A 97 -28.10 -17.69 2.12
C ILE A 97 -26.82 -17.73 1.29
N ALA A 98 -26.78 -16.94 0.23
CA ALA A 98 -25.53 -16.73 -0.48
C ALA A 98 -24.64 -15.80 0.34
N PRO A 99 -23.42 -16.22 0.68
CA PRO A 99 -22.59 -15.44 1.60
C PRO A 99 -21.80 -14.36 0.89
N GLU A 100 -21.60 -13.25 1.62
CA GLU A 100 -20.78 -12.16 1.09
C GLU A 100 -19.33 -12.58 0.94
N SER A 101 -18.82 -13.37 1.87
CA SER A 101 -17.45 -13.86 1.80
C SER A 101 -17.38 -15.09 0.90
N ARG A 102 -16.19 -15.67 0.77
CA ARG A 102 -16.00 -16.84 -0.07
C ARG A 102 -16.42 -18.13 0.62
N TYR A 103 -16.76 -18.08 1.90
CA TYR A 103 -17.15 -19.26 2.68
C TYR A 103 -18.62 -19.17 3.05
N PHE A 104 -19.31 -20.30 2.97
CA PHE A 104 -20.65 -20.37 3.51
C PHE A 104 -20.60 -20.21 5.03
N ASN A 105 -21.44 -19.33 5.56
CA ASN A 105 -21.45 -19.01 6.98
C ASN A 105 -22.44 -19.96 7.65
N TRP A 106 -21.91 -20.99 8.31
CA TRP A 106 -22.78 -21.97 8.96
C TRP A 106 -23.45 -21.40 10.20
N LYS A 107 -22.81 -20.43 10.86
CA LYS A 107 -23.44 -19.80 12.02
C LYS A 107 -24.73 -19.09 11.64
N GLU A 108 -24.71 -18.34 10.53
CA GLU A 108 -25.91 -17.65 10.08
C GLU A 108 -26.99 -18.66 9.68
N TYR A 109 -26.60 -19.74 9.01
CA TYR A 109 -27.56 -20.76 8.64
C TYR A 109 -28.21 -21.38 9.87
N TYR A 110 -27.40 -21.68 10.89
CA TYR A 110 -27.93 -22.28 12.10
C TYR A 110 -28.88 -21.34 12.83
N THR A 111 -28.49 -20.06 12.98
CA THR A 111 -29.36 -19.14 13.70
C THR A 111 -30.63 -18.84 12.91
N ARG A 112 -30.55 -18.78 11.58
CA ARG A 112 -31.76 -18.56 10.79
C ARG A 112 -32.68 -19.78 10.86
N ALA A 113 -32.12 -20.98 10.83
CA ALA A 113 -32.94 -22.18 11.01
C ALA A 113 -33.62 -22.18 12.37
N LEU A 114 -32.89 -21.77 13.42
CA LEU A 114 -33.49 -21.73 14.74
C LEU A 114 -34.61 -20.70 14.83
N ILE A 115 -34.40 -19.50 14.26
CA ILE A 115 -35.42 -18.46 14.36
C ILE A 115 -36.63 -18.82 13.51
N THR A 116 -36.42 -19.46 12.36
CA THR A 116 -37.55 -19.82 11.50
C THR A 116 -38.34 -20.97 12.12
N LEU A 117 -37.65 -21.99 12.62
CA LEU A 117 -38.34 -23.11 13.24
C LEU A 117 -39.09 -22.68 14.50
N GLU A 118 -38.47 -21.81 15.31
CA GLU A 118 -39.07 -21.36 16.56
C GLU A 118 -39.92 -20.11 16.29
N GLU A 119 -41.09 -20.35 15.70
CA GLU A 119 -42.11 -19.31 15.63
C GLU A 119 -43.51 -19.84 15.95
N PRO A 120 -43.72 -20.60 17.03
CA PRO A 120 -45.09 -20.89 17.47
C PRO A 120 -45.54 -19.87 18.51
N LEU A 121 -46.73 -20.06 19.08
CA LEU A 121 -47.15 -19.19 20.17
C LEU A 121 -46.29 -19.42 21.40
N ILE A 122 -46.33 -18.45 22.31
CA ILE A 122 -45.34 -18.36 23.38
C ILE A 122 -45.48 -19.44 24.43
N ASP A 123 -46.52 -20.28 24.35
CA ASP A 123 -46.79 -21.23 25.43
C ASP A 123 -45.69 -22.28 25.54
N HIS A 124 -45.09 -22.72 24.43
CA HIS A 124 -44.00 -23.68 24.49
C HIS A 124 -42.80 -23.03 25.15
N LYS A 125 -42.42 -23.53 26.33
CA LYS A 125 -41.19 -23.13 27.01
C LYS A 125 -40.27 -24.34 27.00
N PHE A 126 -39.50 -24.48 25.91
CA PHE A 126 -38.65 -25.65 25.71
C PHE A 126 -37.39 -25.63 26.55
N ASP A 127 -36.83 -24.46 26.84
CA ASP A 127 -35.58 -24.33 27.59
C ASP A 127 -34.44 -25.07 26.87
N TYR A 128 -34.10 -24.53 25.69
CA TYR A 128 -33.05 -25.08 24.84
C TYR A 128 -31.72 -25.19 25.59
N GLY A 129 -30.82 -26.00 25.06
CA GLY A 129 -29.47 -26.06 25.59
C GLY A 129 -28.71 -24.79 25.28
N VAL A 130 -27.54 -24.66 25.92
CA VAL A 130 -26.64 -23.51 25.80
C VAL A 130 -27.27 -22.28 26.44
N ARG A 131 -26.46 -21.49 27.13
CA ARG A 131 -26.97 -20.33 27.85
C ARG A 131 -27.24 -19.13 26.95
N GLY A 132 -26.68 -19.11 25.75
CA GLY A 132 -26.73 -17.91 24.92
C GLY A 132 -28.01 -17.73 24.13
N ILE A 133 -28.94 -18.68 24.18
CA ILE A 133 -30.17 -18.63 23.41
C ILE A 133 -31.36 -18.70 24.37
N SER A 134 -32.28 -17.76 24.21
CA SER A 134 -33.48 -17.69 25.05
C SER A 134 -34.52 -16.84 24.33
N ARG A 135 -35.71 -16.77 24.92
CA ARG A 135 -36.80 -15.98 24.37
C ARG A 135 -36.61 -14.51 24.75
N ASP A 136 -37.62 -13.69 24.49
CA ASP A 136 -37.59 -12.28 24.83
C ASP A 136 -39.01 -11.83 25.17
N ASN A 137 -39.18 -10.52 25.37
CA ASN A 137 -40.51 -9.98 25.67
C ASN A 137 -41.45 -10.15 24.49
N PHE A 138 -40.97 -9.94 23.28
CA PHE A 138 -41.80 -9.98 22.08
C PHE A 138 -41.98 -11.38 21.52
N GLY A 139 -41.32 -12.39 22.09
CA GLY A 139 -41.47 -13.75 21.65
C GLY A 139 -40.46 -14.23 20.64
N LYS A 140 -39.70 -13.31 20.02
CA LYS A 140 -38.68 -13.69 19.06
C LYS A 140 -37.37 -13.96 19.79
N ILE A 141 -36.83 -15.17 19.61
CA ILE A 141 -35.61 -15.54 20.32
C ILE A 141 -34.45 -14.68 19.85
N ASN A 142 -33.48 -14.48 20.73
CA ASN A 142 -32.30 -13.68 20.44
C ASN A 142 -31.05 -14.51 20.69
N VAL A 143 -30.07 -14.35 19.80
CA VAL A 143 -28.79 -15.05 19.90
C VAL A 143 -27.69 -14.01 19.84
N GLU A 144 -26.82 -14.01 20.83
CA GLU A 144 -25.70 -13.07 20.90
C GLU A 144 -24.56 -13.57 20.02
N SER A 145 -23.76 -12.61 19.53
CA SER A 145 -22.60 -12.96 18.72
C SER A 145 -21.54 -13.69 19.53
N LYS A 146 -21.61 -13.62 20.86
CA LYS A 146 -20.67 -14.36 21.70
C LYS A 146 -20.85 -15.87 21.54
N VAL A 147 -22.08 -16.33 21.32
CA VAL A 147 -22.34 -17.76 21.23
C VAL A 147 -21.59 -18.34 20.04
N VAL A 148 -20.86 -19.42 20.29
CA VAL A 148 -20.12 -20.08 19.21
C VAL A 148 -21.08 -20.89 18.35
N ALA A 149 -20.68 -21.11 17.10
CA ALA A 149 -21.55 -21.80 16.14
C ALA A 149 -21.89 -23.23 16.55
N PRO A 150 -20.95 -24.08 17.01
CA PRO A 150 -21.33 -25.45 17.37
C PRO A 150 -22.35 -25.53 18.49
N ALA A 151 -22.30 -24.63 19.47
CA ALA A 151 -23.32 -24.64 20.53
C ALA A 151 -24.69 -24.29 19.97
N LEU A 152 -24.74 -23.33 19.06
CA LEU A 152 -25.99 -23.02 18.36
C LEU A 152 -26.49 -24.22 17.58
N ARG A 153 -25.55 -24.96 16.95
CA ARG A 153 -25.92 -26.17 16.24
C ARG A 153 -26.54 -27.20 17.17
N ARG A 154 -25.94 -27.40 18.34
CA ARG A 154 -26.47 -28.36 19.31
C ARG A 154 -27.86 -27.93 19.79
N ALA A 155 -28.05 -26.63 20.02
CA ALA A 155 -29.38 -26.14 20.38
C ALA A 155 -30.38 -26.43 19.27
N LEU A 156 -29.97 -26.25 18.02
CA LEU A 156 -30.83 -26.58 16.90
C LEU A 156 -31.16 -28.07 16.88
N GLU A 157 -30.18 -28.92 17.20
CA GLU A 157 -30.43 -30.35 17.29
C GLU A 157 -31.49 -30.67 18.33
N ASN A 158 -31.35 -30.06 19.51
CA ASN A 158 -32.34 -30.30 20.57
C ASN A 158 -33.72 -29.82 20.16
N ALA A 159 -33.78 -28.64 19.54
CA ALA A 159 -35.07 -28.11 19.08
C ALA A 159 -35.70 -29.02 18.04
N LEU A 160 -34.89 -29.53 17.11
CA LEU A 160 -35.42 -30.39 16.05
C LEU A 160 -35.91 -31.71 16.62
N ILE A 161 -35.17 -32.31 17.53
CA ILE A 161 -35.62 -33.59 18.09
C ILE A 161 -36.86 -33.39 18.95
N HIS A 162 -36.97 -32.26 19.65
CA HIS A 162 -38.17 -32.02 20.45
C HIS A 162 -39.39 -31.76 19.56
N ARG A 163 -39.26 -30.86 18.59
CA ARG A 163 -40.39 -30.54 17.72
C ARG A 163 -40.71 -31.68 16.76
N HIS A 164 -39.67 -32.32 16.22
CA HIS A 164 -39.78 -33.43 15.28
C HIS A 164 -40.61 -33.07 14.06
N PRO A 165 -40.11 -32.19 13.19
CA PRO A 165 -40.82 -31.91 11.94
C PRO A 165 -40.68 -33.07 10.96
N ASP A 166 -41.62 -33.13 10.02
CA ASP A 166 -41.61 -34.22 9.05
C ASP A 166 -40.46 -34.05 8.05
N VAL A 167 -40.24 -32.82 7.57
CA VAL A 167 -39.22 -32.55 6.58
C VAL A 167 -38.68 -31.15 6.79
N PHE A 168 -37.37 -30.98 6.57
CA PHE A 168 -36.71 -29.69 6.64
C PHE A 168 -36.41 -29.23 5.22
N PHE A 169 -37.13 -28.20 4.75
CA PHE A 169 -36.97 -27.70 3.40
C PHE A 169 -35.88 -26.63 3.35
N VAL A 170 -35.02 -26.74 2.35
CA VAL A 170 -33.97 -25.75 2.08
C VAL A 170 -34.07 -25.38 0.61
N ASP A 171 -34.37 -24.12 0.32
CA ASP A 171 -34.46 -23.65 -1.05
C ASP A 171 -33.10 -23.14 -1.53
N GLU A 172 -32.93 -23.12 -2.85
CA GLU A 172 -31.67 -22.82 -3.53
C GLU A 172 -30.48 -23.41 -2.77
N ALA A 173 -30.49 -24.73 -2.60
CA ALA A 173 -29.47 -25.40 -1.81
C ALA A 173 -28.10 -25.35 -2.47
N GLN A 174 -28.01 -24.91 -3.73
CA GLN A 174 -26.72 -24.78 -4.38
C GLN A 174 -25.84 -23.73 -3.72
N HIS A 175 -26.39 -22.89 -2.85
CA HIS A 175 -25.57 -21.93 -2.12
C HIS A 175 -24.60 -22.61 -1.17
N PHE A 176 -24.80 -23.88 -0.86
CA PHE A 176 -23.83 -24.62 -0.05
C PHE A 176 -22.50 -24.80 -0.79
N GLY A 177 -22.47 -24.58 -2.10
CA GLY A 177 -21.29 -24.80 -2.89
C GLY A 177 -20.29 -23.65 -2.93
N LYS A 178 -20.52 -22.60 -2.15
CA LYS A 178 -19.61 -21.45 -2.13
C LYS A 178 -18.54 -21.70 -1.09
N VAL A 179 -17.42 -22.28 -1.53
CA VAL A 179 -16.27 -22.56 -0.69
C VAL A 179 -15.01 -22.24 -1.47
N ALA A 180 -13.86 -22.42 -0.81
CA ALA A 180 -12.57 -22.22 -1.46
C ALA A 180 -11.77 -23.51 -1.61
N SER A 181 -11.91 -24.46 -0.70
CA SER A 181 -11.23 -25.74 -0.78
C SER A 181 -12.00 -26.67 -1.71
N GLY A 182 -11.27 -27.38 -2.58
CA GLY A 182 -11.93 -28.27 -3.52
C GLY A 182 -12.68 -29.40 -2.83
N TYR A 183 -12.06 -30.02 -1.82
CA TYR A 183 -12.69 -31.11 -1.11
C TYR A 183 -13.77 -30.62 -0.13
N LYS A 184 -13.90 -29.31 0.05
CA LYS A 184 -14.80 -28.78 1.07
C LYS A 184 -16.26 -29.05 0.74
N LEU A 185 -16.58 -29.38 -0.51
CA LEU A 185 -17.95 -29.75 -0.86
C LEU A 185 -18.39 -30.98 -0.09
N GLN A 186 -17.51 -31.99 -0.03
CA GLN A 186 -17.80 -33.20 0.73
C GLN A 186 -17.94 -32.87 2.21
N ASP A 187 -17.14 -31.93 2.71
CA ASP A 187 -17.26 -31.52 4.11
C ASP A 187 -18.60 -30.88 4.41
N GLN A 188 -19.05 -29.99 3.51
CA GLN A 188 -20.35 -29.34 3.68
C GLN A 188 -21.47 -30.37 3.68
N LEU A 189 -21.43 -31.29 2.71
CA LEU A 189 -22.47 -32.31 2.63
C LEU A 189 -22.43 -33.24 3.84
N ASP A 190 -21.23 -33.55 4.34
CA ASP A 190 -21.10 -34.38 5.53
C ASP A 190 -21.66 -33.67 6.75
N CYS A 191 -21.44 -32.36 6.85
CA CYS A 191 -22.02 -31.60 7.95
C CYS A 191 -23.54 -31.64 7.90
N LEU A 192 -24.11 -31.46 6.71
CA LEU A 192 -25.57 -31.51 6.59
C LEU A 192 -26.09 -32.92 6.90
N LYS A 193 -25.39 -33.94 6.43
CA LYS A 193 -25.79 -35.32 6.71
C LYS A 193 -25.72 -35.63 8.20
N SER A 194 -24.67 -35.15 8.84
CA SER A 194 -24.54 -35.35 10.28
C SER A 194 -25.68 -34.65 10.97
N LEU A 195 -25.95 -33.41 10.60
CA LEU A 195 -27.05 -32.68 11.20
C LEU A 195 -28.31 -33.52 11.14
N ALA A 196 -28.76 -33.84 9.93
CA ALA A 196 -29.98 -34.63 9.77
C ALA A 196 -29.92 -35.95 10.52
N ASN A 197 -28.72 -36.49 10.69
CA ASN A 197 -28.56 -37.78 11.36
C ASN A 197 -29.15 -37.86 12.75
N MET A 198 -28.41 -37.39 13.75
CA MET A 198 -28.85 -37.49 15.15
C MET A 198 -30.23 -36.85 15.34
N THR A 199 -30.59 -35.90 14.50
CA THR A 199 -31.95 -35.36 14.52
C THR A 199 -32.96 -36.31 13.89
N GLY A 200 -32.54 -37.15 12.96
CA GLY A 200 -33.46 -38.07 12.31
C GLY A 200 -34.48 -37.38 11.44
N ILE A 201 -34.18 -36.19 10.94
CA ILE A 201 -35.12 -35.40 10.17
C ILE A 201 -34.70 -35.42 8.71
N LEU A 202 -35.63 -35.79 7.84
CA LEU A 202 -35.34 -35.84 6.41
C LEU A 202 -35.14 -34.44 5.87
N HIS A 203 -33.97 -34.18 5.31
CA HIS A 203 -33.62 -32.88 4.77
C HIS A 203 -33.86 -32.88 3.26
N CYS A 204 -34.74 -32.01 2.80
CA CYS A 204 -35.02 -31.89 1.38
C CYS A 204 -34.35 -30.63 0.83
N LEU A 205 -33.57 -30.79 -0.23
CA LEU A 205 -32.83 -29.70 -0.84
C LEU A 205 -33.37 -29.45 -2.23
N LEU A 206 -33.77 -28.21 -2.49
CA LEU A 206 -34.27 -27.79 -3.80
C LEU A 206 -33.34 -26.71 -4.34
N GLY A 207 -32.91 -26.86 -5.59
CA GLY A 207 -32.01 -25.90 -6.18
C GLY A 207 -31.96 -26.05 -7.68
N THR A 208 -31.13 -25.22 -8.31
CA THR A 208 -30.97 -25.23 -9.75
C THR A 208 -30.10 -26.42 -10.17
N TYR A 209 -29.75 -26.48 -11.46
CA TYR A 209 -28.99 -27.61 -11.96
C TYR A 209 -27.56 -27.63 -11.43
N GLU A 210 -27.07 -26.48 -10.94
CA GLU A 210 -25.74 -26.47 -10.34
C GLU A 210 -25.71 -27.15 -8.97
N LEU A 211 -26.88 -27.51 -8.43
CA LEU A 211 -26.92 -28.33 -7.23
C LEU A 211 -26.34 -29.71 -7.48
N LEU A 212 -26.24 -30.12 -8.75
CA LEU A 212 -25.72 -31.44 -9.09
C LEU A 212 -24.27 -31.65 -8.67
N THR A 213 -23.58 -30.60 -8.20
CA THR A 213 -22.23 -30.77 -7.71
C THR A 213 -22.15 -31.69 -6.50
N PHE A 214 -23.24 -31.83 -5.75
CA PHE A 214 -23.29 -32.71 -4.58
C PHE A 214 -24.12 -33.97 -4.84
N ARG A 215 -24.29 -34.35 -6.09
CA ARG A 215 -25.23 -35.42 -6.44
C ARG A 215 -24.86 -36.76 -5.79
N ASN A 216 -23.73 -37.33 -6.21
CA ASN A 216 -23.22 -38.59 -5.66
C ASN A 216 -21.76 -38.42 -5.27
N LEU A 217 -21.46 -37.34 -4.54
CA LEU A 217 -20.08 -37.01 -4.21
C LEU A 217 -19.41 -38.03 -3.30
N SER A 218 -20.16 -38.91 -2.64
CA SER A 218 -19.57 -39.98 -1.87
C SER A 218 -20.62 -41.07 -1.67
N GLY A 219 -20.14 -42.27 -1.36
CA GLY A 219 -21.04 -43.42 -1.26
C GLY A 219 -22.02 -43.30 -0.11
N GLN A 220 -21.55 -42.81 1.04
CA GLN A 220 -22.43 -42.67 2.21
C GLN A 220 -23.58 -41.70 1.90
N LEU A 221 -23.27 -40.58 1.25
CA LEU A 221 -24.32 -39.65 0.85
C LEU A 221 -25.09 -40.19 -0.34
N SER A 222 -24.45 -41.00 -1.18
CA SER A 222 -25.12 -41.56 -2.35
C SER A 222 -26.26 -42.49 -1.93
N ARG A 223 -26.01 -43.38 -0.98
CA ARG A 223 -27.06 -44.28 -0.53
C ARG A 223 -28.16 -43.52 0.21
N ARG A 224 -27.78 -42.64 1.13
CA ARG A 224 -28.72 -42.01 2.04
C ARG A 224 -29.50 -40.86 1.40
N SER A 225 -29.44 -40.74 0.08
CA SER A 225 -30.15 -39.69 -0.63
C SER A 225 -30.85 -40.29 -1.85
N VAL A 226 -32.08 -39.85 -2.09
CA VAL A 226 -32.80 -40.14 -3.32
C VAL A 226 -33.00 -38.83 -4.06
N ASP A 227 -33.07 -38.90 -5.38
CA ASP A 227 -33.12 -37.71 -6.22
C ASP A 227 -34.42 -37.67 -7.01
N ILE A 228 -35.06 -36.51 -7.03
CA ILE A 228 -36.27 -36.26 -7.80
C ILE A 228 -35.95 -35.22 -8.85
N HIS A 229 -36.25 -35.53 -10.11
CA HIS A 229 -35.93 -34.64 -11.23
C HIS A 229 -37.18 -33.86 -11.60
N PHE A 230 -37.10 -32.53 -11.52
CA PHE A 230 -38.19 -31.65 -11.94
C PHE A 230 -37.95 -31.27 -13.40
N ARG A 231 -38.17 -32.25 -14.27
CA ARG A 231 -37.88 -32.08 -15.68
C ARG A 231 -38.77 -31.01 -16.32
N ARG A 232 -38.19 -30.23 -17.21
CA ARG A 232 -38.96 -29.28 -18.00
C ARG A 232 -39.67 -30.01 -19.15
N TYR A 233 -40.27 -29.23 -20.04
CA TYR A 233 -40.95 -29.78 -21.20
C TYR A 233 -40.02 -29.68 -22.41
N CYS A 234 -39.76 -30.82 -23.04
CA CYS A 234 -38.84 -30.89 -24.17
C CYS A 234 -39.59 -30.62 -25.47
N ALA A 235 -38.94 -30.90 -26.60
CA ALA A 235 -39.54 -30.75 -27.92
C ALA A 235 -39.50 -32.01 -28.76
N ASP A 236 -38.49 -32.87 -28.57
CA ASP A 236 -38.41 -34.09 -29.37
C ASP A 236 -39.58 -35.02 -29.09
N SER A 237 -39.95 -35.17 -27.82
CA SER A 237 -41.06 -36.04 -27.47
C SER A 237 -42.38 -35.31 -27.68
N PRO A 238 -43.29 -35.83 -28.51
CA PRO A 238 -44.57 -35.14 -28.72
C PRO A 238 -45.43 -35.07 -27.46
N GLU A 239 -45.21 -35.95 -26.49
CA GLU A 239 -46.07 -35.98 -25.31
C GLU A 239 -45.93 -34.70 -24.49
N ASP A 240 -44.69 -34.30 -24.18
CA ASP A 240 -44.50 -33.07 -23.42
C ASP A 240 -44.90 -31.86 -24.26
N VAL A 241 -44.79 -31.95 -25.58
CA VAL A 241 -45.27 -30.86 -26.44
C VAL A 241 -46.77 -30.69 -26.29
N GLN A 242 -47.52 -31.80 -26.31
CA GLN A 242 -48.97 -31.74 -26.10
C GLN A 242 -49.30 -31.23 -24.72
N ALA A 243 -48.53 -31.63 -23.71
CA ALA A 243 -48.75 -31.12 -22.37
C ALA A 243 -48.56 -29.61 -22.31
N PHE A 244 -47.51 -29.10 -22.97
CA PHE A 244 -47.29 -27.66 -23.04
C PHE A 244 -48.43 -26.96 -23.77
N LYS A 245 -48.92 -27.58 -24.85
CA LYS A 245 -50.08 -27.02 -25.55
C LYS A 245 -51.28 -26.92 -24.64
N SER A 246 -51.55 -27.97 -23.85
CA SER A 246 -52.68 -27.95 -22.93
C SER A 246 -52.50 -26.88 -21.86
N VAL A 247 -51.29 -26.73 -21.35
CA VAL A 247 -51.02 -25.68 -20.36
C VAL A 247 -51.28 -24.30 -20.96
N LEU A 248 -50.83 -24.09 -22.19
CA LEU A 248 -51.06 -22.81 -22.86
C LEU A 248 -52.56 -22.55 -23.06
N LEU A 249 -53.31 -23.60 -23.46
CA LEU A 249 -54.75 -23.43 -23.62
C LEU A 249 -55.43 -23.09 -22.30
N THR A 250 -55.02 -23.75 -21.21
CA THR A 250 -55.61 -23.43 -19.92
C THR A 250 -55.29 -22.00 -19.50
N PHE A 251 -54.05 -21.57 -19.73
CA PHE A 251 -53.67 -20.20 -19.37
C PHE A 251 -54.45 -19.18 -20.19
N GLN A 252 -54.62 -19.44 -21.50
CA GLN A 252 -55.36 -18.49 -22.33
C GLN A 252 -56.85 -18.50 -21.99
N GLN A 253 -57.38 -19.62 -21.51
CA GLN A 253 -58.76 -19.65 -21.05
C GLN A 253 -58.92 -18.94 -19.72
N HIS A 254 -57.89 -18.92 -18.89
CA HIS A 254 -57.96 -18.30 -17.58
C HIS A 254 -57.45 -16.85 -17.56
N LEU A 255 -57.12 -16.30 -18.72
CA LEU A 255 -56.70 -14.90 -18.77
C LEU A 255 -57.90 -13.98 -18.56
N PRO A 256 -57.87 -13.09 -17.57
CA PRO A 256 -59.00 -12.19 -17.36
C PRO A 256 -59.08 -11.09 -18.41
N LEU A 257 -59.47 -11.46 -19.62
CA LEU A 257 -59.60 -10.53 -20.72
C LEU A 257 -60.94 -10.73 -21.43
N ALA A 258 -61.42 -9.66 -22.06
CA ALA A 258 -62.69 -9.73 -22.78
C ALA A 258 -62.63 -10.74 -23.92
N GLU A 259 -61.52 -10.76 -24.66
CA GLU A 259 -61.32 -11.68 -25.77
C GLU A 259 -60.20 -12.64 -25.39
N THR A 260 -60.46 -13.94 -25.53
CA THR A 260 -59.46 -14.94 -25.18
C THR A 260 -58.47 -15.08 -26.32
N PRO A 261 -57.22 -14.64 -26.15
CA PRO A 261 -56.26 -14.69 -27.26
C PRO A 261 -55.90 -16.11 -27.64
N ASN A 262 -55.50 -16.27 -28.90
CA ASN A 262 -55.07 -17.55 -29.43
C ASN A 262 -53.59 -17.65 -29.13
N LEU A 263 -53.26 -18.40 -28.09
CA LEU A 263 -51.87 -18.70 -27.75
C LEU A 263 -51.39 -20.01 -28.36
N VAL A 264 -52.27 -20.76 -29.02
CA VAL A 264 -51.89 -22.06 -29.57
C VAL A 264 -51.09 -21.93 -30.85
N ASP A 265 -51.22 -20.82 -31.57
CA ASP A 265 -50.49 -20.65 -32.83
C ASP A 265 -49.00 -20.44 -32.56
N HIS A 266 -48.67 -19.52 -31.67
CA HIS A 266 -47.27 -19.23 -31.36
C HIS A 266 -46.79 -20.06 -30.16
N TRP A 267 -47.05 -21.37 -30.21
CA TRP A 267 -46.49 -22.24 -29.18
C TRP A 267 -44.99 -22.38 -29.34
N GLU A 268 -44.49 -22.35 -30.57
CA GLU A 268 -43.05 -22.38 -30.80
C GLU A 268 -42.39 -21.15 -30.18
N TYR A 269 -43.02 -19.99 -30.33
CA TYR A 269 -42.46 -18.76 -29.78
C TYR A 269 -42.31 -18.82 -28.28
N PHE A 270 -43.41 -19.06 -27.59
CA PHE A 270 -43.36 -19.09 -26.13
C PHE A 270 -42.34 -20.12 -25.68
N TYR A 271 -42.51 -21.35 -26.13
CA TYR A 271 -41.58 -22.41 -25.76
C TYR A 271 -40.14 -21.93 -25.92
N GLU A 272 -39.86 -21.26 -27.02
CA GLU A 272 -38.52 -20.74 -27.24
C GLU A 272 -38.13 -19.74 -26.15
N ARG A 273 -39.01 -18.79 -25.88
CA ARG A 273 -38.71 -17.77 -24.88
C ARG A 273 -39.03 -18.21 -23.46
N THR A 274 -39.42 -19.46 -23.25
CA THR A 274 -39.62 -19.99 -21.90
C THR A 274 -38.96 -21.34 -21.66
N LEU A 275 -38.50 -22.04 -22.71
CA LEU A 275 -37.86 -23.34 -22.60
C LEU A 275 -38.76 -24.37 -21.94
N GLY A 276 -40.07 -24.17 -22.03
CA GLY A 276 -41.03 -25.08 -21.44
C GLY A 276 -41.21 -24.94 -19.95
N CYS A 277 -40.57 -23.96 -19.33
CA CYS A 277 -40.70 -23.76 -17.89
C CYS A 277 -42.05 -23.10 -17.60
N ILE A 278 -42.84 -23.73 -16.74
CA ILE A 278 -44.17 -23.23 -16.45
C ILE A 278 -44.11 -21.91 -15.69
N GLY A 279 -43.15 -21.79 -14.76
CA GLY A 279 -43.03 -20.56 -13.99
C GLY A 279 -42.63 -19.37 -14.85
N THR A 280 -41.67 -19.57 -15.76
CA THR A 280 -41.26 -18.48 -16.65
C THR A 280 -42.42 -18.06 -17.55
N LEU A 281 -43.18 -19.03 -18.07
CA LEU A 281 -44.34 -18.71 -18.88
C LEU A 281 -45.38 -17.94 -18.07
N LYS A 282 -45.57 -18.34 -16.80
CA LYS A 282 -46.52 -17.64 -15.94
C LYS A 282 -46.09 -16.20 -15.70
N ASP A 283 -44.80 -15.97 -15.44
CA ASP A 283 -44.31 -14.61 -15.24
C ASP A 283 -44.46 -13.78 -16.52
N TRP A 284 -44.14 -14.38 -17.67
CA TRP A 284 -44.31 -13.68 -18.95
C TRP A 284 -45.77 -13.28 -19.15
N LEU A 285 -46.69 -14.20 -18.91
CA LEU A 285 -48.11 -13.90 -19.07
C LEU A 285 -48.57 -12.86 -18.06
N LYS A 286 -48.00 -12.88 -16.86
CA LYS A 286 -48.31 -11.87 -15.86
C LYS A 286 -47.90 -10.47 -16.34
N ARG A 287 -46.69 -10.36 -16.88
CA ARG A 287 -46.23 -9.07 -17.40
C ARG A 287 -47.12 -8.60 -18.54
N VAL A 288 -47.43 -9.50 -19.47
CA VAL A 288 -48.23 -9.13 -20.63
C VAL A 288 -49.64 -8.73 -20.21
N LEU A 289 -50.23 -9.46 -19.26
CA LEU A 289 -51.56 -9.11 -18.77
C LEU A 289 -51.55 -7.77 -18.05
N SER A 290 -50.50 -7.49 -17.27
CA SER A 290 -50.40 -6.19 -16.62
C SER A 290 -50.34 -5.06 -17.64
N ASP A 291 -49.54 -5.25 -18.69
CA ASP A 291 -49.46 -4.22 -19.74
C ASP A 291 -50.81 -4.06 -20.44
N ALA A 292 -51.48 -5.17 -20.73
CA ALA A 292 -52.77 -5.10 -21.41
C ALA A 292 -53.80 -4.38 -20.55
N LEU A 293 -53.81 -4.65 -19.24
CA LEU A 293 -54.71 -3.95 -18.35
C LEU A 293 -54.36 -2.47 -18.24
N ASP A 294 -53.08 -2.12 -18.31
CA ASP A 294 -52.69 -0.72 -18.35
C ASP A 294 -53.24 -0.04 -19.60
N ARG A 295 -53.13 -0.70 -20.76
CA ARG A 295 -53.69 -0.18 -22.00
C ARG A 295 -55.19 -0.48 -22.13
N GLU A 296 -55.77 -1.26 -21.21
CA GLU A 296 -57.18 -1.62 -21.25
C GLU A 296 -57.55 -2.33 -22.54
N ALA A 297 -56.59 -2.98 -23.19
CA ALA A 297 -56.83 -3.66 -24.44
C ALA A 297 -57.47 -5.01 -24.21
N THR A 298 -58.54 -5.31 -24.93
CA THR A 298 -59.26 -6.55 -24.67
C THR A 298 -58.54 -7.78 -25.19
N THR A 299 -57.25 -7.65 -25.47
CA THR A 299 -56.53 -8.76 -26.06
C THR A 299 -55.03 -8.66 -25.89
N ILE A 300 -54.33 -9.75 -26.16
CA ILE A 300 -52.88 -9.76 -26.09
C ILE A 300 -52.31 -9.86 -27.49
N THR A 301 -51.75 -8.76 -27.98
CA THR A 301 -51.18 -8.77 -29.32
C THR A 301 -49.80 -9.39 -29.28
N LEU A 302 -49.38 -9.99 -30.38
CA LEU A 302 -48.08 -10.64 -30.42
C LEU A 302 -47.00 -9.70 -29.93
N LYS A 303 -46.88 -8.54 -30.57
CA LYS A 303 -45.81 -7.62 -30.19
C LYS A 303 -45.77 -7.39 -28.68
N ASP A 304 -46.93 -7.52 -28.01
CA ASP A 304 -46.95 -7.37 -26.55
C ASP A 304 -46.10 -8.45 -25.88
N LEU A 305 -46.15 -9.67 -26.41
CA LEU A 305 -45.29 -10.73 -25.89
C LEU A 305 -43.82 -10.40 -26.08
N GLN A 306 -43.47 -9.81 -27.23
CA GLN A 306 -42.07 -9.44 -27.47
C GLN A 306 -41.63 -8.31 -26.55
N LYS A 307 -42.57 -7.52 -26.04
CA LYS A 307 -42.21 -6.41 -25.17
C LYS A 307 -41.66 -6.92 -23.83
N ARG A 308 -42.31 -7.93 -23.25
CA ARG A 308 -41.92 -8.47 -21.96
C ARG A 308 -41.30 -9.86 -22.06
N ALA A 309 -40.80 -10.23 -23.24
CA ALA A 309 -40.09 -11.49 -23.39
C ALA A 309 -38.69 -11.38 -22.78
N LEU A 310 -37.91 -12.44 -22.96
CA LEU A 310 -36.54 -12.47 -22.47
C LEU A 310 -35.58 -12.40 -23.66
N SER A 311 -34.44 -11.75 -23.42
CA SER A 311 -33.44 -11.62 -24.46
C SER A 311 -32.92 -12.98 -24.89
N VAL A 312 -32.63 -13.13 -26.18
CA VAL A 312 -32.11 -14.39 -26.68
C VAL A 312 -30.80 -14.76 -26.00
N ALA A 313 -30.04 -13.75 -25.60
CA ALA A 313 -28.83 -14.01 -24.81
C ALA A 313 -29.17 -14.65 -23.49
N GLN A 314 -30.22 -14.17 -22.82
CA GLN A 314 -30.67 -14.81 -21.59
C GLN A 314 -31.15 -16.23 -21.85
N CYS A 315 -31.98 -16.42 -22.88
CA CYS A 315 -32.54 -17.73 -23.17
C CYS A 315 -31.44 -18.71 -23.58
N GLN A 316 -30.45 -18.24 -24.34
CA GLN A 316 -29.33 -19.10 -24.72
C GLN A 316 -28.55 -19.55 -23.49
N LYS A 317 -28.36 -18.66 -22.52
CA LYS A 317 -27.67 -19.05 -21.29
C LYS A 317 -28.51 -20.03 -20.48
N MET A 318 -29.84 -19.86 -20.52
CA MET A 318 -30.73 -20.84 -19.90
C MET A 318 -30.48 -22.23 -20.44
N PHE A 319 -30.66 -22.40 -21.75
CA PHE A 319 -30.57 -23.73 -22.35
C PHE A 319 -29.15 -24.27 -22.30
N LYS A 320 -28.15 -23.39 -22.23
CA LYS A 320 -26.76 -23.85 -22.15
C LYS A 320 -26.52 -24.64 -20.86
N GLU A 321 -27.08 -24.17 -19.75
CA GLU A 321 -26.91 -24.87 -18.48
C GLU A 321 -27.92 -25.99 -18.31
N ILE A 322 -29.07 -25.89 -19.00
CA ILE A 322 -30.09 -26.93 -18.89
C ILE A 322 -29.62 -28.22 -19.58
N GLN A 323 -29.10 -28.11 -20.80
CA GLN A 323 -28.65 -29.29 -21.51
C GLN A 323 -27.41 -29.89 -20.86
N GLU A 324 -26.56 -29.05 -20.29
CA GLU A 324 -25.35 -29.54 -19.63
C GLU A 324 -25.69 -30.41 -18.43
N GLY A 325 -26.70 -30.01 -17.65
CA GLY A 325 -27.08 -30.80 -16.49
C GLY A 325 -27.91 -32.01 -16.84
N GLU A 326 -28.68 -31.95 -17.93
CA GLU A 326 -29.55 -33.07 -18.28
C GLU A 326 -28.76 -34.31 -18.65
N ARG A 327 -27.66 -34.17 -19.38
CA ARG A 327 -26.84 -35.33 -19.71
C ARG A 327 -26.23 -35.95 -18.48
N GLN A 328 -25.89 -35.14 -17.48
CA GLN A 328 -25.43 -35.68 -16.21
C GLN A 328 -26.54 -36.45 -15.52
N LEU A 329 -27.78 -35.98 -15.63
CA LEU A 329 -28.93 -36.60 -14.98
C LEU A 329 -29.65 -37.58 -15.90
N SER A 330 -28.96 -38.15 -16.87
CA SER A 330 -29.55 -39.09 -17.82
C SER A 330 -29.10 -40.50 -17.48
N GLU A 331 -30.06 -41.41 -17.33
CA GLU A 331 -29.80 -42.81 -17.03
C GLU A 331 -30.26 -43.65 -18.21
N THR A 332 -29.35 -44.44 -18.77
CA THR A 332 -29.61 -45.28 -19.93
C THR A 332 -29.38 -46.74 -19.57
N GLU A 333 -29.88 -47.63 -20.44
CA GLU A 333 -29.66 -49.06 -20.25
C GLU A 333 -28.18 -49.41 -20.40
N ALA A 334 -27.42 -48.59 -21.12
CA ALA A 334 -25.98 -48.82 -21.23
C ALA A 334 -25.31 -48.70 -19.88
N ASP A 335 -25.74 -47.72 -19.06
CA ASP A 335 -25.19 -47.57 -17.72
C ASP A 335 -25.61 -48.72 -16.80
N VAL A 336 -26.60 -49.51 -17.21
CA VAL A 336 -27.02 -50.65 -16.38
C VAL A 336 -26.10 -51.85 -16.61
N GLN A 337 -25.73 -52.10 -17.87
CA GLN A 337 -25.00 -53.31 -18.21
C GLN A 337 -23.63 -53.35 -17.52
N ASN A 338 -22.87 -52.25 -17.59
CA ASN A 338 -21.57 -52.23 -16.95
C ASN A 338 -21.69 -52.37 -15.44
N LEU A 339 -22.72 -51.75 -14.86
CA LEU A 339 -22.98 -51.92 -13.43
C LEU A 339 -23.25 -53.39 -13.12
N ARG A 340 -24.05 -54.05 -13.95
CA ARG A 340 -24.22 -55.50 -13.83
C ARG A 340 -22.91 -56.23 -14.11
N SER A 341 -22.16 -55.75 -15.10
CA SER A 341 -20.89 -56.40 -15.44
C SER A 341 -19.85 -56.19 -14.34
N ALA A 342 -19.75 -54.97 -13.82
CA ALA A 342 -18.76 -54.68 -12.79
C ALA A 342 -19.01 -55.49 -11.53
N LEU A 343 -20.28 -55.62 -11.13
CA LEU A 343 -20.63 -56.44 -9.98
C LEU A 343 -20.44 -57.93 -10.24
N GLY A 344 -20.24 -58.34 -11.49
CA GLY A 344 -20.24 -59.74 -11.84
C GLY A 344 -21.61 -60.34 -12.00
N LEU A 345 -22.67 -59.52 -11.84
CA LEU A 345 -24.05 -60.00 -11.95
C LEU A 345 -24.45 -60.33 -13.39
N GLY A 346 -23.68 -59.86 -14.37
CA GLY A 346 -24.01 -60.14 -15.75
C GLY A 346 -24.08 -61.63 -16.03
N SER B 4 -44.78 30.44 -26.20
CA SER B 4 -43.57 30.27 -26.97
C SER B 4 -42.90 28.94 -26.66
N THR B 5 -42.24 28.36 -27.66
CA THR B 5 -41.52 27.11 -27.49
C THR B 5 -40.11 27.32 -26.92
N GLY B 6 -39.69 28.56 -26.75
CA GLY B 6 -38.38 28.86 -26.23
C GLY B 6 -38.40 29.30 -24.77
N PHE B 7 -37.23 29.75 -24.31
CA PHE B 7 -37.08 30.15 -22.93
C PHE B 7 -37.88 31.43 -22.65
N PRO B 8 -38.24 31.68 -21.39
CA PRO B 8 -38.93 32.93 -21.06
C PRO B 8 -38.04 34.13 -21.36
N LEU B 9 -38.56 35.05 -22.18
CA LEU B 9 -37.83 36.24 -22.56
C LEU B 9 -37.64 37.23 -21.41
N GLU B 10 -38.33 37.01 -20.29
CA GLU B 10 -38.14 37.85 -19.11
C GLU B 10 -36.77 37.62 -18.46
N LEU B 11 -36.11 36.49 -18.76
CA LEU B 11 -34.87 36.15 -18.09
C LEU B 11 -33.75 37.13 -18.41
N LEU B 12 -33.83 37.84 -19.54
CA LEU B 12 -32.78 38.78 -19.90
C LEU B 12 -32.63 39.89 -18.88
N THR B 13 -33.71 40.27 -18.21
CA THR B 13 -33.62 41.27 -17.15
C THR B 13 -33.01 40.69 -15.88
N ARG B 14 -33.13 39.38 -15.69
CA ARG B 14 -32.61 38.74 -14.50
C ARG B 14 -31.09 38.66 -14.54
N PRO B 15 -30.44 38.60 -13.37
CA PRO B 15 -28.97 38.48 -13.34
C PRO B 15 -28.46 37.13 -13.81
N ALA B 16 -27.14 36.93 -13.75
CA ALA B 16 -26.53 35.73 -14.28
C ALA B 16 -26.95 34.48 -13.52
N THR B 17 -27.04 34.56 -12.18
CA THR B 17 -27.32 33.38 -11.38
C THR B 17 -28.69 32.79 -11.70
N GLU B 18 -29.71 33.64 -11.87
CA GLU B 18 -31.04 33.15 -12.18
C GLU B 18 -31.07 32.42 -13.52
N ARG B 19 -30.42 32.98 -14.53
CA ARG B 19 -30.40 32.33 -15.84
C ARG B 19 -29.64 31.01 -15.78
N LEU B 20 -28.52 30.98 -15.07
CA LEU B 20 -27.76 29.73 -14.93
C LEU B 20 -28.60 28.67 -14.23
N ALA B 21 -29.30 29.06 -13.15
CA ALA B 21 -30.14 28.10 -12.44
C ALA B 21 -31.28 27.60 -13.31
N TYR B 22 -31.90 28.50 -14.08
CA TYR B 22 -32.98 28.08 -14.97
C TYR B 22 -32.48 27.08 -16.01
N PHE B 23 -31.32 27.36 -16.60
CA PHE B 23 -30.80 26.42 -17.60
C PHE B 23 -30.41 25.08 -16.97
N GLU B 24 -29.86 25.12 -15.76
CA GLU B 24 -29.47 23.88 -15.09
C GLU B 24 -30.68 23.03 -14.76
N ASN B 25 -31.76 23.66 -14.28
CA ASN B 25 -32.93 22.93 -13.84
C ASN B 25 -33.80 22.41 -14.99
N TYR B 26 -33.52 22.83 -16.22
CA TYR B 26 -34.33 22.38 -17.36
C TYR B 26 -34.05 20.90 -17.64
N THR B 27 -35.12 20.12 -17.76
CA THR B 27 -35.05 18.73 -18.21
C THR B 27 -35.76 18.61 -19.55
N VAL B 28 -35.03 18.16 -20.57
CA VAL B 28 -35.57 18.00 -21.91
C VAL B 28 -36.06 16.57 -22.07
N ALA B 29 -37.09 16.39 -22.90
CA ALA B 29 -37.65 15.07 -23.18
C ALA B 29 -37.29 14.66 -24.60
N HIS B 30 -36.67 13.50 -24.73
CA HIS B 30 -36.24 12.97 -26.03
C HIS B 30 -36.68 11.52 -26.13
N PRO B 31 -36.87 11.02 -27.36
CA PRO B 31 -37.51 9.70 -27.53
C PRO B 31 -36.81 8.56 -26.80
N ARG B 32 -35.48 8.54 -26.77
CA ARG B 32 -34.79 7.44 -26.10
C ARG B 32 -35.04 7.47 -24.60
N LEU B 33 -34.94 8.64 -23.98
CA LEU B 33 -35.24 8.76 -22.56
C LEU B 33 -36.70 8.40 -22.30
N LYS B 34 -37.61 8.83 -23.17
CA LYS B 34 -39.03 8.54 -22.98
C LYS B 34 -39.28 7.04 -23.01
N GLU B 35 -38.74 6.34 -24.01
CA GLU B 35 -38.99 4.91 -24.13
C GLU B 35 -38.35 4.13 -22.98
N VAL B 36 -37.12 4.52 -22.59
CA VAL B 36 -36.45 3.84 -21.49
C VAL B 36 -37.24 4.06 -20.20
N TYR B 37 -37.71 5.29 -19.97
CA TYR B 37 -38.50 5.59 -18.78
C TYR B 37 -39.80 4.80 -18.76
N GLU B 38 -40.47 4.68 -19.91
CA GLU B 38 -41.70 3.91 -19.96
C GLU B 38 -41.45 2.44 -19.68
N ILE B 39 -40.38 1.87 -20.24
CA ILE B 39 -40.06 0.46 -19.99
C ILE B 39 -39.74 0.26 -18.52
N LEU B 40 -39.00 1.19 -17.91
CA LEU B 40 -38.65 1.05 -16.51
C LEU B 40 -39.88 1.17 -15.62
N MET B 41 -40.79 2.10 -15.95
CA MET B 41 -42.06 2.18 -15.22
C MET B 41 -42.84 0.88 -15.33
N ARG B 42 -42.88 0.29 -16.52
CA ARG B 42 -43.65 -0.94 -16.69
C ARG B 42 -43.04 -2.09 -15.91
N THR B 43 -41.71 -2.19 -15.90
CA THR B 43 -41.07 -3.31 -15.21
C THR B 43 -41.08 -3.10 -13.69
N ILE B 44 -41.19 -1.85 -13.24
CA ILE B 44 -41.30 -1.63 -11.80
C ILE B 44 -42.73 -1.74 -11.31
N ALA B 45 -43.72 -1.51 -12.18
CA ALA B 45 -45.11 -1.65 -11.77
C ALA B 45 -45.40 -3.09 -11.34
N GLU B 46 -44.91 -4.07 -12.10
CA GLU B 46 -44.99 -5.46 -11.68
C GLU B 46 -43.69 -6.17 -12.01
N PRO B 47 -43.00 -6.72 -11.01
CA PRO B 47 -41.76 -7.46 -11.30
C PRO B 47 -42.02 -8.82 -11.92
N ALA B 48 -43.05 -9.53 -11.46
CA ALA B 48 -43.40 -10.86 -11.97
C ALA B 48 -42.23 -11.83 -11.86
N GLY B 49 -41.83 -12.08 -10.61
CA GLY B 49 -40.73 -13.01 -10.35
C GLY B 49 -39.39 -12.53 -10.84
N ALA B 50 -39.13 -11.22 -10.76
CA ALA B 50 -37.84 -10.64 -11.14
C ALA B 50 -37.31 -9.83 -9.97
N SER B 51 -36.00 -9.95 -9.72
CA SER B 51 -35.38 -9.25 -8.62
C SER B 51 -34.35 -8.20 -9.04
N PHE B 52 -33.98 -8.17 -10.32
CA PHE B 52 -32.98 -7.23 -10.81
C PHE B 52 -33.47 -6.52 -12.05
N ILE B 53 -33.18 -5.23 -12.13
CA ILE B 53 -33.33 -4.45 -13.36
C ILE B 53 -31.96 -3.87 -13.68
N PHE B 54 -31.35 -4.34 -14.77
CA PHE B 54 -30.04 -3.88 -15.20
C PHE B 54 -30.25 -2.79 -16.23
N VAL B 55 -29.84 -1.57 -15.89
CA VAL B 55 -29.97 -0.41 -16.77
C VAL B 55 -28.57 -0.03 -17.25
N TYR B 56 -28.17 -0.57 -18.39
CA TYR B 56 -26.92 -0.20 -19.04
C TYR B 56 -27.08 1.15 -19.71
N GLY B 57 -26.12 2.04 -19.52
CA GLY B 57 -26.12 3.34 -20.16
C GLY B 57 -24.72 3.94 -20.17
N ALA B 58 -24.34 4.55 -21.30
CA ALA B 58 -23.01 5.13 -21.43
C ALA B 58 -22.79 6.35 -20.55
N SER B 59 -21.57 6.88 -20.55
CA SER B 59 -21.25 8.04 -19.72
C SER B 59 -21.80 9.33 -20.28
N GLY B 60 -23.05 9.64 -19.96
CA GLY B 60 -23.66 10.88 -20.41
C GLY B 60 -25.05 10.61 -20.94
N VAL B 61 -25.63 9.49 -20.53
CA VAL B 61 -26.94 9.12 -21.06
C VAL B 61 -28.12 9.54 -20.20
N GLY B 62 -27.90 9.98 -18.97
CA GLY B 62 -29.07 10.32 -18.19
C GLY B 62 -29.53 9.28 -17.20
N LYS B 63 -28.64 8.41 -16.72
CA LYS B 63 -29.04 7.37 -15.78
C LYS B 63 -29.49 7.98 -14.45
N THR B 64 -28.67 8.88 -13.90
CA THR B 64 -28.99 9.44 -12.59
C THR B 64 -30.22 10.33 -12.64
N THR B 65 -30.37 11.12 -13.70
CA THR B 65 -31.56 11.97 -13.80
C THR B 65 -32.81 11.13 -14.05
N LEU B 66 -32.66 10.02 -14.79
CA LEU B 66 -33.78 9.10 -14.94
C LEU B 66 -34.16 8.49 -13.59
N ARG B 67 -33.16 8.13 -12.78
CA ARG B 67 -33.45 7.61 -11.45
C ARG B 67 -34.17 8.64 -10.60
N LEU B 68 -33.73 9.90 -10.66
CA LEU B 68 -34.40 10.96 -9.90
C LEU B 68 -35.83 11.16 -10.37
N ARG B 69 -36.05 11.14 -11.69
CA ARG B 69 -37.39 11.32 -12.24
C ARG B 69 -38.32 10.20 -11.82
N VAL B 70 -37.85 8.96 -11.92
CA VAL B 70 -38.68 7.83 -11.53
C VAL B 70 -38.90 7.81 -10.02
N GLU B 71 -37.91 8.26 -9.24
CA GLU B 71 -38.10 8.38 -7.80
C GLU B 71 -39.20 9.39 -7.48
N GLN B 72 -39.18 10.54 -8.15
CA GLN B 72 -40.21 11.55 -7.94
C GLN B 72 -41.58 11.03 -8.34
N LYS B 73 -41.65 10.35 -9.49
CA LYS B 73 -42.95 9.83 -9.95
C LYS B 73 -43.48 8.76 -9.03
N LEU B 74 -42.60 7.87 -8.54
CA LEU B 74 -43.03 6.84 -7.60
C LEU B 74 -43.52 7.46 -6.30
N THR B 75 -42.82 8.47 -5.79
CA THR B 75 -43.28 9.15 -4.58
C THR B 75 -44.63 9.82 -4.81
N GLU B 76 -44.81 10.48 -5.96
CA GLU B 76 -46.08 11.12 -6.24
C GLU B 76 -47.21 10.11 -6.33
N LEU B 77 -46.96 8.98 -6.99
CA LEU B 77 -48.00 7.95 -7.13
C LEU B 77 -48.31 7.31 -5.79
N ALA B 78 -47.31 7.18 -4.90
CA ALA B 78 -47.53 6.60 -3.59
C ALA B 78 -48.12 7.60 -2.60
N LEU B 79 -48.07 8.89 -2.90
CA LEU B 79 -48.53 9.92 -1.97
C LEU B 79 -49.96 9.76 -1.48
N PRO B 80 -50.97 9.57 -2.33
CA PRO B 80 -52.35 9.60 -1.77
C PRO B 80 -52.68 8.39 -0.92
N LYS B 81 -52.10 7.22 -1.21
CA LYS B 81 -52.25 6.08 -0.31
C LYS B 81 -51.31 6.18 0.89
N LEU B 82 -50.21 6.94 0.76
CA LEU B 82 -49.34 7.15 1.91
C LEU B 82 -50.05 7.93 3.01
N GLU B 83 -50.96 8.82 2.65
CA GLU B 83 -51.77 9.50 3.65
C GLU B 83 -52.65 8.50 4.41
N SER B 84 -53.01 7.40 3.76
CA SER B 84 -53.83 6.35 4.37
C SER B 84 -53.01 5.21 4.94
N ASP B 85 -51.90 4.84 4.29
CA ASP B 85 -51.08 3.71 4.69
C ASP B 85 -49.72 4.20 5.16
N ARG B 86 -49.29 3.73 6.33
CA ARG B 86 -47.98 4.04 6.89
C ARG B 86 -47.11 2.78 6.90
N ALA B 87 -45.93 2.91 7.50
CA ALA B 87 -44.94 1.83 7.54
C ALA B 87 -44.56 1.37 6.14
N ARG B 88 -44.48 2.33 5.21
CA ARG B 88 -44.19 2.00 3.82
C ARG B 88 -43.48 3.19 3.19
N VAL B 89 -42.32 2.92 2.57
CA VAL B 89 -41.61 3.94 1.80
C VAL B 89 -41.81 3.63 0.33
N PRO B 90 -41.97 4.63 -0.53
CA PRO B 90 -42.19 4.37 -1.95
C PRO B 90 -40.98 3.75 -2.63
N VAL B 91 -39.81 4.34 -2.41
CA VAL B 91 -38.60 3.97 -3.12
C VAL B 91 -37.39 4.38 -2.29
N VAL B 92 -36.37 3.53 -2.27
CA VAL B 92 -35.11 3.81 -1.59
C VAL B 92 -34.02 3.88 -2.66
N GLY B 93 -33.28 4.98 -2.67
CA GLY B 93 -32.25 5.21 -3.68
C GLY B 93 -30.88 5.32 -3.05
N ILE B 94 -29.97 4.44 -3.49
CA ILE B 94 -28.61 4.39 -2.97
C ILE B 94 -27.65 4.29 -4.15
N GLU B 95 -26.39 4.61 -3.90
CA GLU B 95 -25.33 4.47 -4.88
C GLU B 95 -24.22 3.59 -4.33
N ALA B 96 -23.70 2.70 -5.17
CA ALA B 96 -22.64 1.79 -4.74
C ALA B 96 -21.35 2.57 -4.51
N ILE B 97 -20.55 2.08 -3.57
CA ILE B 97 -19.33 2.76 -3.16
C ILE B 97 -18.13 1.99 -3.68
N ALA B 98 -17.24 2.67 -4.37
CA ALA B 98 -15.99 2.06 -4.80
C ALA B 98 -15.09 1.85 -3.58
N PRO B 99 -14.69 0.62 -3.27
CA PRO B 99 -13.94 0.39 -2.04
C PRO B 99 -12.49 0.82 -2.17
N GLU B 100 -11.91 1.22 -1.04
CA GLU B 100 -10.49 1.55 -1.01
C GLU B 100 -9.62 0.30 -1.23
N SER B 101 -10.05 -0.83 -0.68
CA SER B 101 -9.29 -2.07 -0.79
C SER B 101 -9.59 -2.73 -2.14
N ARG B 102 -9.11 -3.96 -2.32
CA ARG B 102 -9.29 -4.66 -3.59
C ARG B 102 -10.72 -5.17 -3.77
N TYR B 103 -11.37 -5.59 -2.69
CA TYR B 103 -12.69 -6.20 -2.76
C TYR B 103 -13.77 -5.23 -2.30
N PHE B 104 -14.98 -5.43 -2.81
CA PHE B 104 -16.11 -4.64 -2.37
C PHE B 104 -16.45 -4.96 -0.92
N ASN B 105 -16.75 -3.92 -0.16
CA ASN B 105 -17.02 -4.07 1.27
C ASN B 105 -18.53 -4.12 1.46
N TRP B 106 -19.03 -5.30 1.82
CA TRP B 106 -20.47 -5.48 1.99
C TRP B 106 -20.97 -4.90 3.30
N LYS B 107 -20.12 -4.82 4.33
CA LYS B 107 -20.55 -4.26 5.60
C LYS B 107 -20.93 -2.79 5.47
N GLU B 108 -20.10 -2.02 4.77
CA GLU B 108 -20.42 -0.61 4.54
C GLU B 108 -21.66 -0.46 3.68
N TYR B 109 -21.81 -1.33 2.66
CA TYR B 109 -23.02 -1.29 1.85
C TYR B 109 -24.26 -1.51 2.69
N TYR B 110 -24.23 -2.53 3.57
CA TYR B 110 -25.39 -2.83 4.39
C TYR B 110 -25.69 -1.69 5.37
N THR B 111 -24.66 -1.17 6.03
CA THR B 111 -24.92 -0.12 7.01
C THR B 111 -25.41 1.16 6.35
N ARG B 112 -24.87 1.50 5.17
CA ARG B 112 -25.33 2.71 4.50
C ARG B 112 -26.70 2.51 3.88
N ALA B 113 -27.03 1.29 3.45
CA ALA B 113 -28.39 1.01 3.00
C ALA B 113 -29.38 1.19 4.14
N LEU B 114 -29.02 0.71 5.33
CA LEU B 114 -29.88 0.92 6.49
C LEU B 114 -29.99 2.41 6.82
N ILE B 115 -28.88 3.14 6.69
CA ILE B 115 -28.90 4.58 6.98
C ILE B 115 -29.85 5.31 6.03
N THR B 116 -29.70 5.06 4.72
CA THR B 116 -30.49 5.79 3.74
C THR B 116 -31.96 5.39 3.79
N LEU B 117 -32.24 4.10 3.93
CA LEU B 117 -33.62 3.66 4.01
C LEU B 117 -34.31 4.19 5.26
N GLU B 118 -33.59 4.26 6.38
CA GLU B 118 -34.17 4.63 7.66
C GLU B 118 -33.96 6.13 7.90
N GLU B 119 -34.73 6.94 7.18
CA GLU B 119 -34.88 8.36 7.49
C GLU B 119 -36.34 8.81 7.41
N PRO B 120 -37.25 8.13 8.14
CA PRO B 120 -38.64 8.61 8.20
C PRO B 120 -38.84 9.53 9.39
N LEU B 121 -40.09 9.95 9.63
CA LEU B 121 -40.38 10.72 10.84
C LEU B 121 -40.18 9.86 12.08
N ILE B 122 -39.86 10.51 13.21
CA ILE B 122 -39.43 9.82 14.41
C ILE B 122 -40.49 8.88 14.97
N ASP B 123 -41.76 9.06 14.57
CA ASP B 123 -42.83 8.20 15.09
C ASP B 123 -42.63 6.73 14.72
N HIS B 124 -41.93 6.45 13.62
CA HIS B 124 -41.78 5.09 13.11
C HIS B 124 -40.73 4.35 13.92
N LYS B 125 -41.17 3.42 14.75
CA LYS B 125 -40.28 2.58 15.56
C LYS B 125 -40.54 1.12 15.20
N PHE B 126 -39.47 0.37 14.94
CA PHE B 126 -39.59 -1.05 14.62
C PHE B 126 -38.86 -1.97 15.59
N ASP B 127 -37.77 -1.50 16.22
CA ASP B 127 -36.90 -2.34 17.06
C ASP B 127 -36.31 -3.49 16.25
N TYR B 128 -35.45 -3.09 15.32
CA TYR B 128 -34.76 -4.03 14.44
C TYR B 128 -33.97 -5.05 15.24
N GLY B 129 -33.67 -6.17 14.59
CA GLY B 129 -32.84 -7.19 15.22
C GLY B 129 -31.43 -6.70 15.46
N VAL B 130 -30.70 -7.49 16.26
CA VAL B 130 -29.33 -7.20 16.69
C VAL B 130 -29.30 -5.98 17.60
N ARG B 131 -28.47 -6.03 18.63
CA ARG B 131 -28.42 -4.96 19.62
C ARG B 131 -27.54 -3.79 19.21
N GLY B 132 -26.78 -3.94 18.12
CA GLY B 132 -25.88 -2.89 17.68
C GLY B 132 -26.49 -1.79 16.84
N ILE B 133 -27.80 -1.84 16.59
CA ILE B 133 -28.48 -0.87 15.74
C ILE B 133 -29.62 -0.26 16.52
N SER B 134 -29.72 1.06 16.49
CA SER B 134 -30.74 1.79 17.23
C SER B 134 -30.87 3.19 16.63
N ARG B 135 -31.73 4.00 17.23
CA ARG B 135 -31.84 5.40 16.87
C ARG B 135 -30.91 6.22 17.77
N ASP B 136 -31.05 7.54 17.71
CA ASP B 136 -30.26 8.43 18.58
C ASP B 136 -31.12 9.64 18.90
N ASN B 137 -30.51 10.64 19.53
CA ASN B 137 -31.24 11.86 19.87
C ASN B 137 -31.52 12.74 18.65
N PHE B 138 -30.75 12.61 17.58
CA PHE B 138 -31.01 13.34 16.34
C PHE B 138 -31.88 12.57 15.37
N GLY B 139 -32.29 11.34 15.73
CA GLY B 139 -33.14 10.54 14.89
C GLY B 139 -32.43 9.72 13.84
N LYS B 140 -31.10 9.81 13.75
CA LYS B 140 -30.36 9.03 12.77
C LYS B 140 -29.94 7.69 13.35
N ILE B 141 -29.93 6.66 12.50
CA ILE B 141 -29.52 5.33 12.93
C ILE B 141 -28.03 5.34 13.26
N ASN B 142 -27.67 4.82 14.42
CA ASN B 142 -26.28 4.65 14.79
C ASN B 142 -25.91 3.16 14.71
N VAL B 143 -24.82 2.87 14.03
CA VAL B 143 -24.36 1.50 13.83
C VAL B 143 -22.96 1.40 14.41
N GLU B 144 -22.78 0.53 15.40
CA GLU B 144 -21.48 0.35 16.02
C GLU B 144 -20.53 -0.36 15.06
N SER B 145 -19.25 -0.34 15.41
CA SER B 145 -18.24 -1.04 14.62
C SER B 145 -18.12 -2.52 15.00
N LYS B 146 -18.81 -2.96 16.04
CA LYS B 146 -18.69 -4.34 16.53
C LYS B 146 -19.71 -5.27 15.88
N VAL B 147 -20.66 -4.76 15.10
CA VAL B 147 -21.68 -5.60 14.51
C VAL B 147 -21.12 -6.28 13.27
N VAL B 148 -21.25 -7.60 13.19
CA VAL B 148 -20.73 -8.36 12.06
C VAL B 148 -21.69 -8.22 10.88
N ALA B 149 -21.17 -8.51 9.68
CA ALA B 149 -21.93 -8.32 8.44
C ALA B 149 -23.24 -9.12 8.39
N PRO B 150 -23.27 -10.40 8.75
CA PRO B 150 -24.57 -11.12 8.73
C PRO B 150 -25.63 -10.49 9.61
N ALA B 151 -25.25 -9.95 10.77
CA ALA B 151 -26.22 -9.27 11.62
C ALA B 151 -26.80 -8.03 10.93
N LEU B 152 -25.94 -7.24 10.28
CA LEU B 152 -26.42 -6.09 9.52
C LEU B 152 -27.34 -6.54 8.38
N ARG B 153 -26.99 -7.66 7.73
CA ARG B 153 -27.85 -8.19 6.68
C ARG B 153 -29.21 -8.59 7.21
N ARG B 154 -29.26 -9.24 8.37
CA ARG B 154 -30.55 -9.62 8.96
C ARG B 154 -31.37 -8.39 9.31
N ALA B 155 -30.74 -7.38 9.90
CA ALA B 155 -31.46 -6.15 10.22
C ALA B 155 -31.98 -5.46 8.98
N LEU B 156 -31.17 -5.42 7.92
CA LEU B 156 -31.61 -4.82 6.67
C LEU B 156 -32.77 -5.60 6.06
N GLU B 157 -32.72 -6.93 6.15
CA GLU B 157 -33.82 -7.74 5.65
C GLU B 157 -35.11 -7.45 6.42
N ASN B 158 -35.01 -7.33 7.75
CA ASN B 158 -36.20 -7.01 8.54
C ASN B 158 -36.75 -5.64 8.17
N ALA B 159 -35.87 -4.65 7.99
CA ALA B 159 -36.31 -3.32 7.61
C ALA B 159 -36.99 -3.34 6.24
N LEU B 160 -36.41 -4.08 5.29
CA LEU B 160 -36.99 -4.16 3.95
C LEU B 160 -38.36 -4.84 3.98
N ILE B 161 -38.48 -5.95 4.71
CA ILE B 161 -39.77 -6.65 4.73
C ILE B 161 -40.82 -5.83 5.47
N HIS B 162 -40.40 -4.96 6.39
CA HIS B 162 -41.38 -4.09 7.06
C HIS B 162 -41.80 -2.93 6.16
N ARG B 163 -40.84 -2.11 5.74
CA ARG B 163 -41.16 -0.94 4.93
C ARG B 163 -41.72 -1.33 3.57
N HIS B 164 -41.15 -2.37 2.95
CA HIS B 164 -41.57 -2.87 1.65
C HIS B 164 -41.53 -1.78 0.58
N PRO B 165 -40.37 -1.24 0.25
CA PRO B 165 -40.30 -0.28 -0.86
C PRO B 165 -40.60 -0.94 -2.18
N ASP B 166 -41.15 -0.16 -3.11
CA ASP B 166 -41.48 -0.69 -4.44
C ASP B 166 -40.23 -1.14 -5.17
N VAL B 167 -39.17 -0.34 -5.11
CA VAL B 167 -37.91 -0.68 -5.78
C VAL B 167 -36.76 -0.24 -4.88
N PHE B 168 -35.60 -0.82 -5.12
CA PHE B 168 -34.40 -0.57 -4.32
C PHE B 168 -33.28 -0.16 -5.28
N PHE B 169 -33.00 1.14 -5.34
CA PHE B 169 -32.08 1.69 -6.33
C PHE B 169 -30.65 1.60 -5.82
N VAL B 170 -29.77 1.01 -6.62
CA VAL B 170 -28.34 0.94 -6.33
C VAL B 170 -27.64 1.62 -7.49
N ASP B 171 -27.38 2.91 -7.34
CA ASP B 171 -26.71 3.68 -8.38
C ASP B 171 -25.22 3.32 -8.44
N GLU B 172 -24.62 3.61 -9.60
CA GLU B 172 -23.20 3.33 -9.83
C GLU B 172 -22.87 1.88 -9.50
N ALA B 173 -23.69 0.96 -10.02
CA ALA B 173 -23.52 -0.46 -9.73
C ALA B 173 -22.25 -1.04 -10.32
N GLN B 174 -21.48 -0.26 -11.08
CA GLN B 174 -20.21 -0.75 -11.61
C GLN B 174 -19.23 -1.11 -10.49
N HIS B 175 -19.42 -0.55 -9.30
CA HIS B 175 -18.49 -0.78 -8.20
C HIS B 175 -18.64 -2.16 -7.59
N PHE B 176 -19.69 -2.89 -7.96
CA PHE B 176 -19.85 -4.26 -7.47
C PHE B 176 -18.82 -5.22 -8.04
N GLY B 177 -18.16 -4.86 -9.15
CA GLY B 177 -17.21 -5.74 -9.80
C GLY B 177 -15.81 -5.71 -9.25
N LYS B 178 -15.55 -4.93 -8.21
CA LYS B 178 -14.21 -4.84 -7.62
C LYS B 178 -14.05 -5.99 -6.63
N VAL B 179 -13.44 -7.08 -7.10
CA VAL B 179 -13.21 -8.27 -6.29
C VAL B 179 -11.82 -8.81 -6.60
N ALA B 180 -11.43 -9.83 -5.85
CA ALA B 180 -10.13 -10.48 -6.03
C ALA B 180 -10.20 -11.75 -6.86
N SER B 181 -11.11 -12.67 -6.52
CA SER B 181 -11.27 -13.91 -7.26
C SER B 181 -12.08 -13.67 -8.52
N GLY B 182 -11.66 -14.33 -9.60
CA GLY B 182 -12.35 -14.16 -10.88
C GLY B 182 -13.78 -14.63 -10.85
N TYR B 183 -14.03 -15.77 -10.19
CA TYR B 183 -15.37 -16.32 -10.09
C TYR B 183 -16.23 -15.61 -9.06
N LYS B 184 -15.64 -14.71 -8.27
CA LYS B 184 -16.37 -14.09 -7.17
C LYS B 184 -17.48 -13.17 -7.66
N LEU B 185 -17.50 -12.84 -8.95
CA LEU B 185 -18.59 -12.05 -9.51
C LEU B 185 -19.93 -12.75 -9.34
N GLN B 186 -19.95 -14.05 -9.63
CA GLN B 186 -21.14 -14.86 -9.43
C GLN B 186 -21.57 -14.84 -7.97
N ASP B 187 -20.61 -14.97 -7.05
CA ASP B 187 -20.95 -14.97 -5.63
C ASP B 187 -21.52 -13.64 -5.19
N GLN B 188 -20.96 -12.53 -5.70
CA GLN B 188 -21.49 -11.21 -5.38
C GLN B 188 -22.93 -11.07 -5.85
N LEU B 189 -23.18 -11.46 -7.11
CA LEU B 189 -24.53 -11.32 -7.64
C LEU B 189 -25.51 -12.27 -6.95
N ASP B 190 -25.04 -13.44 -6.54
CA ASP B 190 -25.89 -14.36 -5.79
C ASP B 190 -26.20 -13.82 -4.40
N CYS B 191 -25.24 -13.14 -3.78
CA CYS B 191 -25.51 -12.48 -2.50
C CYS B 191 -26.58 -11.41 -2.66
N LEU B 192 -26.50 -10.62 -3.73
CA LEU B 192 -27.54 -9.63 -3.99
C LEU B 192 -28.89 -10.31 -4.23
N LYS B 193 -28.89 -11.41 -4.98
CA LYS B 193 -30.14 -12.13 -5.25
C LYS B 193 -30.74 -12.69 -3.96
N SER B 194 -29.89 -13.23 -3.08
CA SER B 194 -30.37 -13.75 -1.81
C SER B 194 -30.93 -12.65 -0.94
N LEU B 195 -30.30 -11.47 -0.95
CA LEU B 195 -30.87 -10.33 -0.23
C LEU B 195 -32.22 -9.96 -0.79
N ALA B 196 -32.37 -9.99 -2.11
CA ALA B 196 -33.65 -9.62 -2.73
C ALA B 196 -34.73 -10.65 -2.44
N ASN B 197 -34.37 -11.94 -2.39
CA ASN B 197 -35.37 -13.01 -2.35
C ASN B 197 -36.16 -13.00 -1.05
N MET B 198 -35.47 -12.96 0.09
CA MET B 198 -36.16 -13.00 1.37
C MET B 198 -37.04 -11.78 1.59
N THR B 199 -36.72 -10.65 0.96
CA THR B 199 -37.47 -9.42 1.16
C THR B 199 -38.49 -9.16 0.07
N GLY B 200 -38.41 -9.85 -1.07
CA GLY B 200 -39.33 -9.61 -2.16
C GLY B 200 -39.26 -8.19 -2.70
N ILE B 201 -38.08 -7.60 -2.70
CA ILE B 201 -37.89 -6.20 -3.10
C ILE B 201 -37.14 -6.18 -4.42
N LEU B 202 -37.73 -5.55 -5.42
CA LEU B 202 -37.12 -5.46 -6.74
C LEU B 202 -35.94 -4.49 -6.69
N HIS B 203 -34.76 -4.97 -7.07
CA HIS B 203 -33.56 -4.15 -7.12
C HIS B 203 -33.33 -3.67 -8.54
N CYS B 204 -32.94 -2.41 -8.68
CA CYS B 204 -32.56 -1.84 -9.96
C CYS B 204 -31.12 -1.36 -9.88
N LEU B 205 -30.27 -1.89 -10.75
CA LEU B 205 -28.86 -1.54 -10.77
C LEU B 205 -28.58 -0.64 -11.96
N LEU B 206 -28.02 0.54 -11.69
CA LEU B 206 -27.67 1.52 -12.71
C LEU B 206 -26.15 1.57 -12.83
N GLY B 207 -25.64 1.51 -14.05
CA GLY B 207 -24.21 1.54 -14.25
C GLY B 207 -23.87 1.73 -15.70
N THR B 208 -22.58 1.92 -15.96
CA THR B 208 -22.09 2.10 -17.31
C THR B 208 -22.10 0.76 -18.06
N TYR B 209 -21.55 0.78 -19.28
CA TYR B 209 -21.52 -0.42 -20.09
C TYR B 209 -20.63 -1.50 -19.50
N GLU B 210 -19.80 -1.16 -18.51
CA GLU B 210 -19.02 -2.18 -17.82
C GLU B 210 -19.93 -3.17 -17.10
N LEU B 211 -21.12 -2.73 -16.68
CA LEU B 211 -22.06 -3.57 -15.95
C LEU B 211 -22.48 -4.81 -16.73
N LEU B 212 -22.10 -4.92 -18.01
CA LEU B 212 -22.40 -6.12 -18.78
C LEU B 212 -21.63 -7.33 -18.26
N THR B 213 -20.64 -7.12 -17.40
CA THR B 213 -19.97 -8.25 -16.76
C THR B 213 -20.89 -9.03 -15.84
N PHE B 214 -22.01 -8.43 -15.43
CA PHE B 214 -23.00 -9.10 -14.60
C PHE B 214 -24.22 -9.57 -15.40
N ARG B 215 -24.15 -9.50 -16.73
CA ARG B 215 -25.35 -9.65 -17.56
C ARG B 215 -25.98 -11.03 -17.42
N ASN B 216 -25.31 -12.05 -17.94
CA ASN B 216 -25.86 -13.41 -18.00
C ASN B 216 -24.84 -14.40 -17.49
N LEU B 217 -24.27 -14.11 -16.32
CA LEU B 217 -23.23 -14.97 -15.75
C LEU B 217 -23.80 -16.21 -15.08
N SER B 218 -25.12 -16.30 -14.95
CA SER B 218 -25.78 -17.49 -14.41
C SER B 218 -27.20 -17.53 -14.92
N GLY B 219 -27.68 -18.74 -15.26
CA GLY B 219 -29.04 -18.86 -15.77
C GLY B 219 -30.09 -18.52 -14.73
N GLN B 220 -29.88 -18.93 -13.49
CA GLN B 220 -30.80 -18.57 -12.41
C GLN B 220 -30.84 -17.06 -12.23
N LEU B 221 -29.68 -16.41 -12.28
CA LEU B 221 -29.65 -14.95 -12.24
C LEU B 221 -30.18 -14.35 -13.54
N SER B 222 -30.04 -15.08 -14.65
CA SER B 222 -30.56 -14.59 -15.92
C SER B 222 -32.08 -14.56 -15.94
N ARG B 223 -32.73 -15.45 -15.18
CA ARG B 223 -34.18 -15.48 -15.18
C ARG B 223 -34.79 -14.27 -14.48
N ARG B 224 -34.19 -13.83 -13.37
CA ARG B 224 -34.78 -12.80 -12.53
C ARG B 224 -34.15 -11.43 -12.76
N SER B 225 -33.65 -11.19 -13.97
CA SER B 225 -33.05 -9.91 -14.33
C SER B 225 -33.70 -9.39 -15.60
N VAL B 226 -33.89 -8.07 -15.67
CA VAL B 226 -34.44 -7.39 -16.84
C VAL B 226 -33.38 -6.43 -17.37
N ASP B 227 -33.07 -6.54 -18.65
CA ASP B 227 -32.02 -5.74 -19.28
C ASP B 227 -32.66 -4.56 -19.99
N ILE B 228 -32.47 -3.36 -19.43
CA ILE B 228 -32.90 -2.13 -20.08
C ILE B 228 -31.66 -1.40 -20.60
N HIS B 229 -31.66 -1.09 -21.89
CA HIS B 229 -30.52 -0.47 -22.55
C HIS B 229 -30.84 1.01 -22.75
N PHE B 230 -30.04 1.87 -22.12
CA PHE B 230 -30.17 3.32 -22.30
C PHE B 230 -29.28 3.75 -23.45
N ARG B 231 -29.73 3.40 -24.66
CA ARG B 231 -28.91 3.61 -25.85
C ARG B 231 -28.71 5.10 -26.13
N ARG B 232 -27.53 5.42 -26.62
CA ARG B 232 -27.22 6.76 -27.11
C ARG B 232 -27.80 6.95 -28.50
N TYR B 233 -27.49 8.10 -29.10
CA TYR B 233 -27.94 8.41 -30.45
C TYR B 233 -26.83 8.07 -31.45
N CYS B 234 -27.13 7.19 -32.40
CA CYS B 234 -26.16 6.78 -33.39
C CYS B 234 -26.09 7.79 -34.53
N ALA B 235 -25.16 7.56 -35.44
CA ALA B 235 -25.02 8.39 -36.63
C ALA B 235 -25.29 7.66 -37.93
N ASP B 236 -25.12 6.34 -37.95
CA ASP B 236 -25.45 5.56 -39.13
C ASP B 236 -26.95 5.62 -39.43
N SER B 237 -27.77 5.55 -38.40
CA SER B 237 -29.22 5.64 -38.57
C SER B 237 -29.64 7.09 -38.72
N PRO B 238 -30.28 7.48 -39.83
CA PRO B 238 -30.72 8.88 -39.97
C PRO B 238 -31.72 9.32 -38.91
N GLU B 239 -32.50 8.38 -38.36
CA GLU B 239 -33.49 8.74 -37.36
C GLU B 239 -32.85 9.30 -36.11
N ASP B 240 -31.78 8.66 -35.63
CA ASP B 240 -31.08 9.17 -34.46
C ASP B 240 -30.42 10.51 -34.76
N VAL B 241 -29.91 10.67 -35.98
CA VAL B 241 -29.30 11.94 -36.38
C VAL B 241 -30.34 13.05 -36.32
N GLN B 242 -31.53 12.80 -36.85
CA GLN B 242 -32.60 13.80 -36.83
C GLN B 242 -33.04 14.09 -35.41
N ALA B 243 -33.13 13.06 -34.57
CA ALA B 243 -33.51 13.27 -33.17
C ALA B 243 -32.49 14.13 -32.45
N PHE B 244 -31.20 13.88 -32.67
CA PHE B 244 -30.16 14.69 -32.04
C PHE B 244 -30.21 16.12 -32.55
N LYS B 245 -30.46 16.30 -33.85
CA LYS B 245 -30.64 17.64 -34.40
C LYS B 245 -31.81 18.36 -33.73
N SER B 246 -32.93 17.66 -33.54
CA SER B 246 -34.09 18.28 -32.91
C SER B 246 -33.80 18.65 -31.45
N VAL B 247 -33.09 17.79 -30.74
CA VAL B 247 -32.77 18.08 -29.35
C VAL B 247 -31.81 19.28 -29.27
N LEU B 248 -30.86 19.36 -30.20
CA LEU B 248 -29.98 20.52 -30.26
C LEU B 248 -30.77 21.79 -30.53
N LEU B 249 -31.77 21.70 -31.43
CA LEU B 249 -32.63 22.85 -31.69
C LEU B 249 -33.39 23.26 -30.43
N THR B 250 -33.91 22.30 -29.69
CA THR B 250 -34.63 22.62 -28.45
C THR B 250 -33.70 23.27 -27.43
N PHE B 251 -32.47 22.76 -27.31
CA PHE B 251 -31.52 23.35 -26.37
C PHE B 251 -31.17 24.79 -26.76
N GLN B 252 -30.85 25.02 -28.03
CA GLN B 252 -30.49 26.37 -28.45
C GLN B 252 -31.69 27.30 -28.42
N GLN B 253 -32.91 26.74 -28.47
CA GLN B 253 -34.11 27.56 -28.42
C GLN B 253 -34.32 28.11 -27.01
N HIS B 254 -33.89 27.37 -25.99
CA HIS B 254 -34.17 27.72 -24.61
C HIS B 254 -32.95 28.29 -23.88
N LEU B 255 -31.88 28.60 -24.60
CA LEU B 255 -30.70 29.17 -23.96
C LEU B 255 -30.97 30.62 -23.57
N PRO B 256 -30.81 30.99 -22.29
CA PRO B 256 -31.15 32.35 -21.88
C PRO B 256 -30.13 33.39 -22.34
N LEU B 257 -30.15 33.71 -23.63
CA LEU B 257 -29.24 34.69 -24.21
C LEU B 257 -30.03 35.72 -25.00
N ALA B 258 -29.44 36.90 -25.18
CA ALA B 258 -30.10 37.95 -25.94
C ALA B 258 -30.30 37.55 -27.39
N GLU B 259 -29.30 36.94 -28.00
CA GLU B 259 -29.37 36.46 -29.37
C GLU B 259 -29.37 34.93 -29.35
N THR B 260 -30.37 34.33 -29.97
CA THR B 260 -30.44 32.87 -30.02
C THR B 260 -29.40 32.35 -31.00
N PRO B 261 -28.44 31.54 -30.55
CA PRO B 261 -27.41 31.04 -31.47
C PRO B 261 -27.95 29.95 -32.38
N ASN B 262 -27.23 29.74 -33.48
CA ASN B 262 -27.55 28.67 -34.42
C ASN B 262 -26.58 27.53 -34.12
N LEU B 263 -27.13 26.36 -33.80
CA LEU B 263 -26.32 25.20 -33.44
C LEU B 263 -26.49 24.00 -34.37
N VAL B 264 -27.54 23.94 -35.17
CA VAL B 264 -27.79 22.77 -35.98
C VAL B 264 -26.78 22.66 -37.12
N ASP B 265 -26.08 23.76 -37.45
CA ASP B 265 -25.09 23.70 -38.52
C ASP B 265 -23.93 22.79 -38.14
N HIS B 266 -23.35 23.00 -36.97
CA HIS B 266 -22.29 22.14 -36.48
C HIS B 266 -22.84 21.01 -35.60
N TRP B 267 -23.85 20.32 -36.11
CA TRP B 267 -24.30 19.10 -35.46
C TRP B 267 -23.22 18.05 -35.49
N GLU B 268 -22.40 18.04 -36.54
CA GLU B 268 -21.27 17.12 -36.60
C GLU B 268 -20.27 17.42 -35.49
N TYR B 269 -20.00 18.70 -35.26
CA TYR B 269 -19.10 19.08 -34.16
C TYR B 269 -19.68 18.69 -32.82
N PHE B 270 -20.98 18.94 -32.60
CA PHE B 270 -21.59 18.61 -31.32
C PHE B 270 -21.60 17.10 -31.08
N TYR B 271 -21.90 16.31 -32.12
CA TYR B 271 -21.80 14.86 -32.03
C TYR B 271 -20.38 14.39 -31.78
N GLU B 272 -19.39 15.10 -32.34
CA GLU B 272 -18.00 14.68 -32.22
C GLU B 272 -17.53 14.67 -30.77
N ARG B 273 -17.91 15.69 -30.00
CA ARG B 273 -17.45 15.84 -28.63
C ARG B 273 -18.46 15.34 -27.60
N THR B 274 -19.59 14.77 -28.04
CA THR B 274 -20.58 14.21 -27.13
C THR B 274 -20.98 12.78 -27.46
N LEU B 275 -20.66 12.27 -28.65
CA LEU B 275 -21.03 10.92 -29.08
C LEU B 275 -22.53 10.67 -29.01
N GLY B 276 -23.33 11.73 -29.06
CA GLY B 276 -24.77 11.59 -28.92
C GLY B 276 -25.27 11.56 -27.49
N CYS B 277 -24.39 11.56 -26.51
CA CYS B 277 -24.81 11.57 -25.12
C CYS B 277 -25.52 12.89 -24.81
N ILE B 278 -26.57 12.78 -23.99
CA ILE B 278 -27.41 13.95 -23.72
C ILE B 278 -26.91 14.71 -22.49
N GLY B 279 -26.53 13.99 -21.43
CA GLY B 279 -26.00 14.66 -20.26
C GLY B 279 -24.70 15.39 -20.53
N THR B 280 -23.81 14.78 -21.32
CA THR B 280 -22.56 15.44 -21.68
C THR B 280 -22.82 16.71 -22.49
N LEU B 281 -23.76 16.65 -23.43
CA LEU B 281 -24.10 17.84 -24.21
C LEU B 281 -24.70 18.91 -23.32
N LYS B 282 -25.56 18.52 -22.38
CA LYS B 282 -26.15 19.49 -21.47
C LYS B 282 -25.09 20.17 -20.61
N ASP B 283 -24.13 19.38 -20.11
CA ASP B 283 -23.04 19.95 -19.31
C ASP B 283 -22.16 20.87 -20.15
N TRP B 284 -21.86 20.47 -21.40
CA TRP B 284 -21.10 21.31 -22.30
C TRP B 284 -21.79 22.65 -22.51
N LEU B 285 -23.09 22.61 -22.78
CA LEU B 285 -23.84 23.85 -22.98
C LEU B 285 -23.92 24.67 -21.70
N LYS B 286 -24.00 24.02 -20.54
CA LYS B 286 -24.00 24.75 -19.28
C LYS B 286 -22.69 25.50 -19.08
N ARG B 287 -21.56 24.84 -19.33
CA ARG B 287 -20.26 25.49 -19.20
C ARG B 287 -20.11 26.63 -20.22
N VAL B 288 -20.56 26.39 -21.46
CA VAL B 288 -20.47 27.43 -22.48
C VAL B 288 -21.32 28.64 -22.10
N LEU B 289 -22.53 28.38 -21.57
CA LEU B 289 -23.39 29.48 -21.13
C LEU B 289 -22.76 30.24 -19.99
N SER B 290 -22.13 29.53 -19.04
CA SER B 290 -21.46 30.21 -17.94
C SER B 290 -20.33 31.10 -18.45
N ASP B 291 -19.53 30.58 -19.40
CA ASP B 291 -18.45 31.38 -19.97
C ASP B 291 -18.99 32.61 -20.69
N ALA B 292 -19.98 32.43 -21.56
CA ALA B 292 -20.50 33.55 -22.33
C ALA B 292 -21.24 34.55 -21.44
N LEU B 293 -21.71 34.09 -20.28
CA LEU B 293 -22.43 34.97 -19.38
C LEU B 293 -21.49 35.69 -18.41
N ASP B 294 -20.28 35.15 -18.21
CA ASP B 294 -19.27 35.90 -17.46
C ASP B 294 -18.79 37.11 -18.24
N ARG B 295 -18.58 36.94 -19.55
CA ARG B 295 -18.22 38.05 -20.43
C ARG B 295 -19.42 38.88 -20.86
N GLU B 296 -20.63 38.48 -20.48
CA GLU B 296 -21.87 39.18 -20.81
C GLU B 296 -22.12 39.26 -22.31
N ALA B 297 -21.55 38.33 -23.08
CA ALA B 297 -21.77 38.31 -24.52
C ALA B 297 -23.21 37.90 -24.83
N THR B 298 -23.82 38.55 -25.81
CA THR B 298 -25.21 38.27 -26.12
C THR B 298 -25.40 36.99 -26.92
N THR B 299 -24.33 36.21 -27.05
CA THR B 299 -24.41 34.98 -27.84
C THR B 299 -23.30 34.00 -27.51
N ILE B 300 -23.36 32.84 -28.16
CA ILE B 300 -22.32 31.85 -28.09
C ILE B 300 -21.52 31.82 -29.39
N THR B 301 -20.20 31.72 -29.26
CA THR B 301 -19.34 31.62 -30.43
C THR B 301 -18.77 30.23 -30.53
N LEU B 302 -18.42 29.81 -31.75
CA LEU B 302 -17.85 28.50 -31.93
C LEU B 302 -16.67 28.32 -30.98
N LYS B 303 -15.68 29.20 -31.09
CA LYS B 303 -14.49 29.04 -30.25
C LYS B 303 -14.86 28.86 -28.77
N ASP B 304 -16.02 29.38 -28.37
CA ASP B 304 -16.49 29.14 -27.00
C ASP B 304 -16.78 27.66 -26.78
N LEU B 305 -17.38 26.99 -27.77
CA LEU B 305 -17.56 25.55 -27.69
C LEU B 305 -16.22 24.84 -27.64
N GLN B 306 -15.24 25.30 -28.41
CA GLN B 306 -13.90 24.71 -28.38
C GLN B 306 -13.23 24.89 -27.02
N LYS B 307 -13.66 25.87 -26.23
CA LYS B 307 -13.02 26.13 -24.94
C LYS B 307 -13.35 25.04 -23.92
N ARG B 308 -14.62 24.65 -23.84
CA ARG B 308 -15.06 23.68 -22.85
C ARG B 308 -15.36 22.31 -23.45
N ALA B 309 -15.04 22.11 -24.72
CA ALA B 309 -15.20 20.78 -25.31
C ALA B 309 -14.20 19.81 -24.69
N LEU B 310 -14.64 18.56 -24.53
CA LEU B 310 -13.77 17.54 -23.99
C LEU B 310 -12.62 17.26 -24.95
N SER B 311 -11.52 16.74 -24.40
CA SER B 311 -10.36 16.43 -25.21
C SER B 311 -10.67 15.34 -26.21
N VAL B 312 -9.98 15.38 -27.35
CA VAL B 312 -10.17 14.36 -28.38
C VAL B 312 -9.81 12.99 -27.84
N ALA B 313 -8.76 12.92 -27.00
CA ALA B 313 -8.38 11.66 -26.39
C ALA B 313 -9.48 11.11 -25.49
N GLN B 314 -10.14 12.00 -24.73
CA GLN B 314 -11.24 11.57 -23.88
C GLN B 314 -12.38 10.99 -24.71
N CYS B 315 -12.79 11.70 -25.76
CA CYS B 315 -13.89 11.23 -26.60
C CYS B 315 -13.49 10.02 -27.43
N GLN B 316 -12.20 9.93 -27.82
CA GLN B 316 -11.76 8.78 -28.59
C GLN B 316 -11.93 7.48 -27.81
N LYS B 317 -11.57 7.49 -26.52
CA LYS B 317 -11.65 6.27 -25.74
C LYS B 317 -13.08 5.94 -25.34
N MET B 318 -13.90 6.97 -25.08
CA MET B 318 -15.29 6.73 -24.74
C MET B 318 -16.00 5.92 -25.82
N PHE B 319 -15.68 6.22 -27.09
CA PHE B 319 -16.24 5.43 -28.18
C PHE B 319 -15.72 4.00 -28.15
N LYS B 320 -14.46 3.82 -27.74
CA LYS B 320 -13.88 2.47 -27.70
C LYS B 320 -14.63 1.58 -26.73
N GLU B 321 -14.95 2.09 -25.54
CA GLU B 321 -15.68 1.29 -24.57
C GLU B 321 -17.17 1.20 -24.92
N ILE B 322 -17.71 2.23 -25.57
CA ILE B 322 -19.10 2.18 -26.00
C ILE B 322 -19.27 1.19 -27.14
N GLN B 323 -18.36 1.21 -28.12
CA GLN B 323 -18.48 0.35 -29.28
C GLN B 323 -18.44 -1.13 -28.89
N GLU B 324 -17.54 -1.48 -27.98
CA GLU B 324 -17.49 -2.87 -27.51
C GLU B 324 -18.64 -3.17 -26.57
N GLY B 325 -19.14 -2.16 -25.85
CA GLY B 325 -20.30 -2.36 -25.00
C GLY B 325 -21.55 -2.66 -25.79
N GLU B 326 -21.78 -1.91 -26.87
CA GLU B 326 -22.95 -2.16 -27.71
C GLU B 326 -22.84 -3.49 -28.43
N ARG B 327 -21.62 -3.92 -28.75
CA ARG B 327 -21.42 -5.20 -29.42
C ARG B 327 -21.92 -6.35 -28.55
N GLN B 328 -21.65 -6.29 -27.25
CA GLN B 328 -22.15 -7.32 -26.34
C GLN B 328 -23.67 -7.26 -26.25
N LEU B 329 -24.25 -6.08 -26.42
CA LEU B 329 -25.68 -5.87 -26.31
C LEU B 329 -26.40 -6.02 -27.64
N SER B 330 -25.69 -6.38 -28.70
CA SER B 330 -26.25 -6.47 -30.04
C SER B 330 -27.03 -7.77 -30.17
N GLU B 331 -28.30 -7.67 -30.56
CA GLU B 331 -29.16 -8.82 -30.79
C GLU B 331 -29.51 -8.87 -32.27
N THR B 332 -29.18 -9.98 -32.92
CA THR B 332 -29.39 -10.15 -34.35
C THR B 332 -30.30 -11.35 -34.60
N GLU B 333 -30.83 -11.43 -35.82
CA GLU B 333 -31.65 -12.56 -36.23
C GLU B 333 -30.86 -13.87 -36.22
N ALA B 334 -29.54 -13.80 -36.38
CA ALA B 334 -28.73 -15.01 -36.35
C ALA B 334 -28.82 -15.70 -35.00
N ASP B 335 -28.78 -14.93 -33.91
CA ASP B 335 -28.86 -15.51 -32.58
C ASP B 335 -30.18 -16.23 -32.36
N VAL B 336 -31.28 -15.68 -32.91
CA VAL B 336 -32.57 -16.33 -32.80
C VAL B 336 -32.55 -17.69 -33.49
N GLN B 337 -31.95 -17.76 -34.67
CA GLN B 337 -31.90 -19.02 -35.41
C GLN B 337 -31.09 -20.07 -34.68
N ASN B 338 -29.96 -19.67 -34.08
CA ASN B 338 -29.19 -20.62 -33.27
C ASN B 338 -29.99 -21.09 -32.07
N LEU B 339 -30.79 -20.21 -31.49
CA LEU B 339 -31.66 -20.61 -30.38
C LEU B 339 -32.68 -21.66 -30.85
N ARG B 340 -33.27 -21.46 -32.02
CA ARG B 340 -34.22 -22.43 -32.56
C ARG B 340 -33.53 -23.76 -32.85
N SER B 341 -32.34 -23.70 -33.46
CA SER B 341 -31.61 -24.93 -33.78
C SER B 341 -31.21 -25.68 -32.51
N ALA B 342 -30.73 -24.95 -31.50
CA ALA B 342 -30.39 -25.59 -30.23
C ALA B 342 -31.62 -26.17 -29.55
N LEU B 343 -32.73 -25.42 -29.57
CA LEU B 343 -33.96 -25.86 -28.92
C LEU B 343 -34.68 -26.97 -29.69
N GLY B 344 -34.25 -27.25 -30.93
CA GLY B 344 -34.95 -28.22 -31.75
C GLY B 344 -36.22 -27.70 -32.40
N LEU B 345 -36.47 -26.40 -32.32
CA LEU B 345 -37.68 -25.80 -32.88
C LEU B 345 -37.54 -25.45 -34.36
N GLY B 346 -36.37 -25.70 -34.96
CA GLY B 346 -36.18 -25.36 -36.36
C GLY B 346 -37.06 -26.21 -37.26
N SER C 4 8.21 53.17 -11.51
CA SER C 4 9.26 52.35 -12.10
C SER C 4 8.73 50.95 -12.42
N THR C 5 9.43 50.26 -13.32
CA THR C 5 9.06 48.91 -13.73
C THR C 5 9.86 47.84 -13.01
N GLY C 6 10.65 48.21 -12.01
CA GLY C 6 11.47 47.25 -11.30
C GLY C 6 11.37 47.33 -9.79
N PHE C 7 12.38 46.86 -9.09
CA PHE C 7 12.39 46.87 -7.64
C PHE C 7 12.47 48.31 -7.13
N PRO C 8 11.87 48.59 -5.97
CA PRO C 8 12.02 49.93 -5.37
C PRO C 8 13.47 50.22 -5.04
N LEU C 9 13.89 51.45 -5.31
CA LEU C 9 15.28 51.83 -5.12
C LEU C 9 15.62 52.04 -3.65
N GLU C 10 14.60 52.20 -2.80
CA GLU C 10 14.83 52.42 -1.38
C GLU C 10 15.40 51.18 -0.69
N LEU C 11 15.19 50.00 -1.27
CA LEU C 11 15.60 48.75 -0.62
C LEU C 11 17.12 48.62 -0.51
N LEU C 12 17.88 49.40 -1.28
CA LEU C 12 19.34 49.33 -1.19
C LEU C 12 19.86 49.70 0.18
N THR C 13 19.27 50.70 0.83
CA THR C 13 19.71 51.10 2.17
C THR C 13 19.42 50.02 3.21
N ARG C 14 18.34 49.27 3.03
CA ARG C 14 17.96 48.22 3.97
C ARG C 14 18.96 47.08 3.93
N PRO C 15 19.14 46.36 5.05
CA PRO C 15 20.01 45.18 5.04
C PRO C 15 19.53 44.08 4.11
N ALA C 16 20.32 43.00 4.01
CA ALA C 16 20.09 41.99 2.98
C ALA C 16 18.81 41.19 3.22
N THR C 17 18.38 41.06 4.49
CA THR C 17 17.24 40.20 4.80
C THR C 17 15.97 40.72 4.13
N GLU C 18 15.73 42.03 4.17
CA GLU C 18 14.53 42.58 3.55
C GLU C 18 14.59 42.44 2.03
N ARG C 19 15.77 42.61 1.44
CA ARG C 19 15.90 42.42 0.00
C ARG C 19 15.60 40.97 -0.39
N LEU C 20 16.13 40.02 0.38
CA LEU C 20 15.83 38.61 0.12
C LEU C 20 14.34 38.34 0.24
N ALA C 21 13.71 38.86 1.29
CA ALA C 21 12.28 38.64 1.48
C ALA C 21 11.49 39.25 0.32
N TYR C 22 11.84 40.47 -0.08
CA TYR C 22 11.11 41.13 -1.17
C TYR C 22 11.21 40.34 -2.46
N PHE C 23 12.41 39.84 -2.77
CA PHE C 23 12.53 39.03 -3.98
C PHE C 23 11.79 37.71 -3.85
N GLU C 24 11.73 37.15 -2.63
CA GLU C 24 11.02 35.90 -2.43
C GLU C 24 9.52 36.06 -2.65
N ASN C 25 8.93 37.08 -2.05
CA ASN C 25 7.47 37.26 -2.16
C ASN C 25 7.06 37.85 -3.51
N TYR C 26 7.98 38.42 -4.26
CA TYR C 26 7.62 38.94 -5.58
C TYR C 26 7.23 37.81 -6.52
N THR C 27 6.13 38.02 -7.24
CA THR C 27 5.63 37.05 -8.20
C THR C 27 5.44 37.73 -9.55
N VAL C 28 5.78 37.03 -10.61
CA VAL C 28 5.67 37.56 -11.97
C VAL C 28 4.45 36.94 -12.65
N ALA C 29 3.90 37.66 -13.62
CA ALA C 29 2.77 37.19 -14.41
C ALA C 29 3.25 36.94 -15.83
N HIS C 30 3.06 35.72 -16.30
CA HIS C 30 3.45 35.33 -17.66
C HIS C 30 2.28 34.65 -18.35
N PRO C 31 2.24 34.69 -19.69
CA PRO C 31 1.02 34.26 -20.40
C PRO C 31 0.53 32.87 -20.06
N ARG C 32 1.43 31.90 -19.91
CA ARG C 32 0.98 30.54 -19.59
C ARG C 32 0.33 30.47 -18.22
N LEU C 33 0.92 31.12 -17.21
CA LEU C 33 0.35 31.10 -15.88
C LEU C 33 -1.02 31.78 -15.87
N LYS C 34 -1.13 32.93 -16.54
CA LYS C 34 -2.41 33.64 -16.58
C LYS C 34 -3.47 32.81 -17.29
N GLU C 35 -3.12 32.18 -18.42
CA GLU C 35 -4.07 31.36 -19.15
C GLU C 35 -4.54 30.17 -18.31
N VAL C 36 -3.59 29.49 -17.65
CA VAL C 36 -3.96 28.32 -16.85
C VAL C 36 -4.80 28.74 -15.66
N TYR C 37 -4.47 29.88 -15.04
CA TYR C 37 -5.26 30.38 -13.92
C TYR C 37 -6.68 30.72 -14.36
N GLU C 38 -6.83 31.36 -15.51
CA GLU C 38 -8.16 31.68 -16.01
C GLU C 38 -8.96 30.42 -16.31
N ILE C 39 -8.31 29.41 -16.93
CA ILE C 39 -9.01 28.16 -17.23
C ILE C 39 -9.45 27.47 -15.94
N LEU C 40 -8.55 27.42 -14.94
CA LEU C 40 -8.88 26.76 -13.68
C LEU C 40 -10.02 27.49 -12.97
N MET C 41 -9.99 28.82 -12.96
CA MET C 41 -11.06 29.56 -12.31
C MET C 41 -12.39 29.35 -13.03
N ARG C 42 -12.37 29.33 -14.37
CA ARG C 42 -13.59 29.08 -15.12
C ARG C 42 -14.14 27.70 -14.83
N THR C 43 -13.26 26.70 -14.76
CA THR C 43 -13.71 25.34 -14.46
C THR C 43 -14.27 25.23 -13.04
N ILE C 44 -13.62 25.90 -12.08
CA ILE C 44 -14.06 25.82 -10.70
C ILE C 44 -15.40 26.53 -10.51
N ALA C 45 -15.59 27.66 -11.20
CA ALA C 45 -16.82 28.42 -11.04
C ALA C 45 -18.04 27.62 -11.48
N GLU C 46 -17.93 26.91 -12.61
CA GLU C 46 -19.02 26.10 -13.16
C GLU C 46 -18.48 24.73 -13.53
N PRO C 47 -18.32 23.83 -12.55
CA PRO C 47 -17.87 22.48 -12.88
C PRO C 47 -18.81 21.74 -13.82
N ALA C 48 -20.12 21.94 -13.65
CA ALA C 48 -21.13 21.35 -14.52
C ALA C 48 -20.97 19.83 -14.63
N GLY C 49 -21.14 19.16 -13.50
CA GLY C 49 -21.09 17.71 -13.49
C GLY C 49 -19.71 17.12 -13.69
N ALA C 50 -18.66 17.90 -13.43
CA ALA C 50 -17.30 17.42 -13.51
C ALA C 50 -16.71 17.36 -12.11
N SER C 51 -16.13 16.21 -11.77
CA SER C 51 -15.60 15.99 -10.43
C SER C 51 -14.09 16.05 -10.33
N PHE C 52 -13.38 16.06 -11.46
CA PHE C 52 -11.93 16.06 -11.45
C PHE C 52 -11.38 17.14 -12.36
N ILE C 53 -10.33 17.80 -11.91
CA ILE C 53 -9.53 18.72 -12.72
C ILE C 53 -8.08 18.25 -12.59
N PHE C 54 -7.57 17.61 -13.63
CA PHE C 54 -6.20 17.11 -13.63
C PHE C 54 -5.30 18.21 -14.17
N VAL C 55 -4.53 18.84 -13.27
CA VAL C 55 -3.64 19.94 -13.64
C VAL C 55 -2.25 19.33 -13.81
N TYR C 56 -1.93 18.93 -15.04
CA TYR C 56 -0.61 18.42 -15.33
C TYR C 56 0.38 19.57 -15.48
N GLY C 57 1.66 19.22 -15.41
CA GLY C 57 2.72 20.21 -15.54
C GLY C 57 4.05 19.69 -15.03
N ALA C 58 5.14 20.15 -15.64
CA ALA C 58 6.47 19.73 -15.22
C ALA C 58 6.91 20.41 -13.93
N SER C 59 8.06 19.97 -13.41
CA SER C 59 8.57 20.57 -12.18
C SER C 59 9.15 21.96 -12.47
N GLY C 60 8.42 23.00 -12.07
CA GLY C 60 8.90 24.35 -12.26
C GLY C 60 7.89 25.24 -12.95
N VAL C 61 6.70 24.70 -13.22
CA VAL C 61 5.68 25.45 -13.93
C VAL C 61 4.92 26.40 -13.00
N GLY C 62 4.92 26.10 -11.71
CA GLY C 62 4.22 26.95 -10.76
C GLY C 62 2.88 26.39 -10.32
N LYS C 63 2.78 25.06 -10.29
CA LYS C 63 1.53 24.42 -9.90
C LYS C 63 1.14 24.77 -8.47
N THR C 64 2.09 24.73 -7.55
CA THR C 64 1.78 25.05 -6.16
C THR C 64 1.46 26.53 -6.00
N THR C 65 2.20 27.40 -6.67
CA THR C 65 1.88 28.82 -6.63
C THR C 65 0.53 29.11 -7.27
N LEU C 66 0.21 28.43 -8.36
CA LEU C 66 -1.11 28.57 -8.96
C LEU C 66 -2.20 28.14 -7.99
N ARG C 67 -1.99 27.02 -7.29
CA ARG C 67 -2.97 26.55 -6.32
C ARG C 67 -3.14 27.58 -5.19
N LEU C 68 -2.04 28.13 -4.70
CA LEU C 68 -2.11 29.12 -3.63
C LEU C 68 -2.84 30.38 -4.09
N ARG C 69 -2.55 30.84 -5.30
CA ARG C 69 -3.21 32.03 -5.84
C ARG C 69 -4.71 31.80 -6.00
N VAL C 70 -5.08 30.63 -6.53
CA VAL C 70 -6.50 30.30 -6.70
C VAL C 70 -7.18 30.22 -5.34
N GLU C 71 -6.50 29.62 -4.36
CA GLU C 71 -7.06 29.51 -3.01
C GLU C 71 -7.31 30.89 -2.41
N GLN C 72 -6.32 31.78 -2.50
CA GLN C 72 -6.48 33.11 -1.95
C GLN C 72 -7.58 33.89 -2.65
N LYS C 73 -7.64 33.80 -3.98
CA LYS C 73 -8.66 34.54 -4.72
C LYS C 73 -10.05 34.00 -4.41
N LEU C 74 -10.19 32.69 -4.29
CA LEU C 74 -11.48 32.10 -3.92
C LEU C 74 -11.90 32.51 -2.52
N THR C 75 -10.96 32.52 -1.57
CA THR C 75 -11.29 32.97 -0.22
C THR C 75 -11.76 34.43 -0.22
N GLU C 76 -11.04 35.28 -0.95
CA GLU C 76 -11.44 36.68 -1.05
C GLU C 76 -12.80 36.83 -1.70
N LEU C 77 -13.07 36.06 -2.75
CA LEU C 77 -14.35 36.15 -3.44
C LEU C 77 -15.49 35.69 -2.54
N ALA C 78 -15.27 34.64 -1.76
CA ALA C 78 -16.30 34.09 -0.89
C ALA C 78 -16.45 34.86 0.42
N LEU C 79 -15.49 35.73 0.75
CA LEU C 79 -15.59 36.51 1.98
C LEU C 79 -16.87 37.33 2.11
N PRO C 80 -17.29 38.12 1.09
CA PRO C 80 -18.54 38.90 1.27
C PRO C 80 -19.75 38.04 1.56
N LYS C 81 -19.87 36.89 0.91
CA LYS C 81 -20.93 35.94 1.22
C LYS C 81 -20.67 35.17 2.51
N LEU C 82 -19.40 34.97 2.88
CA LEU C 82 -19.10 34.34 4.16
C LEU C 82 -19.49 35.22 5.34
N GLU C 83 -19.58 36.54 5.12
CA GLU C 83 -20.05 37.42 6.19
C GLU C 83 -21.48 37.09 6.57
N SER C 84 -22.34 36.77 5.60
CA SER C 84 -23.72 36.47 5.89
C SER C 84 -23.91 34.99 6.22
N ASP C 85 -23.45 34.10 5.36
CA ASP C 85 -23.61 32.66 5.54
C ASP C 85 -22.37 32.08 6.22
N ARG C 86 -22.60 31.26 7.24
CA ARG C 86 -21.53 30.64 8.02
C ARG C 86 -21.52 29.14 7.77
N ALA C 87 -20.64 28.44 8.49
CA ALA C 87 -20.44 27.01 8.33
C ALA C 87 -20.03 26.64 6.91
N ARG C 88 -19.37 27.57 6.22
CA ARG C 88 -18.95 27.38 4.84
C ARG C 88 -17.47 27.69 4.71
N VAL C 89 -16.72 26.73 4.20
CA VAL C 89 -15.31 26.93 3.88
C VAL C 89 -15.19 27.18 2.38
N PRO C 90 -14.52 28.25 1.94
CA PRO C 90 -14.44 28.53 0.50
C PRO C 90 -13.68 27.46 -0.26
N VAL C 91 -12.55 27.01 0.28
CA VAL C 91 -11.67 26.08 -0.42
C VAL C 91 -10.78 25.40 0.60
N VAL C 92 -10.61 24.08 0.44
CA VAL C 92 -9.79 23.28 1.33
C VAL C 92 -8.70 22.62 0.49
N GLY C 93 -7.45 22.75 0.92
CA GLY C 93 -6.33 22.18 0.21
C GLY C 93 -5.46 21.28 1.04
N ILE C 94 -5.21 20.06 0.56
CA ILE C 94 -4.37 19.09 1.25
C ILE C 94 -3.38 18.53 0.24
N GLU C 95 -2.23 18.08 0.76
CA GLU C 95 -1.18 17.50 -0.06
C GLU C 95 -1.14 16.00 0.16
N ALA C 96 -1.13 15.24 -0.94
CA ALA C 96 -1.05 13.79 -0.85
C ALA C 96 0.29 13.36 -0.28
N ILE C 97 0.29 12.24 0.44
CA ILE C 97 1.46 11.73 1.14
C ILE C 97 1.95 10.48 0.46
N ALA C 98 3.24 10.45 0.12
CA ALA C 98 3.85 9.23 -0.37
C ALA C 98 3.92 8.22 0.76
N PRO C 99 3.40 7.00 0.58
CA PRO C 99 3.31 6.05 1.69
C PRO C 99 4.65 5.43 2.02
N GLU C 100 4.76 5.02 3.28
CA GLU C 100 5.94 4.27 3.72
C GLU C 100 5.92 2.86 3.15
N SER C 101 4.76 2.24 3.08
CA SER C 101 4.62 0.89 2.56
C SER C 101 4.55 0.94 1.02
N ARG C 102 4.33 -0.22 0.40
CA ARG C 102 4.26 -0.32 -1.05
C ARG C 102 2.93 0.17 -1.62
N TYR C 103 1.90 0.27 -0.78
CA TYR C 103 0.58 0.71 -1.23
C TYR C 103 0.27 2.07 -0.62
N PHE C 104 -0.47 2.88 -1.38
CA PHE C 104 -0.92 4.18 -0.87
C PHE C 104 -2.02 3.96 0.17
N ASN C 105 -1.73 4.31 1.41
CA ASN C 105 -2.71 4.12 2.48
C ASN C 105 -3.79 5.18 2.38
N TRP C 106 -5.05 4.76 2.56
CA TRP C 106 -6.18 5.67 2.50
C TRP C 106 -6.62 6.18 3.87
N LYS C 107 -6.31 5.47 4.94
CA LYS C 107 -6.69 5.93 6.27
C LYS C 107 -6.03 7.26 6.61
N GLU C 108 -4.73 7.37 6.32
CA GLU C 108 -4.04 8.63 6.57
C GLU C 108 -4.60 9.75 5.69
N TYR C 109 -4.92 9.44 4.44
CA TYR C 109 -5.50 10.47 3.57
C TYR C 109 -6.83 10.96 4.13
N TYR C 110 -7.68 10.04 4.58
CA TYR C 110 -8.98 10.43 5.12
C TYR C 110 -8.82 11.27 6.39
N THR C 111 -7.95 10.83 7.31
CA THR C 111 -7.81 11.57 8.55
C THR C 111 -7.15 12.92 8.33
N ARG C 112 -6.21 13.02 7.39
CA ARG C 112 -5.57 14.30 7.12
C ARG C 112 -6.52 15.24 6.40
N ALA C 113 -7.37 14.72 5.52
CA ALA C 113 -8.40 15.54 4.90
C ALA C 113 -9.38 16.05 5.96
N LEU C 114 -9.74 15.21 6.92
CA LEU C 114 -10.61 15.64 8.00
C LEU C 114 -9.95 16.73 8.85
N ILE C 115 -8.65 16.58 9.13
CA ILE C 115 -7.93 17.58 9.91
C ILE C 115 -7.89 18.91 9.17
N THR C 116 -7.46 18.87 7.90
CA THR C 116 -7.28 20.11 7.14
C THR C 116 -8.62 20.80 6.86
N LEU C 117 -9.64 20.02 6.51
CA LEU C 117 -10.95 20.61 6.24
C LEU C 117 -11.53 21.25 7.48
N GLU C 118 -11.40 20.60 8.63
CA GLU C 118 -12.06 21.05 9.85
C GLU C 118 -11.06 21.82 10.73
N GLU C 119 -10.85 23.09 10.35
CA GLU C 119 -10.17 24.06 11.21
C GLU C 119 -10.88 25.42 11.17
N PRO C 120 -12.21 25.45 11.40
CA PRO C 120 -12.91 26.74 11.40
C PRO C 120 -12.99 27.32 12.80
N LEU C 121 -13.72 28.42 12.94
CA LEU C 121 -14.03 28.92 14.28
C LEU C 121 -14.81 27.87 15.06
N ILE C 122 -14.52 27.80 16.36
CA ILE C 122 -15.07 26.74 17.21
C ILE C 122 -16.59 26.78 17.25
N ASP C 123 -17.18 27.93 16.92
CA ASP C 123 -18.64 28.05 16.94
C ASP C 123 -19.32 27.06 16.02
N HIS C 124 -18.62 26.60 14.97
CA HIS C 124 -19.18 25.62 14.04
C HIS C 124 -19.16 24.25 14.70
N LYS C 125 -20.33 23.71 15.01
CA LYS C 125 -20.47 22.37 15.57
C LYS C 125 -21.31 21.53 14.63
N PHE C 126 -20.83 20.32 14.30
CA PHE C 126 -21.51 19.48 13.33
C PHE C 126 -21.59 18.02 13.78
N ASP C 127 -21.02 17.68 14.95
CA ASP C 127 -21.10 16.35 15.55
C ASP C 127 -20.84 15.23 14.54
N TYR C 128 -19.60 15.15 14.06
CA TYR C 128 -19.18 14.21 13.02
C TYR C 128 -19.71 12.81 13.29
N GLY C 129 -20.01 12.10 12.21
CA GLY C 129 -20.41 10.70 12.34
C GLY C 129 -19.28 9.85 12.89
N VAL C 130 -19.68 8.67 13.40
CA VAL C 130 -18.80 7.72 14.10
C VAL C 130 -18.29 8.34 15.39
N ARG C 131 -18.27 7.54 16.47
CA ARG C 131 -17.94 8.05 17.79
C ARG C 131 -16.45 8.27 18.01
N GLY C 132 -15.60 7.76 17.13
CA GLY C 132 -14.17 7.88 17.30
C GLY C 132 -13.56 9.19 16.86
N ILE C 133 -14.35 10.12 16.34
CA ILE C 133 -13.86 11.42 15.90
C ILE C 133 -14.64 12.50 16.63
N SER C 134 -13.91 13.42 17.26
CA SER C 134 -14.53 14.46 18.08
C SER C 134 -13.57 15.63 18.20
N ARG C 135 -14.06 16.72 18.77
CA ARG C 135 -13.27 17.92 19.03
C ARG C 135 -12.57 17.75 20.39
N ASP C 136 -11.65 18.65 20.71
CA ASP C 136 -10.92 18.58 21.97
C ASP C 136 -10.89 19.98 22.59
N ASN C 137 -10.05 20.15 23.61
CA ASN C 137 -9.94 21.43 24.30
C ASN C 137 -9.20 22.48 23.49
N PHE C 138 -8.43 22.09 22.48
CA PHE C 138 -7.66 23.02 21.69
C PHE C 138 -8.21 23.22 20.28
N GLY C 139 -9.41 22.72 20.01
CA GLY C 139 -10.01 22.89 18.70
C GLY C 139 -9.45 22.00 17.61
N LYS C 140 -8.62 21.02 17.97
CA LYS C 140 -8.01 20.13 16.99
C LYS C 140 -8.83 18.85 16.86
N ILE C 141 -8.96 18.36 15.62
CA ILE C 141 -9.75 17.17 15.38
C ILE C 141 -9.02 15.96 15.95
N ASN C 142 -9.74 15.16 16.74
CA ASN C 142 -9.20 13.96 17.35
C ASN C 142 -9.67 12.74 16.58
N VAL C 143 -8.72 12.00 16.00
CA VAL C 143 -9.00 10.76 15.28
C VAL C 143 -8.15 9.67 15.91
N GLU C 144 -8.81 8.66 16.47
CA GLU C 144 -8.12 7.56 17.10
C GLU C 144 -7.89 6.42 16.11
N SER C 145 -7.02 5.48 16.50
CA SER C 145 -6.81 4.28 15.72
C SER C 145 -7.99 3.32 15.80
N LYS C 146 -8.96 3.60 16.67
CA LYS C 146 -10.14 2.74 16.80
C LYS C 146 -10.93 2.69 15.50
N VAL C 147 -11.11 3.84 14.85
CA VAL C 147 -11.97 3.91 13.67
C VAL C 147 -11.33 3.18 12.50
N VAL C 148 -12.17 2.50 11.73
CA VAL C 148 -11.74 1.84 10.50
C VAL C 148 -11.91 2.81 9.34
N ALA C 149 -11.25 2.51 8.22
CA ALA C 149 -11.24 3.43 7.09
C ALA C 149 -12.64 3.78 6.56
N PRO C 150 -13.58 2.85 6.39
CA PRO C 150 -14.94 3.26 5.99
C PRO C 150 -15.60 4.24 6.95
N ALA C 151 -15.36 4.11 8.25
CA ALA C 151 -15.93 5.06 9.20
C ALA C 151 -15.37 6.46 8.99
N LEU C 152 -14.05 6.55 8.78
CA LEU C 152 -13.43 7.83 8.48
C LEU C 152 -13.97 8.40 7.17
N ARG C 153 -14.19 7.53 6.18
CA ARG C 153 -14.76 7.99 4.91
C ARG C 153 -16.15 8.55 5.11
N ARG C 154 -16.98 7.89 5.92
CA ARG C 154 -18.32 8.38 6.19
C ARG C 154 -18.27 9.72 6.90
N ALA C 155 -17.41 9.85 7.90
CA ALA C 155 -17.29 11.12 8.63
C ALA C 155 -16.82 12.23 7.70
N LEU C 156 -15.85 11.94 6.84
CA LEU C 156 -15.36 12.94 5.89
C LEU C 156 -16.44 13.32 4.89
N GLU C 157 -17.23 12.35 4.45
CA GLU C 157 -18.30 12.65 3.50
C GLU C 157 -19.35 13.56 4.12
N ASN C 158 -19.75 13.27 5.36
CA ASN C 158 -20.72 14.13 6.03
C ASN C 158 -20.15 15.52 6.26
N ALA C 159 -18.87 15.61 6.68
CA ALA C 159 -18.25 16.91 6.89
C ALA C 159 -18.18 17.71 5.58
N LEU C 160 -17.82 17.05 4.49
CA LEU C 160 -17.75 17.75 3.20
C LEU C 160 -19.12 18.21 2.74
N ILE C 161 -20.15 17.39 2.94
CA ILE C 161 -21.49 17.79 2.56
C ILE C 161 -21.95 18.98 3.38
N HIS C 162 -21.67 18.98 4.69
CA HIS C 162 -22.10 20.08 5.55
C HIS C 162 -21.35 21.36 5.21
N ARG C 163 -20.02 21.28 5.08
CA ARG C 163 -19.22 22.47 4.81
C ARG C 163 -19.39 22.95 3.38
N HIS C 164 -19.40 22.02 2.41
CA HIS C 164 -19.58 22.29 0.99
C HIS C 164 -18.53 23.26 0.46
N PRO C 165 -17.26 22.88 0.42
CA PRO C 165 -16.25 23.76 -0.19
C PRO C 165 -16.41 23.82 -1.70
N ASP C 166 -15.98 24.94 -2.28
CA ASP C 166 -16.07 25.11 -3.73
C ASP C 166 -15.20 24.10 -4.46
N VAL C 167 -13.99 23.87 -3.96
CA VAL C 167 -13.07 22.92 -4.57
C VAL C 167 -12.18 22.35 -3.48
N PHE C 168 -11.79 21.08 -3.65
CA PHE C 168 -10.96 20.36 -2.69
C PHE C 168 -9.62 20.07 -3.35
N PHE C 169 -8.64 20.93 -3.11
CA PHE C 169 -7.34 20.81 -3.75
C PHE C 169 -6.57 19.64 -3.18
N VAL C 170 -5.96 18.85 -4.06
CA VAL C 170 -5.08 17.76 -3.68
C VAL C 170 -3.77 17.96 -4.43
N ASP C 171 -2.74 18.43 -3.72
CA ASP C 171 -1.43 18.64 -4.30
C ASP C 171 -0.61 17.36 -4.26
N GLU C 172 0.39 17.29 -5.14
CA GLU C 172 1.24 16.10 -5.29
C GLU C 172 0.38 14.86 -5.52
N ALA C 173 -0.52 14.94 -6.49
CA ALA C 173 -1.46 13.87 -6.76
C ALA C 173 -0.81 12.63 -7.35
N GLN C 174 0.47 12.70 -7.74
CA GLN C 174 1.14 11.52 -8.30
C GLN C 174 1.27 10.41 -7.28
N HIS C 175 1.19 10.75 -5.99
CA HIS C 175 1.34 9.74 -4.94
C HIS C 175 0.16 8.78 -4.90
N PHE C 176 -0.91 9.07 -5.63
CA PHE C 176 -2.04 8.16 -5.74
C PHE C 176 -1.69 6.90 -6.53
N GLY C 177 -0.59 6.91 -7.28
CA GLY C 177 -0.18 5.78 -8.10
C GLY C 177 0.63 4.72 -7.38
N LYS C 178 0.89 4.87 -6.09
CA LYS C 178 1.63 3.87 -5.33
C LYS C 178 0.66 2.74 -4.96
N VAL C 179 0.61 1.73 -5.83
CA VAL C 179 -0.29 0.59 -5.67
C VAL C 179 0.50 -0.69 -5.91
N ALA C 180 -0.13 -1.81 -5.55
CA ALA C 180 0.48 -3.12 -5.74
C ALA C 180 -0.03 -3.85 -6.97
N SER C 181 -1.17 -3.45 -7.52
CA SER C 181 -1.75 -4.08 -8.69
C SER C 181 -2.05 -3.02 -9.76
N GLY C 182 -1.96 -3.42 -11.02
CA GLY C 182 -2.22 -2.50 -12.11
C GLY C 182 -3.66 -2.03 -12.14
N TYR C 183 -4.61 -2.94 -11.94
CA TYR C 183 -6.03 -2.55 -11.93
C TYR C 183 -6.34 -1.68 -10.72
N LYS C 184 -5.59 -1.85 -9.63
CA LYS C 184 -5.77 -1.01 -8.46
C LYS C 184 -5.50 0.45 -8.76
N LEU C 185 -4.70 0.75 -9.80
CA LEU C 185 -4.48 2.13 -10.21
C LEU C 185 -5.79 2.77 -10.67
N GLN C 186 -6.58 2.03 -11.46
CA GLN C 186 -7.91 2.51 -11.84
C GLN C 186 -8.86 2.50 -10.64
N ASP C 187 -8.71 1.51 -9.76
CA ASP C 187 -9.59 1.42 -8.59
C ASP C 187 -9.43 2.62 -7.66
N GLN C 188 -8.20 3.14 -7.52
CA GLN C 188 -7.99 4.33 -6.70
C GLN C 188 -8.77 5.53 -7.24
N LEU C 189 -8.70 5.74 -8.56
CA LEU C 189 -9.44 6.84 -9.16
C LEU C 189 -10.94 6.59 -9.09
N ASP C 190 -11.38 5.33 -9.15
CA ASP C 190 -12.79 5.03 -8.95
C ASP C 190 -13.24 5.38 -7.55
N CYS C 191 -12.42 5.08 -6.55
CA CYS C 191 -12.74 5.47 -5.18
C CYS C 191 -12.83 6.99 -5.04
N LEU C 192 -11.88 7.71 -5.65
CA LEU C 192 -11.95 9.17 -5.62
C LEU C 192 -13.21 9.69 -6.31
N LYS C 193 -13.58 9.07 -7.44
CA LYS C 193 -14.77 9.48 -8.15
C LYS C 193 -16.02 9.26 -7.32
N SER C 194 -16.10 8.12 -6.63
CA SER C 194 -17.24 7.86 -5.75
C SER C 194 -17.30 8.88 -4.61
N LEU C 195 -16.13 9.19 -4.03
CA LEU C 195 -16.08 10.19 -2.97
C LEU C 195 -16.58 11.54 -3.46
N ALA C 196 -16.16 11.95 -4.65
CA ALA C 196 -16.59 13.23 -5.19
C ALA C 196 -18.06 13.21 -5.59
N ASN C 197 -18.56 12.06 -6.05
CA ASN C 197 -19.95 11.95 -6.47
C ASN C 197 -20.89 12.04 -5.29
N MET C 198 -20.60 11.30 -4.23
CA MET C 198 -21.52 11.22 -3.09
C MET C 198 -21.47 12.45 -2.20
N THR C 199 -20.55 13.38 -2.44
CA THR C 199 -20.55 14.65 -1.73
C THR C 199 -20.72 15.85 -2.65
N GLY C 200 -20.56 15.67 -3.97
CA GLY C 200 -20.69 16.77 -4.90
C GLY C 200 -19.65 17.85 -4.73
N ILE C 201 -18.41 17.48 -4.43
CA ILE C 201 -17.32 18.42 -4.21
C ILE C 201 -16.31 18.27 -5.34
N LEU C 202 -15.99 19.37 -6.00
CA LEU C 202 -15.05 19.35 -7.11
C LEU C 202 -13.65 19.06 -6.59
N HIS C 203 -12.97 18.09 -7.20
CA HIS C 203 -11.63 17.69 -6.82
C HIS C 203 -10.66 18.14 -7.91
N CYS C 204 -9.61 18.86 -7.51
CA CYS C 204 -8.57 19.31 -8.43
C CYS C 204 -7.28 18.58 -8.09
N LEU C 205 -6.73 17.87 -9.07
CA LEU C 205 -5.49 17.13 -8.90
C LEU C 205 -4.36 17.88 -9.58
N LEU C 206 -3.34 18.26 -8.82
CA LEU C 206 -2.15 18.90 -9.33
C LEU C 206 -0.98 17.96 -9.18
N GLY C 207 -0.27 17.70 -10.27
CA GLY C 207 0.84 16.76 -10.22
C GLY C 207 1.74 16.90 -11.43
N THR C 208 2.84 16.14 -11.39
CA THR C 208 3.82 16.14 -12.46
C THR C 208 3.28 15.32 -13.63
N TYR C 209 4.12 15.12 -14.65
CA TYR C 209 3.68 14.43 -15.85
C TYR C 209 3.47 12.94 -15.64
N GLU C 210 3.88 12.40 -14.49
CA GLU C 210 3.60 11.00 -14.21
C GLU C 210 2.14 10.81 -13.81
N LEU C 211 1.41 11.91 -13.60
CA LEU C 211 -0.04 11.84 -13.43
C LEU C 211 -0.76 11.41 -14.70
N LEU C 212 -0.06 11.37 -15.83
CA LEU C 212 -0.68 10.96 -17.09
C LEU C 212 -1.15 9.52 -17.06
N THR C 213 -0.68 8.73 -16.09
CA THR C 213 -1.21 7.38 -15.91
C THR C 213 -2.68 7.39 -15.51
N PHE C 214 -3.20 8.53 -15.05
CA PHE C 214 -4.59 8.69 -14.67
C PHE C 214 -5.41 9.37 -15.76
N ARG C 215 -4.84 9.57 -16.95
CA ARG C 215 -5.47 10.42 -17.95
C ARG C 215 -6.74 9.79 -18.51
N ASN C 216 -6.62 8.64 -19.16
CA ASN C 216 -7.74 7.97 -19.79
C ASN C 216 -7.86 6.56 -19.25
N LEU C 217 -8.89 6.31 -18.45
CA LEU C 217 -9.16 4.98 -17.90
C LEU C 217 -10.62 4.94 -17.49
N SER C 218 -11.38 4.03 -18.09
CA SER C 218 -12.85 3.97 -17.99
C SER C 218 -13.49 5.20 -18.60
N GLY C 219 -14.55 5.01 -19.37
CA GLY C 219 -15.23 6.14 -19.98
C GLY C 219 -15.79 7.10 -18.95
N GLN C 220 -16.42 6.57 -17.92
CA GLN C 220 -17.02 7.43 -16.89
C GLN C 220 -16.02 8.44 -16.38
N LEU C 221 -14.99 7.96 -15.70
CA LEU C 221 -13.97 8.84 -15.17
C LEU C 221 -13.65 9.91 -16.20
N SER C 222 -13.24 9.47 -17.39
CA SER C 222 -12.92 10.42 -18.45
C SER C 222 -13.96 11.50 -18.57
N ARG C 223 -15.21 11.12 -18.80
CA ARG C 223 -16.27 12.11 -18.99
C ARG C 223 -16.21 13.21 -17.94
N ARG C 224 -15.93 12.86 -16.68
CA ARG C 224 -15.98 13.80 -15.57
C ARG C 224 -14.61 14.31 -15.16
N SER C 225 -13.67 14.36 -16.09
CA SER C 225 -12.33 14.89 -15.82
C SER C 225 -12.01 16.00 -16.82
N VAL C 226 -11.43 17.08 -16.32
CA VAL C 226 -11.03 18.22 -17.13
C VAL C 226 -9.51 18.29 -17.10
N ASP C 227 -8.89 18.29 -18.29
CA ASP C 227 -7.44 18.28 -18.42
C ASP C 227 -6.95 19.71 -18.64
N ILE C 228 -6.11 20.19 -17.72
CA ILE C 228 -5.44 21.48 -17.87
C ILE C 228 -3.95 21.21 -17.94
N HIS C 229 -3.31 21.70 -19.01
CA HIS C 229 -1.89 21.47 -19.24
C HIS C 229 -1.14 22.75 -18.94
N PHE C 230 -0.29 22.71 -17.91
CA PHE C 230 0.57 23.83 -17.56
C PHE C 230 1.87 23.70 -18.36
N ARG C 231 1.77 24.00 -19.64
CA ARG C 231 2.89 23.78 -20.55
C ARG C 231 4.03 24.75 -20.24
N ARG C 232 5.25 24.29 -20.49
CA ARG C 232 6.45 25.09 -20.36
C ARG C 232 6.67 25.92 -21.62
N TYR C 233 7.67 26.79 -21.57
CA TYR C 233 8.03 27.62 -22.71
C TYR C 233 9.03 26.86 -23.57
N CYS C 234 8.59 26.44 -24.75
CA CYS C 234 9.45 25.72 -25.66
C CYS C 234 10.43 26.69 -26.35
N ALA C 235 11.50 26.12 -26.90
CA ALA C 235 12.48 26.91 -27.63
C ALA C 235 12.22 26.96 -29.13
N ASP C 236 11.51 25.97 -29.67
CA ASP C 236 11.28 25.95 -31.11
C ASP C 236 10.41 27.12 -31.55
N SER C 237 9.37 27.43 -30.80
CA SER C 237 8.46 28.51 -31.16
C SER C 237 9.06 29.85 -30.75
N PRO C 238 9.24 30.79 -31.68
CA PRO C 238 9.80 32.10 -31.30
C PRO C 238 8.97 32.85 -30.26
N GLU C 239 7.65 32.67 -30.25
CA GLU C 239 6.81 33.39 -29.30
C GLU C 239 7.13 33.00 -27.85
N ASP C 240 7.33 31.71 -27.60
CA ASP C 240 7.69 31.26 -26.27
C ASP C 240 9.07 31.80 -25.87
N VAL C 241 10.00 31.85 -26.83
CA VAL C 241 11.32 32.42 -26.57
C VAL C 241 11.19 33.89 -26.18
N GLN C 242 10.35 34.64 -26.89
CA GLN C 242 10.14 36.04 -26.56
C GLN C 242 9.51 36.20 -25.18
N ALA C 243 8.55 35.34 -24.84
CA ALA C 243 7.95 35.39 -23.52
C ALA C 243 8.97 35.09 -22.43
N PHE C 244 9.82 34.09 -22.65
CA PHE C 244 10.86 33.77 -21.68
C PHE C 244 11.85 34.92 -21.52
N LYS C 245 12.21 35.56 -22.64
CA LYS C 245 13.09 36.73 -22.56
C LYS C 245 12.44 37.88 -21.81
N SER C 246 11.14 38.08 -22.00
CA SER C 246 10.44 39.12 -21.25
C SER C 246 10.43 38.81 -19.75
N VAL C 247 10.23 37.54 -19.41
CA VAL C 247 10.28 37.13 -18.00
C VAL C 247 11.68 37.37 -17.43
N LEU C 248 12.71 37.03 -18.18
CA LEU C 248 14.08 37.29 -17.75
C LEU C 248 14.32 38.79 -17.56
N LEU C 249 13.81 39.61 -18.48
CA LEU C 249 14.00 41.04 -18.41
C LEU C 249 13.33 41.63 -17.18
N THR C 250 12.08 41.22 -16.90
CA THR C 250 11.43 41.75 -15.70
C THR C 250 12.06 41.20 -14.42
N PHE C 251 12.61 39.99 -14.45
CA PHE C 251 13.34 39.47 -13.29
C PHE C 251 14.59 40.30 -13.02
N GLN C 252 15.36 40.61 -14.07
CA GLN C 252 16.56 41.41 -13.86
C GLN C 252 16.20 42.84 -13.47
N GLN C 253 15.05 43.33 -13.94
CA GLN C 253 14.57 44.62 -13.46
C GLN C 253 14.19 44.57 -11.99
N HIS C 254 13.70 43.43 -11.53
CA HIS C 254 13.24 43.28 -10.15
C HIS C 254 14.31 42.72 -9.22
N LEU C 255 15.55 42.60 -9.68
CA LEU C 255 16.63 42.13 -8.81
C LEU C 255 17.12 43.30 -7.96
N PRO C 256 16.96 43.25 -6.64
CA PRO C 256 17.42 44.38 -5.80
C PRO C 256 18.93 44.44 -5.66
N LEU C 257 19.60 44.98 -6.67
CA LEU C 257 21.04 45.16 -6.66
C LEU C 257 21.37 46.61 -7.00
N ALA C 258 22.57 47.04 -6.59
CA ALA C 258 23.00 48.39 -6.92
C ALA C 258 23.12 48.58 -8.43
N GLU C 259 23.62 47.56 -9.13
CA GLU C 259 23.70 47.55 -10.59
C GLU C 259 22.82 46.43 -11.12
N THR C 260 21.97 46.77 -12.09
CA THR C 260 21.12 45.75 -12.71
C THR C 260 21.92 45.00 -13.76
N PRO C 261 22.04 43.67 -13.64
CA PRO C 261 22.86 42.92 -14.59
C PRO C 261 22.14 42.74 -15.93
N ASN C 262 22.85 42.15 -16.88
CA ASN C 262 22.30 41.81 -18.19
C ASN C 262 22.01 40.32 -18.18
N LEU C 263 20.73 39.95 -18.26
CA LEU C 263 20.31 38.56 -18.23
C LEU C 263 19.76 38.06 -19.55
N VAL C 264 19.23 38.96 -20.39
CA VAL C 264 18.74 38.53 -21.70
C VAL C 264 19.87 38.01 -22.56
N ASP C 265 21.10 38.49 -22.33
CA ASP C 265 22.24 38.04 -23.13
C ASP C 265 22.44 36.53 -22.99
N HIS C 266 22.48 36.03 -21.76
CA HIS C 266 22.62 34.60 -21.52
C HIS C 266 21.27 33.92 -21.35
N TRP C 267 20.37 34.16 -22.31
CA TRP C 267 19.07 33.50 -22.25
C TRP C 267 19.17 32.03 -22.62
N GLU C 268 20.10 31.67 -23.50
CA GLU C 268 20.30 30.28 -23.87
C GLU C 268 20.74 29.44 -22.67
N TYR C 269 21.64 30.00 -21.88
CA TYR C 269 22.12 29.30 -20.69
C TYR C 269 20.99 29.07 -19.72
N PHE C 270 20.32 30.15 -19.30
CA PHE C 270 19.19 30.02 -18.41
C PHE C 270 18.30 28.90 -18.89
N TYR C 271 17.80 29.02 -20.11
CA TYR C 271 16.94 27.99 -20.66
C TYR C 271 17.55 26.62 -20.44
N GLU C 272 18.75 26.41 -20.94
CA GLU C 272 19.41 25.12 -20.80
C GLU C 272 19.30 24.59 -19.37
N ARG C 273 19.48 25.47 -18.38
CA ARG C 273 19.47 25.04 -16.99
C ARG C 273 18.10 25.20 -16.32
N THR C 274 17.08 25.63 -17.05
CA THR C 274 15.73 25.71 -16.51
C THR C 274 14.66 25.04 -17.36
N LEU C 275 14.93 24.77 -18.64
CA LEU C 275 13.98 24.13 -19.56
C LEU C 275 12.71 24.95 -19.73
N GLY C 276 12.77 26.26 -19.43
CA GLY C 276 11.64 27.13 -19.58
C GLY C 276 10.72 27.22 -18.40
N CYS C 277 10.93 26.40 -17.36
CA CYS C 277 10.09 26.46 -16.18
C CYS C 277 10.36 27.75 -15.42
N ILE C 278 9.29 28.48 -15.11
CA ILE C 278 9.45 29.77 -14.44
C ILE C 278 9.89 29.58 -13.00
N GLY C 279 9.42 28.52 -12.33
CA GLY C 279 9.84 28.28 -10.96
C GLY C 279 11.32 27.99 -10.84
N THR C 280 11.86 27.20 -11.78
CA THR C 280 13.30 26.91 -11.76
C THR C 280 14.11 28.18 -11.95
N LEU C 281 13.70 29.04 -12.90
CA LEU C 281 14.39 30.31 -13.08
C LEU C 281 14.29 31.16 -11.83
N LYS C 282 13.12 31.19 -11.20
CA LYS C 282 12.91 32.01 -10.03
C LYS C 282 13.81 31.59 -8.88
N ASP C 283 13.85 30.29 -8.58
CA ASP C 283 14.67 29.85 -7.46
C ASP C 283 16.16 29.87 -7.78
N TRP C 284 16.54 29.67 -9.05
CA TRP C 284 17.94 29.82 -9.43
C TRP C 284 18.39 31.26 -9.22
N LEU C 285 17.57 32.23 -9.65
CA LEU C 285 17.89 33.62 -9.41
C LEU C 285 17.88 33.95 -7.92
N LYS C 286 17.00 33.29 -7.15
CA LYS C 286 17.00 33.46 -5.70
C LYS C 286 18.33 33.02 -5.11
N ARG C 287 18.85 31.88 -5.54
CA ARG C 287 20.14 31.40 -5.06
C ARG C 287 21.26 32.36 -5.43
N VAL C 288 21.27 32.81 -6.69
CA VAL C 288 22.33 33.72 -7.14
C VAL C 288 22.27 35.03 -6.36
N LEU C 289 21.07 35.56 -6.16
CA LEU C 289 20.91 36.81 -5.43
C LEU C 289 21.31 36.65 -3.97
N SER C 290 21.00 35.51 -3.36
CA SER C 290 21.42 35.26 -1.98
C SER C 290 22.93 35.23 -1.88
N ASP C 291 23.60 34.56 -2.84
CA ASP C 291 25.05 34.55 -2.84
C ASP C 291 25.61 35.96 -3.00
N ALA C 292 25.04 36.75 -3.91
CA ALA C 292 25.51 38.11 -4.12
C ALA C 292 25.34 38.96 -2.87
N LEU C 293 24.19 38.85 -2.21
CA LEU C 293 23.95 39.61 -0.99
C LEU C 293 24.87 39.17 0.14
N ASP C 294 25.19 37.88 0.21
CA ASP C 294 26.16 37.41 1.20
C ASP C 294 27.54 37.99 0.92
N ARG C 295 27.93 38.08 -0.35
CA ARG C 295 29.21 38.67 -0.71
C ARG C 295 29.15 40.20 -0.82
N GLU C 296 27.97 40.80 -0.67
CA GLU C 296 27.79 42.24 -0.78
C GLU C 296 28.30 42.77 -2.12
N ALA C 297 28.11 41.97 -3.17
CA ALA C 297 28.56 42.33 -4.51
C ALA C 297 27.49 43.13 -5.22
N THR C 298 27.87 44.27 -5.78
CA THR C 298 26.89 45.12 -6.46
C THR C 298 26.11 44.44 -7.57
N THR C 299 26.67 43.38 -8.16
CA THR C 299 26.00 42.74 -9.29
C THR C 299 26.26 41.25 -9.43
N ILE C 300 25.73 40.68 -10.50
CA ILE C 300 25.80 39.24 -10.74
C ILE C 300 26.70 38.93 -11.93
N THR C 301 27.37 37.78 -11.87
CA THR C 301 28.20 37.32 -12.97
C THR C 301 27.79 35.94 -13.41
N LEU C 302 28.15 35.56 -14.63
CA LEU C 302 27.81 34.24 -15.14
C LEU C 302 28.37 33.21 -14.20
N LYS C 303 29.59 33.42 -13.72
CA LYS C 303 30.17 32.50 -12.78
C LYS C 303 29.18 32.22 -11.68
N ASP C 304 28.69 33.26 -11.04
CA ASP C 304 27.72 33.10 -9.95
C ASP C 304 26.54 32.25 -10.40
N LEU C 305 26.08 32.44 -11.64
CA LEU C 305 25.04 31.58 -12.19
C LEU C 305 25.53 30.14 -12.27
N GLN C 306 26.78 29.95 -12.69
CA GLN C 306 27.34 28.60 -12.81
C GLN C 306 27.50 27.93 -11.44
N LYS C 307 27.64 28.73 -10.38
CA LYS C 307 27.82 28.16 -9.05
C LYS C 307 26.57 27.42 -8.59
N ARG C 308 25.40 28.05 -8.73
CA ARG C 308 24.15 27.49 -8.24
C ARG C 308 23.24 27.02 -9.37
N ALA C 309 23.80 26.66 -10.52
CA ALA C 309 22.99 26.13 -11.60
C ALA C 309 22.59 24.69 -11.30
N LEU C 310 21.91 24.08 -12.25
CA LEU C 310 21.52 22.67 -12.14
C LEU C 310 22.45 21.81 -12.98
N SER C 311 22.76 20.63 -12.46
CA SER C 311 23.68 19.73 -13.14
C SER C 311 23.10 19.27 -14.47
N VAL C 312 23.98 18.96 -15.41
CA VAL C 312 23.55 18.48 -16.72
C VAL C 312 22.77 17.19 -16.59
N ALA C 313 23.23 16.30 -15.69
CA ALA C 313 22.51 15.05 -15.46
C ALA C 313 21.12 15.32 -14.90
N GLN C 314 20.99 16.31 -14.02
CA GLN C 314 19.67 16.66 -13.48
C GLN C 314 18.74 17.15 -14.58
N CYS C 315 19.23 18.08 -15.41
CA CYS C 315 18.37 18.64 -16.45
C CYS C 315 18.10 17.64 -17.56
N GLN C 316 19.04 16.73 -17.83
CA GLN C 316 18.82 15.73 -18.86
C GLN C 316 17.68 14.79 -18.47
N LYS C 317 17.60 14.42 -17.18
CA LYS C 317 16.49 13.61 -16.72
C LYS C 317 15.18 14.40 -16.77
N MET C 318 15.23 15.70 -16.50
CA MET C 318 14.05 16.56 -16.62
C MET C 318 13.46 16.47 -18.01
N PHE C 319 14.27 16.71 -19.04
CA PHE C 319 13.75 16.81 -20.39
C PHE C 319 13.23 15.48 -20.90
N LYS C 320 13.79 14.37 -20.40
CA LYS C 320 13.30 13.05 -20.78
C LYS C 320 11.86 12.85 -20.32
N GLU C 321 11.55 13.26 -19.09
CA GLU C 321 10.18 13.13 -18.59
C GLU C 321 9.26 14.16 -19.22
N ILE C 322 9.76 15.38 -19.43
CA ILE C 322 8.94 16.42 -20.07
C ILE C 322 8.66 16.04 -21.51
N GLN C 323 9.65 15.48 -22.21
CA GLN C 323 9.45 15.07 -23.60
C GLN C 323 8.35 14.01 -23.71
N GLU C 324 8.38 13.03 -22.80
CA GLU C 324 7.35 11.99 -22.82
C GLU C 324 6.00 12.54 -22.36
N GLY C 325 6.00 13.47 -21.41
CA GLY C 325 4.73 14.04 -20.96
C GLY C 325 4.03 14.83 -22.03
N GLU C 326 4.78 15.67 -22.76
CA GLU C 326 4.18 16.45 -23.82
C GLU C 326 3.83 15.59 -25.03
N ARG C 327 4.62 14.54 -25.29
CA ARG C 327 4.30 13.64 -26.39
C ARG C 327 2.97 12.93 -26.17
N GLN C 328 2.71 12.49 -24.93
CA GLN C 328 1.46 11.81 -24.64
C GLN C 328 0.28 12.77 -24.67
N LEU C 329 0.51 14.05 -24.36
CA LEU C 329 -0.54 15.05 -24.32
C LEU C 329 -0.71 15.80 -25.64
N SER C 330 0.00 15.37 -26.68
CA SER C 330 -0.04 16.05 -27.97
C SER C 330 -1.35 15.73 -28.68
N GLU C 331 -2.17 16.76 -28.90
CA GLU C 331 -3.43 16.63 -29.63
C GLU C 331 -3.24 17.23 -31.01
N THR C 332 -3.35 16.40 -32.04
CA THR C 332 -3.14 16.81 -33.42
C THR C 332 -4.46 16.75 -34.19
N GLU C 333 -4.51 17.47 -35.31
CA GLU C 333 -5.68 17.43 -36.17
C GLU C 333 -5.88 16.05 -36.78
N ALA C 334 -4.80 15.27 -36.91
CA ALA C 334 -4.94 13.91 -37.39
C ALA C 334 -5.75 13.06 -36.42
N ASP C 335 -5.59 13.29 -35.12
CA ASP C 335 -6.34 12.53 -34.12
C ASP C 335 -7.84 12.75 -34.28
N VAL C 336 -8.25 13.98 -34.61
CA VAL C 336 -9.67 14.26 -34.84
C VAL C 336 -10.18 13.48 -36.05
N GLN C 337 -9.32 13.29 -37.06
CA GLN C 337 -9.74 12.59 -38.27
C GLN C 337 -10.15 11.15 -37.95
N ASN C 338 -9.38 10.46 -37.12
CA ASN C 338 -9.76 9.09 -36.74
C ASN C 338 -11.05 9.09 -35.94
N LEU C 339 -11.23 10.08 -35.06
CA LEU C 339 -12.45 10.14 -34.25
C LEU C 339 -13.68 10.30 -35.14
N ARG C 340 -13.61 11.21 -36.12
CA ARG C 340 -14.71 11.36 -37.06
C ARG C 340 -14.86 10.12 -37.93
N SER C 341 -13.74 9.53 -38.35
CA SER C 341 -13.81 8.31 -39.14
C SER C 341 -14.41 7.17 -38.33
N ALA C 342 -14.01 7.04 -37.07
CA ALA C 342 -14.59 6.01 -36.22
C ALA C 342 -16.07 6.26 -35.96
N LEU C 343 -16.44 7.52 -35.75
CA LEU C 343 -17.84 7.87 -35.53
C LEU C 343 -18.67 7.82 -36.81
N GLY C 344 -18.05 7.67 -37.96
CA GLY C 344 -18.76 7.65 -39.22
C GLY C 344 -19.18 9.00 -39.74
N LEU C 345 -18.59 10.08 -39.23
CA LEU C 345 -18.94 11.43 -39.64
C LEU C 345 -18.00 11.99 -40.69
N GLY C 346 -17.06 11.20 -41.19
CA GLY C 346 -16.11 11.69 -42.17
C GLY C 346 -16.75 11.92 -43.52
N SER D 4 54.45 28.99 17.17
CA SER D 4 54.88 27.84 16.40
C SER D 4 53.74 27.29 15.54
N THR D 5 54.08 26.81 14.35
CA THR D 5 53.10 26.24 13.43
C THR D 5 52.85 24.76 13.67
N GLY D 6 53.60 24.13 14.57
CA GLY D 6 53.41 22.73 14.86
C GLY D 6 52.81 22.47 16.23
N PHE D 7 52.98 21.26 16.73
CA PHE D 7 52.45 20.92 18.05
C PHE D 7 53.21 21.70 19.14
N PRO D 8 52.52 22.10 20.21
CA PRO D 8 53.20 22.76 21.32
C PRO D 8 54.25 21.85 21.95
N LEU D 9 55.38 22.46 22.35
CA LEU D 9 56.49 21.68 22.87
C LEU D 9 56.24 21.18 24.28
N GLU D 10 55.39 21.87 25.05
CA GLU D 10 55.17 21.50 26.44
C GLU D 10 54.44 20.17 26.59
N LEU D 11 53.87 19.64 25.50
CA LEU D 11 53.20 18.35 25.58
C LEU D 11 54.17 17.20 25.87
N LEU D 12 55.47 17.40 25.62
CA LEU D 12 56.43 16.33 25.84
C LEU D 12 56.51 15.94 27.31
N THR D 13 56.50 16.92 28.21
CA THR D 13 56.55 16.61 29.64
C THR D 13 55.29 15.89 30.12
N ARG D 14 54.13 16.28 29.61
CA ARG D 14 52.87 15.63 29.92
C ARG D 14 52.84 14.23 29.29
N PRO D 15 52.08 13.30 29.86
CA PRO D 15 52.19 11.90 29.45
C PRO D 15 51.56 11.64 28.08
N ALA D 16 51.63 10.38 27.67
CA ALA D 16 51.25 9.99 26.31
C ALA D 16 49.75 10.15 26.07
N THR D 17 48.93 9.91 27.09
CA THR D 17 47.48 9.93 26.88
C THR D 17 47.00 11.28 26.40
N GLU D 18 47.50 12.37 26.99
CA GLU D 18 47.05 13.70 26.58
C GLU D 18 47.59 14.04 25.19
N ARG D 19 48.76 13.51 24.83
CA ARG D 19 49.27 13.71 23.47
C ARG D 19 48.37 13.03 22.44
N LEU D 20 47.94 11.80 22.73
CA LEU D 20 47.01 11.12 21.85
C LEU D 20 45.68 11.86 21.78
N ALA D 21 45.22 12.37 22.93
CA ALA D 21 43.98 13.15 22.94
C ALA D 21 44.12 14.41 22.09
N TYR D 22 45.25 15.10 22.19
CA TYR D 22 45.49 16.29 21.38
C TYR D 22 45.49 15.95 19.90
N PHE D 23 46.12 14.84 19.53
CA PHE D 23 46.14 14.47 18.10
C PHE D 23 44.76 14.09 17.61
N GLU D 24 43.96 13.41 18.44
CA GLU D 24 42.59 13.09 18.04
C GLU D 24 41.76 14.34 17.87
N ASN D 25 41.86 15.27 18.83
CA ASN D 25 41.07 16.50 18.75
C ASN D 25 41.60 17.47 17.70
N TYR D 26 42.80 17.23 17.17
CA TYR D 26 43.34 18.10 16.13
C TYR D 26 42.67 17.83 14.80
N THR D 27 42.29 18.91 14.11
CA THR D 27 41.68 18.83 12.80
C THR D 27 42.47 19.69 11.82
N VAL D 28 42.64 19.18 10.60
CA VAL D 28 43.39 19.86 9.57
C VAL D 28 42.42 20.44 8.55
N ALA D 29 42.86 21.50 7.87
CA ALA D 29 42.06 22.16 6.85
C ALA D 29 42.74 21.98 5.50
N HIS D 30 42.01 21.43 4.54
CA HIS D 30 42.54 21.20 3.20
C HIS D 30 41.53 21.70 2.17
N PRO D 31 42.00 22.08 0.98
CA PRO D 31 41.13 22.86 0.07
C PRO D 31 39.79 22.22 -0.25
N ARG D 32 39.76 20.89 -0.47
CA ARG D 32 38.50 20.25 -0.80
C ARG D 32 37.51 20.35 0.36
N LEU D 33 37.98 20.14 1.59
CA LEU D 33 37.10 20.22 2.75
C LEU D 33 36.50 21.61 2.87
N LYS D 34 37.33 22.65 2.75
CA LYS D 34 36.82 24.01 2.91
C LYS D 34 35.89 24.40 1.78
N GLU D 35 36.19 23.95 0.56
CA GLU D 35 35.32 24.26 -0.58
C GLU D 35 33.95 23.60 -0.40
N VAL D 36 33.94 22.31 -0.05
CA VAL D 36 32.67 21.62 0.15
C VAL D 36 31.93 22.21 1.34
N TYR D 37 32.67 22.62 2.38
CA TYR D 37 32.04 23.22 3.55
C TYR D 37 31.36 24.53 3.20
N GLU D 38 32.02 25.39 2.43
CA GLU D 38 31.40 26.66 2.07
C GLU D 38 30.23 26.46 1.12
N ILE D 39 30.32 25.49 0.20
CA ILE D 39 29.20 25.20 -0.69
C ILE D 39 28.00 24.71 0.11
N LEU D 40 28.24 23.79 1.05
CA LEU D 40 27.16 23.25 1.87
C LEU D 40 26.55 24.32 2.76
N MET D 41 27.38 25.21 3.32
CA MET D 41 26.85 26.28 4.15
C MET D 41 26.01 27.24 3.32
N ARG D 42 26.45 27.56 2.10
CA ARG D 42 25.66 28.42 1.24
C ARG D 42 24.32 27.77 0.89
N THR D 43 24.34 26.47 0.60
CA THR D 43 23.10 25.77 0.28
C THR D 43 22.16 25.71 1.48
N ILE D 44 22.70 25.49 2.67
CA ILE D 44 21.88 25.39 3.87
C ILE D 44 21.29 26.76 4.23
N ALA D 45 22.07 27.83 4.03
CA ALA D 45 21.60 29.17 4.37
C ALA D 45 20.30 29.51 3.65
N GLU D 46 20.11 28.98 2.45
CA GLU D 46 18.86 29.16 1.73
C GLU D 46 18.68 28.02 0.73
N PRO D 47 17.60 27.24 0.86
CA PRO D 47 17.39 26.11 -0.05
C PRO D 47 16.81 26.52 -1.39
N ALA D 48 15.93 27.52 -1.38
CA ALA D 48 15.26 28.03 -2.58
C ALA D 48 14.53 26.90 -3.31
N GLY D 49 13.54 26.33 -2.63
CA GLY D 49 12.72 25.30 -3.24
C GLY D 49 13.39 23.95 -3.35
N ALA D 50 14.53 23.76 -2.71
CA ALA D 50 15.23 22.49 -2.71
C ALA D 50 15.00 21.78 -1.39
N SER D 51 14.80 20.46 -1.45
CA SER D 51 14.58 19.66 -0.26
C SER D 51 15.63 18.60 -0.01
N PHE D 52 16.58 18.40 -0.93
CA PHE D 52 17.59 17.36 -0.80
C PHE D 52 18.96 17.92 -1.16
N ILE D 53 19.97 17.49 -0.40
CA ILE D 53 21.38 17.68 -0.76
C ILE D 53 22.01 16.30 -0.75
N PHE D 54 22.48 15.85 -1.91
CA PHE D 54 23.12 14.54 -2.04
C PHE D 54 24.62 14.75 -2.03
N VAL D 55 25.22 14.63 -0.84
CA VAL D 55 26.67 14.74 -0.72
C VAL D 55 27.27 13.35 -0.81
N TYR D 56 28.08 13.12 -1.84
CA TYR D 56 28.73 11.84 -2.04
C TYR D 56 30.18 11.92 -1.59
N GLY D 57 30.91 10.84 -1.79
CA GLY D 57 32.31 10.79 -1.43
C GLY D 57 32.73 9.40 -1.02
N ALA D 58 34.03 9.18 -1.00
CA ALA D 58 34.60 7.91 -0.59
C ALA D 58 34.35 7.68 0.90
N SER D 59 34.79 6.52 1.36
CA SER D 59 34.75 6.25 2.79
C SER D 59 36.18 6.47 3.21
N GLY D 60 36.42 7.33 4.19
CA GLY D 60 37.77 7.64 4.66
C GLY D 60 38.09 9.07 4.39
N VAL D 61 37.09 9.91 4.14
CA VAL D 61 37.38 11.29 3.75
C VAL D 61 37.15 12.38 4.78
N GLY D 62 35.90 12.63 5.18
CA GLY D 62 35.64 13.75 6.06
C GLY D 62 34.18 14.16 6.09
N LYS D 63 33.31 13.30 5.59
CA LYS D 63 31.88 13.63 5.52
C LYS D 63 31.29 13.83 6.90
N THR D 64 31.57 12.90 7.83
CA THR D 64 31.04 13.03 9.18
C THR D 64 31.64 14.23 9.90
N THR D 65 32.94 14.46 9.74
CA THR D 65 33.58 15.62 10.34
C THR D 65 33.02 16.91 9.77
N LEU D 66 32.79 16.92 8.45
CA LEU D 66 32.17 18.08 7.82
C LEU D 66 30.78 18.33 8.40
N ARG D 67 30.00 17.26 8.60
CA ARG D 67 28.68 17.41 9.19
C ARG D 67 28.76 17.99 10.60
N LEU D 68 29.67 17.47 11.42
CA LEU D 68 29.80 17.98 12.79
C LEU D 68 30.22 19.44 12.79
N ARG D 69 31.15 19.81 11.92
CA ARG D 69 31.57 21.20 11.83
C ARG D 69 30.43 22.10 11.39
N VAL D 70 29.62 21.65 10.44
CA VAL D 70 28.47 22.44 9.99
C VAL D 70 27.47 22.63 11.13
N GLU D 71 27.19 21.54 11.87
CA GLU D 71 26.24 21.66 12.98
C GLU D 71 26.75 22.62 14.05
N GLN D 72 28.02 22.52 14.42
CA GLN D 72 28.55 23.40 15.45
C GLN D 72 28.55 24.85 14.97
N LYS D 73 28.90 25.09 13.71
CA LYS D 73 28.88 26.45 13.17
C LYS D 73 27.47 27.02 13.17
N LEU D 74 26.48 26.23 12.75
CA LEU D 74 25.12 26.73 12.72
C LEU D 74 24.58 26.98 14.13
N THR D 75 24.95 26.11 15.09
CA THR D 75 24.53 26.33 16.47
C THR D 75 25.12 27.62 17.04
N GLU D 76 26.42 27.84 16.79
CA GLU D 76 27.04 29.07 17.28
C GLU D 76 26.48 30.30 16.57
N LEU D 77 26.08 30.13 15.32
CA LEU D 77 25.51 31.22 14.56
C LEU D 77 24.12 31.51 15.07
N ALA D 78 23.30 30.47 15.16
CA ALA D 78 21.93 30.65 15.64
C ALA D 78 21.92 30.98 17.12
N LEU D 79 23.02 30.67 17.80
CA LEU D 79 23.09 30.92 19.25
C LEU D 79 22.22 32.08 19.72
N PRO D 80 22.52 33.31 19.28
CA PRO D 80 21.72 34.42 19.80
C PRO D 80 20.24 34.17 19.59
N LYS D 81 19.85 33.89 18.35
CA LYS D 81 18.46 33.60 18.07
C LYS D 81 17.91 32.63 19.10
N LEU D 82 18.56 31.49 19.25
CA LEU D 82 18.14 30.51 20.23
C LEU D 82 18.01 31.20 21.57
N GLU D 83 19.12 31.68 22.11
CA GLU D 83 19.10 32.38 23.39
C GLU D 83 17.82 33.19 23.53
N SER D 84 17.48 33.96 22.51
CA SER D 84 16.23 34.72 22.55
C SER D 84 15.06 33.80 22.30
N ASP D 85 14.35 33.97 21.19
CA ASP D 85 13.22 33.13 20.84
C ASP D 85 13.49 31.71 21.32
N ARG D 86 12.57 31.17 22.12
CA ARG D 86 12.68 29.82 22.65
C ARG D 86 12.08 28.83 21.65
N ALA D 87 12.01 27.56 22.07
CA ALA D 87 11.41 26.48 21.27
C ALA D 87 12.03 26.40 19.88
N ARG D 88 13.36 26.41 19.80
CA ARG D 88 14.07 26.42 18.53
C ARG D 88 15.24 25.45 18.64
N VAL D 89 15.39 24.58 17.67
CA VAL D 89 16.58 23.74 17.51
C VAL D 89 17.20 24.08 16.16
N PRO D 90 18.44 24.57 16.10
CA PRO D 90 19.01 25.01 14.82
C PRO D 90 19.19 23.87 13.84
N VAL D 91 19.86 22.81 14.26
CA VAL D 91 20.17 21.68 13.39
C VAL D 91 19.79 20.39 14.10
N VAL D 92 19.13 19.50 13.38
CA VAL D 92 18.89 18.14 13.83
C VAL D 92 19.67 17.22 12.89
N GLY D 93 20.65 16.50 13.44
CA GLY D 93 21.47 15.61 12.64
C GLY D 93 21.29 14.16 13.03
N ILE D 94 20.92 13.32 12.06
CA ILE D 94 20.60 11.92 12.31
C ILE D 94 21.37 11.07 11.31
N GLU D 95 21.70 9.85 11.75
CA GLU D 95 22.32 8.83 10.92
C GLU D 95 21.32 7.72 10.64
N ALA D 96 21.42 7.11 9.47
CA ALA D 96 20.51 6.03 9.11
C ALA D 96 20.88 4.75 9.83
N ILE D 97 19.92 3.82 9.89
CA ILE D 97 20.10 2.53 10.57
C ILE D 97 19.91 1.43 9.54
N ALA D 98 20.90 0.56 9.42
CA ALA D 98 20.77 -0.61 8.56
C ALA D 98 19.80 -1.60 9.19
N PRO D 99 18.74 -1.99 8.50
CA PRO D 99 17.73 -2.85 9.11
C PRO D 99 18.21 -4.29 9.25
N GLU D 100 17.68 -4.96 10.28
CA GLU D 100 17.93 -6.38 10.45
C GLU D 100 17.29 -7.17 9.31
N SER D 101 16.08 -6.78 8.90
CA SER D 101 15.40 -7.44 7.80
C SER D 101 15.88 -6.84 6.48
N ARG D 102 15.23 -7.20 5.38
CA ARG D 102 15.64 -6.77 4.05
C ARG D 102 15.01 -5.45 3.61
N TYR D 103 14.07 -4.91 4.39
CA TYR D 103 13.40 -3.66 4.05
C TYR D 103 13.70 -2.63 5.11
N PHE D 104 13.95 -1.39 4.68
CA PHE D 104 14.26 -0.31 5.62
C PHE D 104 13.07 -0.06 6.54
N ASN D 105 13.36 0.09 7.83
CA ASN D 105 12.32 0.24 8.85
C ASN D 105 12.01 1.72 9.01
N TRP D 106 10.86 2.15 8.46
CA TRP D 106 10.45 3.54 8.58
C TRP D 106 9.97 3.88 9.98
N LYS D 107 9.37 2.92 10.69
CA LYS D 107 8.92 3.17 12.05
C LYS D 107 10.09 3.50 12.97
N GLU D 108 11.19 2.74 12.84
CA GLU D 108 12.36 3.03 13.66
C GLU D 108 12.98 4.37 13.28
N TYR D 109 12.99 4.70 11.99
CA TYR D 109 13.49 6.01 11.57
C TYR D 109 12.67 7.13 12.20
N TYR D 110 11.34 6.98 12.18
CA TYR D 110 10.48 8.02 12.74
C TYR D 110 10.67 8.14 14.25
N THR D 111 10.76 7.02 14.96
CA THR D 111 10.92 7.11 16.41
C THR D 111 12.31 7.63 16.79
N ARG D 112 13.33 7.31 16.00
CA ARG D 112 14.66 7.88 16.23
C ARG D 112 14.65 9.38 15.98
N ALA D 113 13.94 9.82 14.94
CA ALA D 113 13.82 11.25 14.69
C ALA D 113 13.12 11.95 15.85
N LEU D 114 12.05 11.34 16.38
CA LEU D 114 11.38 11.92 17.54
C LEU D 114 12.31 11.97 18.75
N ILE D 115 13.10 10.91 18.96
CA ILE D 115 13.99 10.86 20.11
C ILE D 115 15.05 11.95 20.03
N THR D 116 15.73 12.05 18.88
CA THR D 116 16.84 13.00 18.78
C THR D 116 16.36 14.44 18.66
N LEU D 117 15.29 14.67 17.91
CA LEU D 117 14.82 16.03 17.69
C LEU D 117 14.37 16.69 18.97
N GLU D 118 13.63 15.96 19.80
CA GLU D 118 13.00 16.53 20.99
C GLU D 118 13.84 16.19 22.22
N GLU D 119 14.91 16.97 22.41
CA GLU D 119 15.67 16.96 23.66
C GLU D 119 15.96 18.38 24.15
N PRO D 120 14.93 19.25 24.23
CA PRO D 120 15.15 20.61 24.74
C PRO D 120 14.96 20.68 26.24
N LEU D 121 15.02 21.88 26.80
CA LEU D 121 14.63 22.07 28.19
C LEU D 121 13.17 21.67 28.37
N ILE D 122 12.86 21.07 29.52
CA ILE D 122 11.56 20.47 29.75
C ILE D 122 10.43 21.50 29.66
N ASP D 123 10.78 22.79 29.78
CA ASP D 123 9.76 23.84 29.76
C ASP D 123 8.93 23.79 28.47
N HIS D 124 9.55 23.43 27.36
CA HIS D 124 8.84 23.35 26.08
C HIS D 124 7.93 22.12 26.08
N LYS D 125 6.62 22.35 26.04
CA LYS D 125 5.62 21.30 26.00
C LYS D 125 4.79 21.43 24.73
N PHE D 126 4.55 20.30 24.06
CA PHE D 126 3.73 20.31 22.86
C PHE D 126 2.78 19.12 22.70
N ASP D 127 2.67 18.25 23.71
CA ASP D 127 1.62 17.22 23.81
C ASP D 127 1.20 16.69 22.43
N TYR D 128 2.20 16.19 21.71
CA TYR D 128 2.11 15.96 20.27
C TYR D 128 0.89 15.12 19.91
N GLY D 129 0.46 15.23 18.65
CA GLY D 129 -0.61 14.40 18.16
C GLY D 129 -0.31 12.92 18.33
N VAL D 130 -1.38 12.12 18.25
CA VAL D 130 -1.37 10.69 18.57
C VAL D 130 -1.10 10.50 20.05
N ARG D 131 -1.88 9.64 20.69
CA ARG D 131 -1.85 9.53 22.15
C ARG D 131 -0.75 8.61 22.63
N GLY D 132 -0.07 7.91 21.72
CA GLY D 132 0.99 6.99 22.08
C GLY D 132 2.36 7.61 22.23
N ILE D 133 2.50 8.92 22.11
CA ILE D 133 3.76 9.61 22.27
C ILE D 133 3.61 10.66 23.37
N SER D 134 4.48 10.62 24.36
CA SER D 134 4.41 11.54 25.49
C SER D 134 5.76 11.60 26.18
N ARG D 135 5.89 12.56 27.08
CA ARG D 135 7.10 12.70 27.89
C ARG D 135 7.05 11.69 29.04
N ASP D 136 7.99 11.82 29.99
CA ASP D 136 8.04 10.92 31.13
C ASP D 136 8.59 11.71 32.33
N ASN D 137 8.95 10.97 33.38
CA ASN D 137 9.48 11.60 34.59
C ASN D 137 10.95 11.97 34.46
N PHE D 138 11.61 11.57 33.37
CA PHE D 138 13.03 11.86 33.16
C PHE D 138 13.29 12.69 31.92
N GLY D 139 12.24 13.20 31.28
CA GLY D 139 12.38 14.02 30.09
C GLY D 139 12.51 13.25 28.80
N LYS D 140 12.60 11.92 28.85
CA LYS D 140 12.72 11.13 27.64
C LYS D 140 11.39 11.05 26.91
N ILE D 141 11.45 10.82 25.61
CA ILE D 141 10.26 10.66 24.78
C ILE D 141 9.88 9.19 24.78
N ASN D 142 8.61 8.90 25.11
CA ASN D 142 8.12 7.54 25.20
C ASN D 142 7.35 7.21 23.93
N VAL D 143 7.82 6.21 23.19
CA VAL D 143 7.16 5.75 21.98
C VAL D 143 6.88 4.26 22.15
N GLU D 144 5.59 3.92 22.30
CA GLU D 144 5.18 2.53 22.40
C GLU D 144 5.09 1.90 21.02
N SER D 145 5.16 0.56 21.00
CA SER D 145 5.02 -0.16 19.74
C SER D 145 3.60 -0.10 19.20
N LYS D 146 2.63 0.29 20.03
CA LYS D 146 1.25 0.41 19.57
C LYS D 146 1.07 1.52 18.54
N VAL D 147 1.98 2.49 18.52
CA VAL D 147 1.85 3.62 17.60
C VAL D 147 2.22 3.17 16.20
N VAL D 148 1.25 3.24 15.28
CA VAL D 148 1.51 2.86 13.90
C VAL D 148 2.43 3.90 13.25
N ALA D 149 3.12 3.47 12.19
CA ALA D 149 4.12 4.32 11.56
C ALA D 149 3.54 5.63 11.01
N PRO D 150 2.39 5.65 10.33
CA PRO D 150 1.83 6.95 9.90
C PRO D 150 1.56 7.92 11.04
N ALA D 151 1.14 7.41 12.20
CA ALA D 151 0.94 8.27 13.36
C ALA D 151 2.26 8.90 13.81
N LEU D 152 3.33 8.12 13.84
CA LEU D 152 4.65 8.66 14.15
C LEU D 152 5.07 9.69 13.11
N ARG D 153 4.74 9.44 11.84
CA ARG D 153 5.04 10.40 10.80
C ARG D 153 4.32 11.72 11.03
N ARG D 154 3.04 11.66 11.41
CA ARG D 154 2.29 12.88 11.69
C ARG D 154 2.89 13.65 12.87
N ALA D 155 3.24 12.93 13.94
CA ALA D 155 3.82 13.59 15.10
C ALA D 155 5.17 14.23 14.74
N LEU D 156 6.00 13.51 13.97
CA LEU D 156 7.27 14.07 13.54
C LEU D 156 7.07 15.28 12.64
N GLU D 157 6.05 15.24 11.78
CA GLU D 157 5.76 16.39 10.93
C GLU D 157 5.40 17.60 11.77
N ASN D 158 4.55 17.41 12.80
CA ASN D 158 4.20 18.53 13.67
C ASN D 158 5.43 19.09 14.38
N ALA D 159 6.27 18.21 14.92
CA ALA D 159 7.45 18.67 15.64
C ALA D 159 8.40 19.41 14.71
N LEU D 160 8.62 18.89 13.50
CA LEU D 160 9.50 19.55 12.56
C LEU D 160 8.94 20.89 12.12
N ILE D 161 7.62 20.97 11.91
CA ILE D 161 7.00 22.23 11.50
C ILE D 161 7.20 23.29 12.58
N HIS D 162 6.98 22.93 13.84
CA HIS D 162 7.13 23.94 14.88
C HIS D 162 8.59 24.30 15.13
N ARG D 163 9.42 23.30 15.48
CA ARG D 163 10.81 23.58 15.78
C ARG D 163 11.54 24.21 14.60
N HIS D 164 11.29 23.72 13.39
CA HIS D 164 11.79 24.25 12.13
C HIS D 164 13.31 24.39 12.21
N PRO D 165 14.06 23.28 12.12
CA PRO D 165 15.51 23.39 12.00
C PRO D 165 15.91 23.88 10.62
N ASP D 166 17.11 24.46 10.55
CA ASP D 166 17.59 24.98 9.27
C ASP D 166 17.92 23.85 8.31
N VAL D 167 18.45 22.74 8.81
CA VAL D 167 18.83 21.61 7.96
C VAL D 167 18.70 20.34 8.77
N PHE D 168 18.25 19.27 8.12
CA PHE D 168 18.07 17.97 8.74
C PHE D 168 19.05 17.00 8.09
N PHE D 169 20.10 16.64 8.81
CA PHE D 169 21.13 15.76 8.30
C PHE D 169 20.71 14.30 8.41
N VAL D 170 20.93 13.55 7.33
CA VAL D 170 20.71 12.12 7.31
C VAL D 170 22.04 11.48 6.93
N ASP D 171 22.82 11.10 7.93
CA ASP D 171 24.13 10.50 7.70
C ASP D 171 23.97 9.05 7.23
N GLU D 172 25.00 8.58 6.53
CA GLU D 172 25.03 7.28 5.86
C GLU D 172 23.66 6.94 5.25
N ALA D 173 23.22 7.85 4.37
CA ALA D 173 21.91 7.75 3.74
C ALA D 173 21.81 6.58 2.76
N GLN D 174 22.92 5.92 2.44
CA GLN D 174 22.87 4.77 1.54
C GLN D 174 22.08 3.61 2.13
N HIS D 175 21.78 3.64 3.43
CA HIS D 175 20.97 2.59 4.03
C HIS D 175 19.53 2.64 3.60
N PHE D 176 19.11 3.71 2.92
CA PHE D 176 17.76 3.76 2.36
C PHE D 176 17.57 2.78 1.21
N GLY D 177 18.67 2.22 0.67
CA GLY D 177 18.58 1.30 -0.44
C GLY D 177 18.18 -0.12 -0.08
N LYS D 178 18.09 -0.42 1.21
CA LYS D 178 17.69 -1.75 1.67
C LYS D 178 16.19 -1.91 1.45
N VAL D 179 15.82 -2.30 0.23
CA VAL D 179 14.41 -2.46 -0.14
C VAL D 179 14.23 -3.82 -0.82
N ALA D 180 12.99 -4.29 -0.81
CA ALA D 180 12.67 -5.57 -1.43
C ALA D 180 12.31 -5.45 -2.90
N SER D 181 11.75 -4.31 -3.31
CA SER D 181 11.36 -4.08 -4.69
C SER D 181 12.32 -3.09 -5.35
N GLY D 182 12.71 -3.39 -6.58
CA GLY D 182 13.63 -2.51 -7.29
C GLY D 182 13.06 -1.12 -7.51
N TYR D 183 11.79 -1.04 -7.91
CA TYR D 183 11.16 0.25 -8.12
C TYR D 183 10.93 1.00 -6.81
N LYS D 184 11.00 0.29 -5.68
CA LYS D 184 10.67 0.90 -4.40
C LYS D 184 11.72 1.93 -3.96
N LEU D 185 12.84 2.01 -4.66
CA LEU D 185 13.84 3.03 -4.37
C LEU D 185 13.26 4.42 -4.56
N GLN D 186 12.58 4.62 -5.70
CA GLN D 186 11.92 5.89 -5.97
C GLN D 186 10.81 6.14 -4.97
N ASP D 187 10.13 5.08 -4.51
CA ASP D 187 9.09 5.24 -3.49
C ASP D 187 9.68 5.72 -2.17
N GLN D 188 10.84 5.17 -1.78
CA GLN D 188 11.52 5.61 -0.57
C GLN D 188 11.90 7.08 -0.67
N LEU D 189 12.47 7.46 -1.82
CA LEU D 189 12.88 8.85 -2.01
C LEU D 189 11.66 9.77 -2.03
N ASP D 190 10.54 9.30 -2.60
CA ASP D 190 9.31 10.08 -2.61
C ASP D 190 8.74 10.25 -1.20
N CYS D 191 8.85 9.20 -0.38
CA CYS D 191 8.42 9.31 1.01
C CYS D 191 9.25 10.37 1.74
N LEU D 192 10.56 10.36 1.53
CA LEU D 192 11.41 11.37 2.16
C LEU D 192 11.06 12.76 1.64
N LYS D 193 10.81 12.89 0.34
CA LYS D 193 10.44 14.18 -0.24
C LYS D 193 9.12 14.68 0.34
N SER D 194 8.13 13.79 0.47
CA SER D 194 6.84 14.18 1.03
C SER D 194 6.99 14.60 2.49
N LEU D 195 7.84 13.90 3.24
CA LEU D 195 8.15 14.34 4.60
C LEU D 195 8.80 15.71 4.62
N ALA D 196 9.67 16.01 3.66
CA ALA D 196 10.34 17.30 3.59
C ALA D 196 9.46 18.39 2.99
N ASN D 197 8.33 18.05 2.39
CA ASN D 197 7.51 19.05 1.72
C ASN D 197 6.62 19.79 2.70
N MET D 198 5.70 19.07 3.37
CA MET D 198 4.77 19.70 4.30
C MET D 198 5.46 20.24 5.54
N THR D 199 6.67 19.79 5.86
CA THR D 199 7.41 20.35 6.98
C THR D 199 8.24 21.56 6.57
N GLY D 200 8.57 21.67 5.29
CA GLY D 200 9.41 22.76 4.84
C GLY D 200 10.79 22.75 5.46
N ILE D 201 11.35 21.56 5.68
CA ILE D 201 12.63 21.38 6.33
C ILE D 201 13.61 20.80 5.33
N LEU D 202 14.77 21.43 5.20
CA LEU D 202 15.78 21.01 4.25
C LEU D 202 16.43 19.72 4.72
N HIS D 203 16.37 18.69 3.87
CA HIS D 203 16.95 17.38 4.18
C HIS D 203 18.28 17.26 3.45
N CYS D 204 19.35 16.98 4.21
CA CYS D 204 20.65 16.75 3.63
C CYS D 204 21.03 15.28 3.83
N LEU D 205 21.33 14.59 2.72
CA LEU D 205 21.59 13.16 2.74
C LEU D 205 23.10 12.94 2.60
N LEU D 206 23.73 12.54 3.70
CA LEU D 206 25.14 12.19 3.71
C LEU D 206 25.26 10.72 3.39
N GLY D 207 26.01 10.38 2.34
CA GLY D 207 26.16 8.99 1.97
C GLY D 207 27.44 8.75 1.20
N THR D 208 27.79 7.47 1.08
CA THR D 208 28.92 7.04 0.29
C THR D 208 28.50 6.97 -1.18
N TYR D 209 29.36 6.40 -2.03
CA TYR D 209 29.05 6.31 -3.45
C TYR D 209 27.93 5.32 -3.76
N GLU D 210 27.52 4.50 -2.77
CA GLU D 210 26.34 3.66 -2.96
C GLU D 210 25.08 4.50 -3.08
N LEU D 211 25.09 5.72 -2.55
CA LEU D 211 23.94 6.62 -2.63
C LEU D 211 23.63 7.05 -4.05
N LEU D 212 24.53 6.80 -5.01
CA LEU D 212 24.30 7.20 -6.38
C LEU D 212 23.10 6.50 -7.00
N THR D 213 22.61 5.41 -6.38
CA THR D 213 21.38 4.79 -6.84
C THR D 213 20.18 5.72 -6.70
N PHE D 214 20.25 6.70 -5.79
CA PHE D 214 19.20 7.69 -5.60
C PHE D 214 19.48 8.99 -6.34
N ARG D 215 20.56 9.04 -7.13
CA ARG D 215 21.07 10.33 -7.60
C ARG D 215 20.09 11.03 -8.52
N ASN D 216 19.40 10.28 -9.39
CA ASN D 216 18.48 10.89 -10.35
C ASN D 216 17.34 9.91 -10.63
N LEU D 217 16.24 10.06 -9.90
CA LEU D 217 15.02 9.32 -10.16
C LEU D 217 13.87 10.32 -10.27
N SER D 218 13.20 10.34 -11.42
CA SER D 218 12.08 11.24 -11.71
C SER D 218 12.54 12.69 -11.78
N GLY D 219 11.81 13.50 -12.57
CA GLY D 219 12.19 14.89 -12.73
C GLY D 219 12.01 15.70 -11.46
N GLN D 220 10.95 15.43 -10.70
CA GLN D 220 10.68 16.21 -9.50
C GLN D 220 11.80 16.08 -8.47
N LEU D 221 12.26 14.85 -8.24
CA LEU D 221 13.36 14.66 -7.29
C LEU D 221 14.64 15.28 -7.81
N SER D 222 14.82 15.32 -9.13
CA SER D 222 15.97 16.01 -9.70
C SER D 222 15.90 17.50 -9.44
N ARG D 223 14.71 18.10 -9.53
CA ARG D 223 14.58 19.53 -9.30
C ARG D 223 14.91 19.91 -7.86
N ARG D 224 14.40 19.13 -6.91
CA ARG D 224 14.49 19.49 -5.50
C ARG D 224 15.72 18.90 -4.82
N SER D 225 16.80 18.66 -5.58
CA SER D 225 18.03 18.13 -5.03
C SER D 225 19.22 18.84 -5.67
N VAL D 226 20.29 19.00 -4.89
CA VAL D 226 21.56 19.53 -5.37
C VAL D 226 22.64 18.51 -5.09
N ASP D 227 23.58 18.36 -6.02
CA ASP D 227 24.62 17.35 -5.93
C ASP D 227 25.93 18.02 -5.52
N ILE D 228 26.42 17.67 -4.33
CA ILE D 228 27.72 18.12 -3.86
C ILE D 228 28.65 16.91 -3.85
N HIS D 229 29.80 17.04 -4.50
CA HIS D 229 30.74 15.94 -4.66
C HIS D 229 31.97 16.21 -3.80
N PHE D 230 32.17 15.40 -2.77
CA PHE D 230 33.36 15.48 -1.93
C PHE D 230 34.45 14.66 -2.61
N ARG D 231 35.03 15.23 -3.66
CA ARG D 231 36.04 14.54 -4.44
C ARG D 231 37.29 14.28 -3.62
N ARG D 232 37.94 13.16 -3.93
CA ARG D 232 39.21 12.80 -3.32
C ARG D 232 40.35 13.45 -4.08
N TYR D 233 41.48 13.63 -3.41
CA TYR D 233 42.67 14.19 -4.06
C TYR D 233 43.24 13.15 -5.02
N CYS D 234 43.04 13.38 -6.31
CA CYS D 234 43.50 12.46 -7.33
C CYS D 234 45.02 12.56 -7.49
N ALA D 235 45.58 11.63 -8.28
CA ALA D 235 47.01 11.58 -8.51
C ALA D 235 47.45 12.17 -9.84
N ASP D 236 46.56 12.22 -10.83
CA ASP D 236 46.96 12.73 -12.14
C ASP D 236 47.15 14.24 -12.12
N SER D 237 46.24 14.97 -11.48
CA SER D 237 46.33 16.43 -11.44
C SER D 237 47.44 16.85 -10.48
N PRO D 238 48.43 17.61 -10.94
CA PRO D 238 49.53 18.00 -10.03
C PRO D 238 49.08 18.78 -8.81
N GLU D 239 48.05 19.62 -8.95
CA GLU D 239 47.61 20.45 -7.82
C GLU D 239 47.10 19.59 -6.68
N ASP D 240 46.42 18.49 -6.99
CA ASP D 240 45.99 17.57 -5.94
C ASP D 240 47.19 16.93 -5.25
N VAL D 241 48.24 16.64 -6.01
CA VAL D 241 49.47 16.10 -5.40
C VAL D 241 50.09 17.12 -4.47
N GLN D 242 50.13 18.38 -4.88
CA GLN D 242 50.66 19.43 -3.99
C GLN D 242 49.81 19.56 -2.73
N ALA D 243 48.49 19.48 -2.87
CA ALA D 243 47.63 19.54 -1.69
C ALA D 243 47.88 18.36 -0.76
N PHE D 244 48.06 17.16 -1.34
CA PHE D 244 48.35 15.98 -0.53
C PHE D 244 49.67 16.15 0.22
N LYS D 245 50.70 16.66 -0.46
CA LYS D 245 51.98 16.89 0.21
C LYS D 245 51.85 17.96 1.29
N SER D 246 51.06 18.99 1.04
CA SER D 246 50.87 20.04 2.04
C SER D 246 50.18 19.51 3.29
N VAL D 247 49.13 18.68 3.11
CA VAL D 247 48.45 18.14 4.28
C VAL D 247 49.34 17.11 4.99
N LEU D 248 50.18 16.40 4.23
CA LEU D 248 51.16 15.51 4.86
C LEU D 248 52.13 16.29 5.74
N LEU D 249 52.63 17.41 5.22
CA LEU D 249 53.52 18.26 6.01
C LEU D 249 52.81 18.83 7.23
N THR D 250 51.56 19.25 7.07
CA THR D 250 50.79 19.78 8.19
C THR D 250 50.60 18.73 9.27
N PHE D 251 50.29 17.50 8.87
CA PHE D 251 50.21 16.41 9.84
C PHE D 251 51.54 16.17 10.52
N GLN D 252 52.63 16.18 9.74
CA GLN D 252 53.97 15.95 10.30
C GLN D 252 54.33 17.01 11.32
N GLN D 253 53.92 18.26 11.11
CA GLN D 253 54.26 19.33 12.05
C GLN D 253 53.59 19.12 13.40
N HIS D 254 52.38 18.57 13.41
CA HIS D 254 51.59 18.43 14.64
C HIS D 254 51.61 17.00 15.17
N LEU D 255 52.75 16.32 15.07
CA LEU D 255 52.89 15.00 15.67
C LEU D 255 53.58 15.15 17.02
N PRO D 256 52.91 14.88 18.14
CA PRO D 256 53.53 15.12 19.45
C PRO D 256 54.65 14.14 19.76
N LEU D 257 55.80 14.32 19.11
CA LEU D 257 56.96 13.47 19.31
C LEU D 257 58.17 14.33 19.67
N ALA D 258 59.13 13.71 20.34
CA ALA D 258 60.37 14.41 20.67
C ALA D 258 61.09 14.87 19.41
N GLU D 259 61.13 14.01 18.39
CA GLU D 259 61.70 14.36 17.09
C GLU D 259 60.59 14.30 16.05
N THR D 260 60.49 15.34 15.24
CA THR D 260 59.49 15.39 14.19
C THR D 260 59.94 14.51 13.02
N PRO D 261 59.20 13.46 12.67
CA PRO D 261 59.62 12.61 11.55
C PRO D 261 59.45 13.30 10.21
N ASN D 262 60.25 12.85 9.24
CA ASN D 262 60.13 13.30 7.86
C ASN D 262 59.12 12.39 7.18
N LEU D 263 58.02 12.98 6.69
CA LEU D 263 56.88 12.20 6.24
C LEU D 263 56.55 12.42 4.77
N VAL D 264 56.84 13.61 4.23
CA VAL D 264 56.48 13.92 2.85
C VAL D 264 57.25 13.03 1.87
N ASP D 265 58.43 12.55 2.27
CA ASP D 265 59.27 11.78 1.36
C ASP D 265 58.56 10.51 0.88
N HIS D 266 57.92 9.79 1.79
CA HIS D 266 57.22 8.56 1.43
C HIS D 266 55.74 8.83 1.12
N TRP D 267 55.49 9.81 0.25
CA TRP D 267 54.11 10.18 -0.04
C TRP D 267 53.43 9.20 -0.97
N GLU D 268 54.20 8.52 -1.82
CA GLU D 268 53.61 7.54 -2.74
C GLU D 268 52.97 6.39 -1.97
N TYR D 269 53.62 5.90 -0.93
CA TYR D 269 53.04 4.85 -0.10
C TYR D 269 51.75 5.32 0.56
N PHE D 270 51.74 6.56 1.07
CA PHE D 270 50.54 7.09 1.71
C PHE D 270 49.39 7.18 0.70
N TYR D 271 49.67 7.66 -0.51
CA TYR D 271 48.62 7.73 -1.52
C TYR D 271 48.15 6.33 -1.91
N GLU D 272 49.07 5.37 -1.98
CA GLU D 272 48.69 4.00 -2.28
C GLU D 272 47.72 3.44 -1.25
N ARG D 273 48.01 3.65 0.03
CA ARG D 273 47.23 3.04 1.09
C ARG D 273 46.13 3.95 1.63
N THR D 274 45.93 5.13 1.06
CA THR D 274 44.85 6.01 1.47
C THR D 274 44.00 6.54 0.32
N LEU D 275 44.50 6.46 -0.91
CA LEU D 275 43.77 6.89 -2.12
C LEU D 275 43.42 8.38 -2.08
N GLY D 276 44.12 9.16 -1.27
CA GLY D 276 43.88 10.59 -1.19
C GLY D 276 42.87 11.02 -0.16
N CYS D 277 42.18 10.08 0.48
CA CYS D 277 41.21 10.43 1.51
C CYS D 277 41.93 10.88 2.77
N ILE D 278 41.58 12.07 3.26
CA ILE D 278 42.26 12.62 4.42
C ILE D 278 41.93 11.82 5.68
N GLY D 279 40.70 11.31 5.78
CA GLY D 279 40.32 10.54 6.95
C GLY D 279 41.14 9.28 7.11
N THR D 280 41.38 8.56 6.00
CA THR D 280 42.19 7.35 6.06
C THR D 280 43.62 7.65 6.50
N LEU D 281 44.19 8.74 5.98
CA LEU D 281 45.54 9.12 6.37
C LEU D 281 45.60 9.52 7.85
N LYS D 282 44.57 10.22 8.33
CA LYS D 282 44.50 10.57 9.74
C LYS D 282 44.40 9.33 10.60
N ASP D 283 43.60 8.35 10.18
CA ASP D 283 43.52 7.07 10.88
C ASP D 283 44.88 6.39 10.94
N TRP D 284 45.56 6.33 9.80
CA TRP D 284 46.88 5.69 9.73
C TRP D 284 47.86 6.37 10.69
N LEU D 285 47.94 7.69 10.64
CA LEU D 285 48.88 8.41 11.48
C LEU D 285 48.50 8.30 12.95
N LYS D 286 47.20 8.24 13.25
CA LYS D 286 46.76 8.04 14.63
C LYS D 286 47.23 6.69 15.16
N ARG D 287 47.07 5.64 14.34
CA ARG D 287 47.53 4.31 14.75
C ARG D 287 49.03 4.29 14.98
N VAL D 288 49.78 4.89 14.05
CA VAL D 288 51.24 4.89 14.16
C VAL D 288 51.68 5.67 15.39
N LEU D 289 51.05 6.82 15.65
CA LEU D 289 51.41 7.62 16.80
C LEU D 289 51.06 6.90 18.10
N SER D 290 49.93 6.20 18.13
CA SER D 290 49.57 5.42 19.32
C SER D 290 50.61 4.35 19.58
N ASP D 291 51.05 3.64 18.53
CA ASP D 291 52.08 2.62 18.71
C ASP D 291 53.38 3.24 19.21
N ALA D 292 53.79 4.36 18.63
CA ALA D 292 55.04 5.00 19.02
C ALA D 292 54.99 5.45 20.47
N LEU D 293 53.86 6.05 20.88
CA LEU D 293 53.74 6.49 22.26
C LEU D 293 53.67 5.32 23.22
N ASP D 294 53.10 4.19 22.80
CA ASP D 294 53.16 2.99 23.61
C ASP D 294 54.60 2.53 23.80
N ARG D 295 55.39 2.55 22.73
CA ARG D 295 56.81 2.19 22.84
C ARG D 295 57.66 3.32 23.40
N GLU D 296 57.09 4.52 23.56
CA GLU D 296 57.82 5.69 24.07
C GLU D 296 59.06 6.00 23.26
N ALA D 297 59.01 5.70 21.96
CA ALA D 297 60.14 5.98 21.08
C ALA D 297 60.14 7.44 20.65
N THR D 298 61.32 7.99 20.44
CA THR D 298 61.41 9.38 19.98
C THR D 298 60.65 9.67 18.69
N THR D 299 60.83 8.86 17.64
CA THR D 299 60.20 9.17 16.36
C THR D 299 59.72 7.96 15.54
N ILE D 300 59.13 8.25 14.38
CA ILE D 300 58.43 7.26 13.56
C ILE D 300 59.31 6.68 12.45
N THR D 301 58.91 5.53 11.93
CA THR D 301 59.61 4.90 10.81
C THR D 301 58.63 4.22 9.87
N LEU D 302 59.10 3.88 8.66
CA LEU D 302 58.25 3.20 7.70
C LEU D 302 57.78 1.87 8.26
N LYS D 303 58.62 1.22 9.05
CA LYS D 303 58.22 -0.03 9.66
C LYS D 303 56.91 0.15 10.38
N ASP D 304 56.91 0.92 11.46
CA ASP D 304 55.67 1.20 12.17
C ASP D 304 54.54 1.51 11.19
N LEU D 305 54.85 2.14 10.07
CA LEU D 305 53.84 2.47 9.07
C LEU D 305 53.25 1.20 8.46
N GLN D 306 54.10 0.22 8.15
CA GLN D 306 53.64 -1.00 7.50
C GLN D 306 52.84 -1.89 8.42
N LYS D 307 53.05 -1.79 9.74
CA LYS D 307 52.33 -2.64 10.68
C LYS D 307 50.83 -2.32 10.66
N ARG D 308 50.49 -1.04 10.68
CA ARG D 308 49.09 -0.62 10.69
C ARG D 308 48.58 -0.20 9.32
N ALA D 309 49.31 -0.52 8.26
CA ALA D 309 48.90 -0.17 6.92
C ALA D 309 47.68 -0.98 6.48
N LEU D 310 46.83 -0.36 5.68
CA LEU D 310 45.72 -1.07 5.09
C LEU D 310 46.23 -2.08 4.06
N SER D 311 45.64 -3.27 4.07
CA SER D 311 46.13 -4.32 3.19
C SER D 311 45.76 -4.01 1.73
N VAL D 312 46.45 -4.68 0.82
CA VAL D 312 46.27 -4.43 -0.60
C VAL D 312 44.87 -4.81 -1.04
N ALA D 313 44.35 -5.94 -0.56
CA ALA D 313 43.06 -6.44 -1.01
C ALA D 313 41.93 -5.49 -0.66
N GLN D 314 41.88 -5.02 0.60
CA GLN D 314 40.81 -4.12 0.99
C GLN D 314 40.95 -2.76 0.30
N CYS D 315 42.18 -2.29 0.15
CA CYS D 315 42.40 -1.04 -0.58
C CYS D 315 42.02 -1.17 -2.04
N GLN D 316 42.20 -2.35 -2.63
CA GLN D 316 41.81 -2.57 -4.01
C GLN D 316 40.30 -2.45 -4.19
N LYS D 317 39.52 -2.99 -3.25
CA LYS D 317 38.07 -2.93 -3.36
C LYS D 317 37.57 -1.48 -3.30
N MET D 318 38.17 -0.67 -2.43
CA MET D 318 37.76 0.73 -2.33
C MET D 318 37.93 1.45 -3.66
N PHE D 319 39.09 1.29 -4.31
CA PHE D 319 39.32 2.00 -5.56
C PHE D 319 38.36 1.54 -6.65
N LYS D 320 37.99 0.26 -6.63
CA LYS D 320 36.98 -0.23 -7.57
C LYS D 320 35.65 0.48 -7.34
N GLU D 321 35.26 0.66 -6.07
CA GLU D 321 34.05 1.42 -5.77
C GLU D 321 34.22 2.88 -6.15
N ILE D 322 35.39 3.46 -5.88
CA ILE D 322 35.60 4.88 -6.16
C ILE D 322 35.66 5.13 -7.66
N GLN D 323 36.28 4.21 -8.41
CA GLN D 323 36.41 4.40 -9.85
C GLN D 323 35.05 4.46 -10.53
N GLU D 324 34.13 3.57 -10.16
CA GLU D 324 32.81 3.60 -10.75
C GLU D 324 31.99 4.80 -10.27
N GLY D 325 32.13 5.16 -8.99
CA GLY D 325 31.37 6.29 -8.48
C GLY D 325 31.77 7.60 -9.15
N GLU D 326 33.07 7.84 -9.27
CA GLU D 326 33.53 9.07 -9.93
C GLU D 326 33.20 9.06 -11.41
N ARG D 327 33.23 7.88 -12.05
CA ARG D 327 32.85 7.78 -13.45
C ARG D 327 31.38 8.15 -13.65
N GLN D 328 30.52 7.73 -12.74
CA GLN D 328 29.10 8.08 -12.82
C GLN D 328 28.87 9.57 -12.60
N LEU D 329 29.66 10.18 -11.71
CA LEU D 329 29.47 11.58 -11.32
C LEU D 329 30.28 12.54 -12.18
N SER D 330 30.92 12.05 -13.23
CA SER D 330 31.78 12.86 -14.08
C SER D 330 30.92 13.59 -15.10
N GLU D 331 30.89 14.92 -15.00
CA GLU D 331 30.18 15.78 -15.94
C GLU D 331 31.20 16.43 -16.86
N THR D 332 31.10 16.15 -18.16
CA THR D 332 32.00 16.69 -19.16
C THR D 332 31.29 17.78 -19.96
N GLU D 333 32.09 18.54 -20.73
CA GLU D 333 31.52 19.55 -21.60
C GLU D 333 30.66 18.90 -22.68
N ALA D 334 31.01 17.69 -23.09
CA ALA D 334 30.23 16.99 -24.11
C ALA D 334 28.79 16.78 -23.65
N ASP D 335 28.60 16.39 -22.37
CA ASP D 335 27.25 16.17 -21.86
C ASP D 335 26.38 17.42 -22.00
N VAL D 336 26.99 18.61 -21.93
CA VAL D 336 26.25 19.84 -22.17
C VAL D 336 25.75 19.90 -23.61
N GLN D 337 26.55 19.37 -24.54
CA GLN D 337 26.25 19.52 -25.96
C GLN D 337 24.96 18.78 -26.34
N ASN D 338 24.81 17.54 -25.87
CA ASN D 338 23.59 16.80 -26.16
C ASN D 338 22.38 17.45 -25.50
N LEU D 339 22.56 17.99 -24.29
CA LEU D 339 21.47 18.68 -23.61
C LEU D 339 21.01 19.89 -24.42
N ARG D 340 21.97 20.67 -24.94
CA ARG D 340 21.62 21.80 -25.79
C ARG D 340 21.06 21.33 -27.13
N SER D 341 21.63 20.27 -27.69
CA SER D 341 21.13 19.76 -28.96
C SER D 341 19.70 19.25 -28.85
N ALA D 342 19.38 18.54 -27.76
CA ALA D 342 18.03 18.04 -27.57
C ALA D 342 17.04 19.18 -27.39
N LEU D 343 17.41 20.21 -26.64
CA LEU D 343 16.53 21.34 -26.41
C LEU D 343 16.38 22.24 -27.64
N GLY D 344 17.32 22.20 -28.57
CA GLY D 344 17.30 23.09 -29.71
C GLY D 344 18.11 24.35 -29.55
N LEU D 345 18.98 24.41 -28.54
CA LEU D 345 19.83 25.57 -28.31
C LEU D 345 21.19 25.46 -28.98
N GLY D 346 21.42 24.41 -29.76
CA GLY D 346 22.71 24.24 -30.40
C GLY D 346 22.99 25.32 -31.42
N SER E 4 62.38 -26.02 38.09
CA SER E 4 62.46 -26.74 36.82
C SER E 4 61.56 -26.10 35.77
N THR E 5 61.87 -26.35 34.51
CA THR E 5 61.09 -25.83 33.39
C THR E 5 59.84 -26.67 33.10
N GLY E 6 59.67 -27.80 33.78
CA GLY E 6 58.54 -28.66 33.54
C GLY E 6 57.56 -28.72 34.70
N PHE E 7 56.79 -29.80 34.77
CA PHE E 7 55.80 -29.95 35.83
C PHE E 7 56.49 -30.14 37.18
N PRO E 8 55.92 -29.59 38.25
CA PRO E 8 56.44 -29.88 39.59
C PRO E 8 56.28 -31.36 39.93
N LEU E 9 57.24 -31.89 40.69
CA LEU E 9 57.23 -33.31 41.01
C LEU E 9 56.21 -33.68 42.08
N GLU E 10 55.64 -32.69 42.77
CA GLU E 10 54.67 -32.99 43.82
C GLU E 10 53.36 -33.51 43.24
N LEU E 11 53.11 -33.29 41.95
CA LEU E 11 51.86 -33.73 41.35
C LEU E 11 51.77 -35.25 41.28
N LEU E 12 52.91 -35.94 41.34
CA LEU E 12 52.89 -37.40 41.25
C LEU E 12 52.11 -38.04 42.40
N THR E 13 52.29 -37.52 43.62
CA THR E 13 51.55 -38.06 44.75
C THR E 13 50.05 -37.80 44.62
N ARG E 14 49.67 -36.66 44.07
CA ARG E 14 48.27 -36.31 43.90
C ARG E 14 47.62 -37.25 42.89
N PRO E 15 46.30 -37.44 42.95
CA PRO E 15 45.64 -38.40 42.06
C PRO E 15 45.69 -37.95 40.61
N ALA E 16 45.19 -38.83 39.73
CA ALA E 16 45.20 -38.55 38.30
C ALA E 16 44.35 -37.34 37.95
N THR E 17 43.25 -37.13 38.68
CA THR E 17 42.38 -35.99 38.39
C THR E 17 43.12 -34.66 38.57
N GLU E 18 43.92 -34.55 39.63
CA GLU E 18 44.65 -33.31 39.87
C GLU E 18 45.69 -33.06 38.79
N ARG E 19 46.39 -34.11 38.37
CA ARG E 19 47.38 -33.96 37.29
C ARG E 19 46.70 -33.57 35.99
N LEU E 20 45.55 -34.17 35.69
CA LEU E 20 44.82 -33.82 34.48
C LEU E 20 44.36 -32.37 34.52
N ALA E 21 43.88 -31.93 35.69
CA ALA E 21 43.46 -30.53 35.83
C ALA E 21 44.64 -29.59 35.64
N TYR E 22 45.80 -29.93 36.22
CA TYR E 22 46.98 -29.08 36.05
C TYR E 22 47.39 -28.99 34.60
N PHE E 23 47.37 -30.12 33.88
CA PHE E 23 47.75 -30.08 32.47
C PHE E 23 46.72 -29.33 31.64
N GLU E 24 45.43 -29.43 32.01
CA GLU E 24 44.40 -28.73 31.26
C GLU E 24 44.49 -27.22 31.43
N ASN E 25 44.61 -26.75 32.68
CA ASN E 25 44.68 -25.30 32.89
C ASN E 25 46.01 -24.72 32.45
N TYR E 26 47.01 -25.55 32.20
CA TYR E 26 48.26 -25.09 31.61
C TYR E 26 48.03 -24.66 30.17
N THR E 27 48.62 -23.53 29.78
CA THR E 27 48.52 -23.00 28.42
C THR E 27 49.90 -22.55 27.98
N VAL E 28 50.49 -23.30 27.04
CA VAL E 28 51.80 -22.94 26.53
C VAL E 28 51.69 -21.73 25.61
N ALA E 29 52.83 -21.07 25.38
CA ALA E 29 52.93 -19.90 24.54
C ALA E 29 53.84 -20.20 23.37
N HIS E 30 53.42 -19.79 22.17
CA HIS E 30 54.17 -19.98 20.95
C HIS E 30 54.30 -18.66 20.20
N PRO E 31 55.31 -18.50 19.33
CA PRO E 31 55.55 -17.19 18.71
C PRO E 31 54.35 -16.60 17.99
N ARG E 32 53.59 -17.43 17.26
CA ARG E 32 52.38 -16.91 16.61
C ARG E 32 51.36 -16.43 17.63
N LEU E 33 51.19 -17.18 18.72
CA LEU E 33 50.24 -16.77 19.75
C LEU E 33 50.59 -15.40 20.31
N LYS E 34 51.84 -15.21 20.73
CA LYS E 34 52.24 -13.95 21.34
C LYS E 34 52.24 -12.82 20.31
N GLU E 35 52.61 -13.11 19.07
CA GLU E 35 52.62 -12.09 18.03
C GLU E 35 51.20 -11.59 17.75
N VAL E 36 50.27 -12.53 17.55
CA VAL E 36 48.88 -12.14 17.29
C VAL E 36 48.27 -11.47 18.51
N TYR E 37 48.64 -11.92 19.71
CA TYR E 37 48.15 -11.29 20.92
C TYR E 37 48.60 -9.84 21.02
N GLU E 38 49.89 -9.58 20.74
CA GLU E 38 50.37 -8.21 20.78
C GLU E 38 49.73 -7.36 19.69
N ILE E 39 49.55 -7.93 18.50
CA ILE E 39 48.94 -7.18 17.41
C ILE E 39 47.50 -6.80 17.77
N LEU E 40 46.74 -7.77 18.30
CA LEU E 40 45.37 -7.47 18.71
C LEU E 40 45.33 -6.49 19.86
N MET E 41 46.25 -6.59 20.82
CA MET E 41 46.29 -5.65 21.92
C MET E 41 46.54 -4.23 21.41
N ARG E 42 47.45 -4.07 20.45
CA ARG E 42 47.72 -2.75 19.91
C ARG E 42 46.58 -2.27 19.03
N THR E 43 45.82 -3.19 18.42
CA THR E 43 44.70 -2.79 17.58
C THR E 43 43.51 -2.33 18.43
N ILE E 44 43.24 -3.02 19.54
CA ILE E 44 42.11 -2.66 20.40
C ILE E 44 42.49 -1.67 21.50
N ALA E 45 43.77 -1.40 21.70
CA ALA E 45 44.15 -0.31 22.59
C ALA E 45 43.62 1.03 22.10
N GLU E 46 43.48 1.18 20.79
CA GLU E 46 42.80 2.32 20.19
C GLU E 46 42.33 1.90 18.79
N PRO E 47 41.04 2.03 18.49
CA PRO E 47 40.56 1.55 17.19
C PRO E 47 40.83 2.51 16.04
N ALA E 48 40.80 3.81 16.31
CA ALA E 48 41.07 4.84 15.30
C ALA E 48 40.12 4.72 14.11
N GLY E 49 38.83 4.89 14.39
CA GLY E 49 37.85 4.91 13.33
C GLY E 49 37.60 3.57 12.68
N ALA E 50 38.10 2.48 13.25
CA ALA E 50 37.89 1.14 12.74
C ALA E 50 36.86 0.43 13.61
N SER E 51 35.84 -0.12 12.97
CA SER E 51 34.73 -0.75 13.69
C SER E 51 34.80 -2.27 13.69
N PHE E 52 35.59 -2.88 12.83
CA PHE E 52 35.61 -4.33 12.67
C PHE E 52 37.04 -4.85 12.74
N ILE E 53 37.24 -5.92 13.51
CA ILE E 53 38.47 -6.68 13.52
C ILE E 53 38.15 -8.11 13.09
N PHE E 54 38.84 -8.58 12.06
CA PHE E 54 38.58 -9.90 11.47
C PHE E 54 39.75 -10.81 11.81
N VAL E 55 39.63 -11.54 12.92
CA VAL E 55 40.63 -12.53 13.30
C VAL E 55 40.35 -13.81 12.54
N TYR E 56 41.18 -14.11 11.55
CA TYR E 56 41.02 -15.28 10.71
C TYR E 56 41.90 -16.41 11.22
N GLY E 57 41.32 -17.60 11.33
CA GLY E 57 42.07 -18.74 11.83
C GLY E 57 41.34 -20.05 11.71
N ALA E 58 42.08 -21.13 11.49
CA ALA E 58 41.49 -22.46 11.38
C ALA E 58 40.93 -22.90 12.73
N SER E 59 40.12 -23.95 12.61
CA SER E 59 39.54 -24.54 13.79
C SER E 59 40.59 -25.46 14.36
N GLY E 60 41.69 -24.90 14.85
CA GLY E 60 42.71 -25.69 15.49
C GLY E 60 43.71 -24.82 16.23
N VAL E 61 43.85 -23.56 15.82
CA VAL E 61 44.87 -22.68 16.42
C VAL E 61 44.61 -22.39 17.89
N GLY E 62 43.97 -21.26 18.19
CA GLY E 62 43.72 -20.88 19.57
C GLY E 62 42.93 -19.60 19.64
N LYS E 63 41.94 -19.45 18.78
CA LYS E 63 41.13 -18.23 18.77
C LYS E 63 40.41 -18.03 20.09
N THR E 64 39.79 -19.08 20.62
CA THR E 64 39.02 -18.95 21.86
C THR E 64 39.93 -18.64 23.04
N THR E 65 41.07 -19.33 23.15
CA THR E 65 41.98 -19.04 24.25
C THR E 65 42.61 -17.67 24.11
N LEU E 66 42.85 -17.22 22.88
CA LEU E 66 43.33 -15.85 22.68
C LEU E 66 42.29 -14.84 23.14
N ARG E 67 41.01 -15.09 22.83
CA ARG E 67 39.95 -14.21 23.30
C ARG E 67 39.91 -14.18 24.82
N LEU E 68 40.01 -15.35 25.46
CA LEU E 68 40.00 -15.40 26.92
C LEU E 68 41.19 -14.66 27.51
N ARG E 69 42.36 -14.82 26.90
CA ARG E 69 43.55 -14.10 27.37
C ARG E 69 43.36 -12.60 27.25
N VAL E 70 42.80 -12.13 26.15
CA VAL E 70 42.59 -10.70 25.97
C VAL E 70 41.61 -10.17 27.00
N GLU E 71 40.50 -10.90 27.22
CA GLU E 71 39.53 -10.45 28.21
C GLU E 71 40.13 -10.41 29.61
N GLN E 72 40.90 -11.44 29.99
CA GLN E 72 41.49 -11.44 31.33
C GLN E 72 42.52 -10.32 31.48
N LYS E 73 43.29 -10.05 30.42
CA LYS E 73 44.28 -8.98 30.49
C LYS E 73 43.60 -7.62 30.67
N LEU E 74 42.59 -7.32 29.86
CA LEU E 74 41.93 -6.02 29.98
C LEU E 74 41.13 -5.92 31.28
N THR E 75 40.59 -7.04 31.77
CA THR E 75 39.92 -7.02 33.07
C THR E 75 40.91 -6.71 34.18
N GLU E 76 42.11 -7.27 34.10
CA GLU E 76 43.16 -6.92 35.06
C GLU E 76 43.54 -5.45 34.96
N LEU E 77 43.61 -4.92 33.73
CA LEU E 77 44.08 -3.55 33.55
C LEU E 77 43.09 -2.53 34.11
N ALA E 78 41.81 -2.86 34.14
CA ALA E 78 40.77 -1.87 34.45
C ALA E 78 40.33 -1.88 35.91
N LEU E 79 40.95 -2.70 36.77
CA LEU E 79 40.52 -2.74 38.16
C LEU E 79 40.73 -1.44 38.92
N PRO E 80 41.87 -0.72 38.81
CA PRO E 80 42.02 0.50 39.61
C PRO E 80 40.98 1.57 39.28
N LYS E 81 40.61 1.70 38.01
CA LYS E 81 39.58 2.65 37.63
C LYS E 81 38.19 2.17 38.05
N LEU E 82 37.95 0.86 37.99
CA LEU E 82 36.67 0.32 38.45
C LEU E 82 36.48 0.57 39.93
N GLU E 83 37.54 0.45 40.73
CA GLU E 83 37.43 0.73 42.16
C GLU E 83 37.05 2.18 42.42
N SER E 84 37.38 3.08 41.49
CA SER E 84 37.05 4.50 41.63
C SER E 84 35.80 4.89 40.86
N ASP E 85 35.54 4.28 39.71
CA ASP E 85 34.39 4.61 38.88
C ASP E 85 33.52 3.37 38.69
N ARG E 86 32.22 3.51 38.95
CA ARG E 86 31.28 2.42 38.77
C ARG E 86 30.65 2.51 37.38
N ALA E 87 29.68 1.65 37.12
CA ALA E 87 28.89 1.64 35.89
C ALA E 87 29.74 1.52 34.63
N ARG E 88 30.81 0.75 34.69
CA ARG E 88 31.66 0.52 33.53
C ARG E 88 32.10 -0.95 33.49
N VAL E 89 32.05 -1.53 32.31
CA VAL E 89 32.52 -2.89 32.08
C VAL E 89 33.74 -2.80 31.16
N PRO E 90 34.87 -3.42 31.52
CA PRO E 90 36.06 -3.34 30.66
C PRO E 90 35.84 -3.94 29.29
N VAL E 91 35.50 -5.23 29.25
CA VAL E 91 35.31 -5.95 28.00
C VAL E 91 34.12 -6.89 28.16
N VAL E 92 33.30 -7.00 27.12
CA VAL E 92 32.23 -7.97 27.05
C VAL E 92 32.35 -8.72 25.73
N GLY E 93 31.88 -9.96 25.71
CA GLY E 93 31.95 -10.78 24.52
C GLY E 93 31.01 -11.97 24.56
N ILE E 94 30.54 -12.39 23.38
CA ILE E 94 29.59 -13.48 23.25
C ILE E 94 29.99 -14.34 22.06
N GLU E 95 29.21 -15.39 21.80
CA GLU E 95 29.42 -16.29 20.69
C GLU E 95 28.17 -16.31 19.82
N ALA E 96 28.36 -16.22 18.51
CA ALA E 96 27.24 -16.21 17.58
C ALA E 96 26.48 -17.53 17.66
N ILE E 97 25.16 -17.45 17.48
CA ILE E 97 24.28 -18.61 17.54
C ILE E 97 23.97 -19.06 16.13
N ALA E 98 24.18 -20.35 15.87
CA ALA E 98 23.66 -20.93 14.64
C ALA E 98 22.15 -21.08 14.78
N PRO E 99 21.36 -20.45 13.92
CA PRO E 99 19.91 -20.44 14.13
C PRO E 99 19.27 -21.76 13.76
N GLU E 100 18.17 -22.07 14.46
CA GLU E 100 17.40 -23.26 14.14
C GLU E 100 16.80 -23.16 12.74
N SER E 101 16.27 -21.99 12.39
CA SER E 101 15.71 -21.77 11.07
C SER E 101 16.81 -21.38 10.09
N ARG E 102 16.41 -20.96 8.90
CA ARG E 102 17.36 -20.56 7.87
C ARG E 102 18.09 -19.28 8.22
N TYR E 103 17.36 -18.24 8.63
CA TYR E 103 17.93 -16.91 8.80
C TYR E 103 18.52 -16.76 10.19
N PHE E 104 19.63 -16.03 10.28
CA PHE E 104 20.18 -15.66 11.57
C PHE E 104 19.16 -14.81 12.33
N ASN E 105 18.92 -15.19 13.59
CA ASN E 105 17.89 -14.52 14.39
C ASN E 105 18.56 -13.36 15.13
N TRP E 106 18.20 -12.13 14.75
CA TRP E 106 18.79 -10.97 15.39
C TRP E 106 18.22 -10.72 16.78
N LYS E 107 16.98 -11.16 17.03
CA LYS E 107 16.38 -10.98 18.35
C LYS E 107 17.18 -11.71 19.41
N GLU E 108 17.55 -12.97 19.14
CA GLU E 108 18.33 -13.74 20.10
C GLU E 108 19.72 -13.15 20.28
N TYR E 109 20.33 -12.69 19.19
CA TYR E 109 21.65 -12.06 19.30
C TYR E 109 21.58 -10.83 20.20
N TYR E 110 20.58 -9.96 19.97
CA TYR E 110 20.44 -8.75 20.77
C TYR E 110 20.17 -9.07 22.22
N THR E 111 19.27 -10.03 22.49
CA THR E 111 18.93 -10.33 23.87
C THR E 111 20.09 -10.99 24.60
N ARG E 112 20.87 -11.84 23.91
CA ARG E 112 22.03 -12.44 24.55
C ARG E 112 23.13 -11.41 24.81
N ALA E 113 23.32 -10.47 23.88
CA ALA E 113 24.27 -9.39 24.13
C ALA E 113 23.84 -8.56 25.33
N LEU E 114 22.55 -8.24 25.43
CA LEU E 114 22.06 -7.48 26.57
C LEU E 114 22.22 -8.25 27.87
N ILE E 115 21.96 -9.57 27.85
CA ILE E 115 22.10 -10.39 29.04
C ILE E 115 23.56 -10.40 29.50
N THR E 116 24.48 -10.63 28.56
CA THR E 116 25.89 -10.76 28.92
C THR E 116 26.47 -9.43 29.38
N LEU E 117 26.15 -8.34 28.68
CA LEU E 117 26.69 -7.04 29.04
C LEU E 117 26.19 -6.58 30.41
N GLU E 118 24.90 -6.79 30.68
CA GLU E 118 24.28 -6.25 31.89
C GLU E 118 24.28 -7.31 33.00
N GLU E 119 25.48 -7.56 33.53
CA GLU E 119 25.64 -8.34 34.76
C GLU E 119 26.60 -7.66 35.74
N PRO E 120 26.36 -6.37 36.07
CA PRO E 120 27.17 -5.74 37.12
C PRO E 120 26.53 -5.92 38.49
N LEU E 121 27.11 -5.31 39.51
CA LEU E 121 26.48 -5.32 40.82
C LEU E 121 25.20 -4.53 40.78
N ILE E 122 24.23 -4.92 41.62
CA ILE E 122 22.84 -4.51 41.47
C ILE E 122 22.62 -3.02 41.72
N ASP E 123 23.66 -2.32 42.20
CA ASP E 123 23.50 -0.89 42.46
C ASP E 123 23.27 -0.11 41.17
N HIS E 124 23.96 -0.48 40.09
CA HIS E 124 23.86 0.27 38.85
C HIS E 124 22.48 0.12 38.22
N LYS E 125 21.66 1.16 38.34
CA LYS E 125 20.34 1.20 37.72
C LYS E 125 20.34 2.29 36.65
N PHE E 126 19.92 1.91 35.44
CA PHE E 126 19.95 2.83 34.30
C PHE E 126 18.58 2.89 33.61
N ASP E 127 17.56 2.27 34.23
CA ASP E 127 16.16 2.28 33.79
C ASP E 127 16.04 2.23 32.27
N TYR E 128 16.55 1.13 31.69
CA TYR E 128 16.67 0.96 30.26
C TYR E 128 15.39 1.35 29.53
N GLY E 129 15.52 1.77 28.29
CA GLY E 129 14.36 1.99 27.44
C GLY E 129 13.63 0.69 27.17
N VAL E 130 12.49 0.82 26.51
CA VAL E 130 11.55 -0.27 26.26
C VAL E 130 11.00 -0.80 27.57
N ARG E 131 9.67 -0.75 27.74
CA ARG E 131 9.03 -1.26 28.94
C ARG E 131 9.26 -2.75 29.16
N GLY E 132 9.59 -3.51 28.11
CA GLY E 132 9.80 -4.92 28.28
C GLY E 132 11.14 -5.33 28.86
N ILE E 133 12.04 -4.38 29.09
CA ILE E 133 13.36 -4.67 29.62
C ILE E 133 13.48 -4.05 31.00
N SER E 134 13.88 -4.85 31.98
CA SER E 134 14.00 -4.40 33.37
C SER E 134 14.82 -5.44 34.12
N ARG E 135 14.93 -5.24 35.43
CA ARG E 135 15.53 -6.20 36.34
C ARG E 135 14.44 -7.11 36.90
N ASP E 136 14.78 -7.92 37.90
CA ASP E 136 13.81 -8.80 38.55
C ASP E 136 14.23 -8.97 40.01
N ASN E 137 13.47 -9.80 40.74
CA ASN E 137 13.75 -10.02 42.14
C ASN E 137 15.12 -10.67 42.38
N PHE E 138 15.61 -11.44 41.42
CA PHE E 138 16.90 -12.12 41.54
C PHE E 138 18.04 -11.37 40.89
N GLY E 139 17.78 -10.17 40.34
CA GLY E 139 18.81 -9.38 39.71
C GLY E 139 19.04 -9.68 38.24
N LYS E 140 18.38 -10.70 37.68
CA LYS E 140 18.54 -11.02 36.28
C LYS E 140 17.79 -10.04 35.40
N ILE E 141 18.18 -9.97 34.14
CA ILE E 141 17.51 -9.12 33.15
C ILE E 141 16.49 -9.96 32.41
N ASN E 142 15.23 -9.53 32.45
CA ASN E 142 14.13 -10.26 31.82
C ASN E 142 13.76 -9.58 30.52
N VAL E 143 13.68 -10.36 29.44
CA VAL E 143 13.32 -9.86 28.12
C VAL E 143 12.03 -10.53 27.70
N GLU E 144 10.98 -9.73 27.54
CA GLU E 144 9.69 -10.25 27.12
C GLU E 144 9.67 -10.51 25.62
N SER E 145 8.98 -11.59 25.23
CA SER E 145 8.88 -11.93 23.81
C SER E 145 8.09 -10.89 23.02
N LYS E 146 7.24 -10.10 23.70
CA LYS E 146 6.49 -9.07 23.01
C LYS E 146 7.38 -7.92 22.54
N VAL E 147 8.62 -7.85 23.01
CA VAL E 147 9.51 -6.75 22.63
C VAL E 147 9.96 -6.96 21.19
N VAL E 148 9.73 -5.96 20.34
CA VAL E 148 10.14 -6.05 18.95
C VAL E 148 11.66 -5.88 18.84
N ALA E 149 12.21 -6.39 17.73
CA ALA E 149 13.66 -6.40 17.56
C ALA E 149 14.27 -5.00 17.56
N PRO E 150 13.74 -4.00 16.84
CA PRO E 150 14.34 -2.65 16.92
C PRO E 150 14.34 -2.07 18.32
N ALA E 151 13.34 -2.37 19.15
CA ALA E 151 13.35 -1.92 20.53
C ALA E 151 14.51 -2.53 21.30
N LEU E 152 14.75 -3.84 21.11
CA LEU E 152 15.90 -4.48 21.72
C LEU E 152 17.20 -3.86 21.23
N ARG E 153 17.26 -3.51 19.94
CA ARG E 153 18.46 -2.88 19.41
C ARG E 153 18.70 -1.54 20.07
N ARG E 154 17.65 -0.73 20.24
CA ARG E 154 17.81 0.57 20.90
C ARG E 154 18.24 0.39 22.36
N ALA E 155 17.65 -0.57 23.06
CA ALA E 155 18.05 -0.81 24.44
C ALA E 155 19.50 -1.25 24.54
N LEU E 156 19.92 -2.16 23.66
CA LEU E 156 21.30 -2.60 23.64
C LEU E 156 22.24 -1.44 23.32
N GLU E 157 21.81 -0.55 22.42
CA GLU E 157 22.63 0.62 22.10
C GLU E 157 22.81 1.52 23.32
N ASN E 158 21.72 1.78 24.04
CA ASN E 158 21.82 2.64 25.23
C ASN E 158 22.71 1.99 26.28
N ALA E 159 22.58 0.68 26.47
CA ALA E 159 23.43 -0.02 27.44
C ALA E 159 24.89 0.04 27.01
N LEU E 160 25.16 -0.15 25.72
CA LEU E 160 26.54 -0.10 25.22
C LEU E 160 27.15 1.29 25.41
N ILE E 161 26.36 2.33 25.12
CA ILE E 161 26.86 3.69 25.27
C ILE E 161 27.14 4.01 26.74
N HIS E 162 26.24 3.61 27.63
CA HIS E 162 26.42 3.93 29.05
C HIS E 162 27.58 3.15 29.65
N ARG E 163 27.61 1.83 29.43
CA ARG E 163 28.65 1.00 30.03
C ARG E 163 30.02 1.29 29.41
N HIS E 164 30.04 1.58 28.10
CA HIS E 164 31.25 1.96 27.38
C HIS E 164 32.29 0.85 27.49
N PRO E 165 32.08 -0.30 26.84
CA PRO E 165 33.11 -1.34 26.83
C PRO E 165 34.26 -0.97 25.90
N ASP E 166 35.41 -1.60 26.15
CA ASP E 166 36.58 -1.33 25.34
C ASP E 166 36.48 -2.01 23.97
N VAL E 167 35.95 -3.24 23.94
CA VAL E 167 35.82 -3.98 22.69
C VAL E 167 34.72 -5.02 22.87
N PHE E 168 33.98 -5.27 21.80
CA PHE E 168 32.89 -6.24 21.78
C PHE E 168 33.35 -7.46 21.00
N PHE E 169 33.48 -8.60 21.70
CA PHE E 169 33.93 -9.84 21.07
C PHE E 169 32.74 -10.63 20.56
N VAL E 170 32.85 -11.13 19.33
CA VAL E 170 31.84 -12.00 18.74
C VAL E 170 32.58 -13.25 18.27
N ASP E 171 32.63 -14.26 19.13
CA ASP E 171 33.28 -15.51 18.77
C ASP E 171 32.39 -16.33 17.85
N GLU E 172 33.03 -17.19 17.04
CA GLU E 172 32.32 -18.02 16.06
C GLU E 172 31.48 -17.16 15.13
N ALA E 173 32.08 -16.09 14.62
CA ALA E 173 31.37 -15.10 13.83
C ALA E 173 30.95 -15.60 12.46
N GLN E 174 31.43 -16.77 12.03
CA GLN E 174 31.01 -17.30 10.74
C GLN E 174 29.54 -17.69 10.72
N HIS E 175 28.90 -17.76 11.89
CA HIS E 175 27.48 -18.07 11.96
C HIS E 175 26.59 -16.98 11.39
N PHE E 176 27.14 -15.79 11.11
CA PHE E 176 26.35 -14.71 10.57
C PHE E 176 26.03 -14.90 9.08
N GLY E 177 26.63 -15.89 8.43
CA GLY E 177 26.43 -16.12 7.02
C GLY E 177 25.19 -16.90 6.63
N LYS E 178 24.35 -17.26 7.60
CA LYS E 178 23.13 -18.03 7.32
C LYS E 178 22.10 -17.07 6.72
N VAL E 179 22.22 -16.86 5.41
CA VAL E 179 21.34 -15.96 4.67
C VAL E 179 20.85 -16.67 3.42
N ALA E 180 19.77 -16.13 2.85
CA ALA E 180 19.17 -16.68 1.64
C ALA E 180 19.35 -15.80 0.42
N SER E 181 19.69 -14.52 0.61
CA SER E 181 19.91 -13.60 -0.50
C SER E 181 21.38 -13.23 -0.57
N GLY E 182 21.88 -13.05 -1.80
CA GLY E 182 23.26 -12.67 -1.96
C GLY E 182 23.59 -11.34 -1.30
N TYR E 183 22.68 -10.37 -1.43
CA TYR E 183 22.87 -9.08 -0.77
C TYR E 183 22.56 -9.14 0.72
N LYS E 184 21.79 -10.13 1.16
CA LYS E 184 21.60 -10.28 2.59
C LYS E 184 22.92 -10.57 3.29
N LEU E 185 23.79 -11.31 2.61
CA LEU E 185 25.14 -11.54 3.13
C LEU E 185 25.81 -10.24 3.52
N GLN E 186 25.60 -9.17 2.73
CA GLN E 186 26.25 -7.89 2.99
C GLN E 186 25.51 -7.02 3.99
N ASP E 187 24.18 -6.93 3.93
CA ASP E 187 23.54 -5.99 4.86
C ASP E 187 23.47 -6.60 6.26
N GLN E 188 23.77 -7.88 6.42
CA GLN E 188 24.08 -8.37 7.77
C GLN E 188 25.28 -7.64 8.36
N LEU E 189 26.40 -7.61 7.62
CA LEU E 189 27.58 -6.89 8.07
C LEU E 189 27.29 -5.40 8.16
N ASP E 190 26.41 -4.89 7.30
CA ASP E 190 26.00 -3.49 7.40
C ASP E 190 25.27 -3.22 8.70
N CYS E 191 24.41 -4.15 9.13
CA CYS E 191 23.73 -4.00 10.42
C CYS E 191 24.72 -4.01 11.57
N LEU E 192 25.71 -4.92 11.51
CA LEU E 192 26.77 -4.91 12.52
C LEU E 192 27.51 -3.58 12.53
N LYS E 193 27.83 -3.04 11.36
CA LYS E 193 28.55 -1.78 11.28
C LYS E 193 27.71 -0.63 11.81
N SER E 194 26.41 -0.61 11.51
CA SER E 194 25.53 0.42 12.07
C SER E 194 25.44 0.32 13.58
N LEU E 195 25.35 -0.90 14.11
CA LEU E 195 25.34 -1.07 15.56
C LEU E 195 26.63 -0.58 16.17
N ALA E 196 27.77 -0.85 15.53
CA ALA E 196 29.06 -0.43 16.09
C ALA E 196 29.24 1.09 16.00
N ASN E 197 28.85 1.69 14.87
CA ASN E 197 29.02 3.12 14.69
C ASN E 197 28.16 3.90 15.68
N MET E 198 26.88 3.54 15.77
CA MET E 198 25.95 4.27 16.62
C MET E 198 26.32 4.15 18.11
N THR E 199 27.12 3.14 18.49
CA THR E 199 27.62 3.03 19.85
C THR E 199 29.08 3.41 19.98
N GLY E 200 29.82 3.51 18.88
CA GLY E 200 31.25 3.81 18.96
C GLY E 200 32.05 2.73 19.65
N ILE E 201 31.74 1.47 19.40
CA ILE E 201 32.38 0.34 20.06
C ILE E 201 33.01 -0.55 19.00
N LEU E 202 34.30 -0.83 19.16
CA LEU E 202 35.01 -1.72 18.25
C LEU E 202 34.44 -3.13 18.35
N HIS E 203 34.20 -3.76 17.21
CA HIS E 203 33.63 -5.11 17.16
C HIS E 203 34.68 -6.04 16.56
N CYS E 204 35.23 -6.92 17.39
CA CYS E 204 36.18 -7.92 16.92
C CYS E 204 35.45 -9.22 16.65
N LEU E 205 35.63 -9.74 15.42
CA LEU E 205 34.94 -10.95 14.97
C LEU E 205 35.94 -12.08 14.86
N LEU E 206 35.88 -13.03 15.79
CA LEU E 206 36.71 -14.22 15.77
C LEU E 206 35.91 -15.35 15.13
N GLY E 207 36.41 -15.88 14.02
CA GLY E 207 35.73 -16.95 13.33
C GLY E 207 36.71 -17.76 12.51
N THR E 208 36.19 -18.87 11.97
CA THR E 208 36.98 -19.75 11.13
C THR E 208 37.19 -19.13 9.74
N TYR E 209 37.74 -19.91 8.83
CA TYR E 209 37.99 -19.45 7.47
C TYR E 209 36.71 -19.22 6.68
N GLU E 210 35.56 -19.68 7.20
CA GLU E 210 34.28 -19.34 6.57
C GLU E 210 34.04 -17.83 6.59
N LEU E 211 34.69 -17.11 7.50
CA LEU E 211 34.58 -15.66 7.58
C LEU E 211 35.23 -14.94 6.40
N LEU E 212 35.99 -15.66 5.55
CA LEU E 212 36.53 -15.03 4.35
C LEU E 212 35.42 -14.54 3.43
N THR E 213 34.20 -15.03 3.63
CA THR E 213 33.04 -14.48 2.93
C THR E 213 32.83 -13.02 3.26
N PHE E 214 32.98 -12.63 4.53
CA PHE E 214 32.80 -11.25 4.98
C PHE E 214 34.02 -10.38 4.72
N ARG E 215 34.98 -10.87 3.94
CA ARG E 215 36.28 -10.20 3.85
C ARG E 215 36.16 -8.80 3.26
N ASN E 216 35.73 -8.69 2.01
CA ASN E 216 35.72 -7.43 1.28
C ASN E 216 34.37 -7.24 0.62
N LEU E 217 33.54 -6.36 1.20
CA LEU E 217 32.26 -5.98 0.61
C LEU E 217 32.13 -4.47 0.71
N SER E 218 32.27 -3.80 -0.44
CA SER E 218 32.14 -2.34 -0.56
C SER E 218 33.26 -1.59 0.15
N GLY E 219 33.50 -0.36 -0.30
CA GLY E 219 34.63 0.41 0.22
C GLY E 219 34.51 0.74 1.68
N GLN E 220 33.28 1.00 2.16
CA GLN E 220 33.10 1.36 3.56
C GLN E 220 33.55 0.24 4.48
N LEU E 221 33.05 -0.97 4.26
CA LEU E 221 33.41 -2.09 5.12
C LEU E 221 34.83 -2.58 4.82
N SER E 222 35.35 -2.26 3.63
CA SER E 222 36.75 -2.54 3.36
C SER E 222 37.67 -1.61 4.14
N ARG E 223 37.27 -0.37 4.36
CA ARG E 223 38.08 0.60 5.09
C ARG E 223 37.97 0.43 6.59
N ARG E 224 36.75 0.32 7.11
CA ARG E 224 36.53 0.29 8.56
C ARG E 224 36.81 -1.07 9.18
N SER E 225 37.52 -1.95 8.47
CA SER E 225 37.87 -3.26 8.99
C SER E 225 39.37 -3.50 8.81
N VAL E 226 39.98 -4.14 9.81
CA VAL E 226 41.38 -4.52 9.76
C VAL E 226 41.45 -6.03 9.94
N ASP E 227 42.18 -6.70 9.05
CA ASP E 227 42.23 -8.17 9.02
C ASP E 227 43.46 -8.65 9.76
N ILE E 228 43.25 -9.57 10.71
CA ILE E 228 44.33 -10.21 11.45
C ILE E 228 44.26 -11.70 11.16
N HIS E 229 45.37 -12.26 10.70
CA HIS E 229 45.42 -13.65 10.27
C HIS E 229 46.19 -14.48 11.29
N PHE E 230 45.49 -15.42 11.92
CA PHE E 230 46.11 -16.36 12.85
C PHE E 230 46.64 -17.54 12.04
N ARG E 231 47.77 -17.31 11.39
CA ARG E 231 48.36 -18.33 10.52
C ARG E 231 48.81 -19.53 11.33
N ARG E 232 48.70 -20.70 10.71
CA ARG E 232 49.16 -21.95 11.30
C ARG E 232 50.63 -22.18 10.97
N TYR E 233 51.30 -22.93 11.85
CA TYR E 233 52.70 -23.28 11.62
C TYR E 233 52.79 -24.27 10.45
N CYS E 234 53.26 -23.78 9.31
CA CYS E 234 53.38 -24.61 8.12
C CYS E 234 54.62 -25.50 8.22
N ALA E 235 54.80 -26.34 7.20
CA ALA E 235 55.96 -27.24 7.15
C ALA E 235 57.08 -26.72 6.26
N ASP E 236 56.79 -25.82 5.33
CA ASP E 236 57.82 -25.32 4.42
C ASP E 236 58.83 -24.45 5.16
N SER E 237 58.36 -23.57 6.04
CA SER E 237 59.25 -22.65 6.74
C SER E 237 60.06 -23.39 7.79
N PRO E 238 61.39 -23.36 7.73
CA PRO E 238 62.19 -23.98 8.79
C PRO E 238 61.95 -23.35 10.15
N GLU E 239 61.70 -22.04 10.20
CA GLU E 239 61.37 -21.39 11.47
C GLU E 239 60.05 -21.92 12.03
N ASP E 240 59.07 -22.16 11.15
CA ASP E 240 57.82 -22.74 11.59
C ASP E 240 58.04 -24.13 12.19
N VAL E 241 58.88 -24.94 11.53
CA VAL E 241 59.17 -26.28 12.04
C VAL E 241 59.87 -26.19 13.39
N GLN E 242 60.82 -25.26 13.52
CA GLN E 242 61.53 -25.10 14.79
C GLN E 242 60.57 -24.67 15.90
N ALA E 243 59.67 -23.74 15.62
CA ALA E 243 58.69 -23.33 16.61
C ALA E 243 57.77 -24.48 16.99
N PHE E 244 57.33 -25.26 16.00
CA PHE E 244 56.50 -26.42 16.28
C PHE E 244 57.22 -27.41 17.19
N LYS E 245 58.49 -27.68 16.91
CA LYS E 245 59.25 -28.61 17.72
C LYS E 245 59.49 -28.06 19.12
N SER E 246 59.72 -26.75 19.24
CA SER E 246 59.90 -26.16 20.57
C SER E 246 58.62 -26.26 21.40
N VAL E 247 57.47 -25.98 20.78
CA VAL E 247 56.20 -26.11 21.48
C VAL E 247 55.96 -27.56 21.89
N LEU E 248 56.27 -28.49 20.99
CA LEU E 248 56.10 -29.90 21.29
C LEU E 248 57.01 -30.34 22.42
N LEU E 249 58.25 -29.85 22.45
CA LEU E 249 59.18 -30.19 23.52
C LEU E 249 58.70 -29.61 24.86
N THR E 250 58.17 -28.38 24.84
CA THR E 250 57.60 -27.82 26.05
C THR E 250 56.42 -28.65 26.55
N PHE E 251 55.57 -29.10 25.62
CA PHE E 251 54.46 -29.97 25.98
C PHE E 251 54.97 -31.26 26.62
N GLN E 252 56.01 -31.86 26.02
CA GLN E 252 56.58 -33.08 26.57
C GLN E 252 57.12 -32.85 27.98
N GLN E 253 57.81 -31.74 28.19
CA GLN E 253 58.34 -31.42 29.51
C GLN E 253 57.26 -31.11 30.52
N HIS E 254 56.09 -30.65 30.07
CA HIS E 254 55.02 -30.26 30.99
C HIS E 254 53.99 -31.37 31.23
N LEU E 255 54.25 -32.59 30.77
CA LEU E 255 53.34 -33.69 31.05
C LEU E 255 53.54 -34.17 32.48
N PRO E 256 52.51 -34.13 33.33
CA PRO E 256 52.66 -34.68 34.70
C PRO E 256 52.72 -36.20 34.69
N LEU E 257 53.82 -36.75 34.17
CA LEU E 257 54.01 -38.19 34.05
C LEU E 257 55.19 -38.62 34.92
N ALA E 258 55.15 -39.87 35.37
CA ALA E 258 56.21 -40.39 36.23
C ALA E 258 57.56 -40.35 35.51
N GLU E 259 57.60 -40.76 34.26
CA GLU E 259 58.80 -40.66 33.43
C GLU E 259 58.44 -39.91 32.16
N THR E 260 59.22 -38.88 31.84
CA THR E 260 58.94 -38.07 30.66
C THR E 260 59.34 -38.83 29.40
N PRO E 261 58.44 -38.97 28.43
CA PRO E 261 58.81 -39.67 27.18
C PRO E 261 59.42 -38.70 26.18
N ASN E 262 60.04 -39.29 25.16
CA ASN E 262 60.62 -38.53 24.05
C ASN E 262 59.53 -38.30 23.02
N LEU E 263 59.16 -37.03 22.83
CA LEU E 263 58.05 -36.66 21.97
C LEU E 263 58.48 -36.10 20.61
N VAL E 264 59.71 -35.59 20.51
CA VAL E 264 60.13 -34.89 19.29
C VAL E 264 60.35 -35.88 18.15
N ASP E 265 60.42 -37.18 18.45
CA ASP E 265 60.72 -38.16 17.40
C ASP E 265 59.63 -38.19 16.34
N HIS E 266 58.36 -38.32 16.76
CA HIS E 266 57.26 -38.45 15.81
C HIS E 266 56.66 -37.08 15.48
N TRP E 267 57.53 -36.12 15.18
CA TRP E 267 57.04 -34.79 14.81
C TRP E 267 56.33 -34.81 13.47
N GLU E 268 56.77 -35.68 12.56
CA GLU E 268 56.06 -35.81 11.28
C GLU E 268 54.65 -36.34 11.49
N TYR E 269 54.48 -37.34 12.35
CA TYR E 269 53.14 -37.85 12.65
C TYR E 269 52.28 -36.78 13.31
N PHE E 270 52.86 -36.05 14.26
CA PHE E 270 52.11 -35.00 14.95
C PHE E 270 51.68 -33.90 13.99
N TYR E 271 52.56 -33.49 13.07
CA TYR E 271 52.18 -32.49 12.10
C TYR E 271 51.19 -33.05 11.09
N GLU E 272 51.27 -34.34 10.79
CA GLU E 272 50.29 -34.95 9.90
C GLU E 272 48.90 -34.90 10.50
N ARG E 273 48.78 -35.19 11.79
CA ARG E 273 47.47 -35.23 12.44
C ARG E 273 47.06 -33.88 13.05
N THR E 274 47.92 -32.87 13.00
CA THR E 274 47.57 -31.55 13.52
C THR E 274 47.81 -30.41 12.53
N LEU E 275 48.68 -30.60 11.54
CA LEU E 275 48.98 -29.63 10.49
C LEU E 275 49.23 -28.22 11.01
N GLY E 276 49.77 -28.11 12.22
CA GLY E 276 50.18 -26.81 12.73
C GLY E 276 49.33 -26.25 13.84
N CYS E 277 48.04 -26.59 13.87
CA CYS E 277 47.15 -26.08 14.89
C CYS E 277 47.62 -26.50 16.28
N ILE E 278 48.00 -25.52 17.10
CA ILE E 278 48.51 -25.80 18.43
C ILE E 278 47.41 -26.39 19.31
N GLY E 279 46.16 -25.91 19.15
CA GLY E 279 45.08 -26.44 19.95
C GLY E 279 44.81 -27.92 19.69
N THR E 280 44.93 -28.34 18.43
CA THR E 280 44.75 -29.75 18.10
C THR E 280 45.82 -30.60 18.78
N LEU E 281 47.07 -30.15 18.74
CA LEU E 281 48.12 -30.87 19.45
C LEU E 281 47.85 -30.90 20.96
N LYS E 282 47.38 -29.77 21.50
CA LYS E 282 47.15 -29.68 22.93
C LYS E 282 46.07 -30.64 23.39
N ASP E 283 44.92 -30.65 22.72
CA ASP E 283 43.86 -31.53 23.18
C ASP E 283 44.12 -32.98 22.81
N TRP E 284 44.91 -33.24 21.75
CA TRP E 284 45.38 -34.59 21.49
C TRP E 284 46.24 -35.08 22.63
N LEU E 285 47.17 -34.25 23.10
CA LEU E 285 48.03 -34.65 24.21
C LEU E 285 47.24 -34.79 25.49
N LYS E 286 46.23 -33.95 25.69
CA LYS E 286 45.33 -34.10 26.82
C LYS E 286 44.64 -35.46 26.78
N ARG E 287 44.13 -35.83 25.60
CA ARG E 287 43.49 -37.14 25.42
C ARG E 287 44.45 -38.27 25.77
N VAL E 288 45.66 -38.22 25.21
CA VAL E 288 46.63 -39.31 25.40
C VAL E 288 47.05 -39.39 26.85
N LEU E 289 47.31 -38.25 27.49
CA LEU E 289 47.72 -38.25 28.89
C LEU E 289 46.61 -38.77 29.80
N SER E 290 45.36 -38.39 29.53
CA SER E 290 44.26 -38.92 30.32
C SER E 290 44.12 -40.43 30.14
N ASP E 291 44.26 -40.92 28.90
CA ASP E 291 44.20 -42.35 28.67
C ASP E 291 45.30 -43.08 29.40
N ALA E 292 46.52 -42.52 29.40
CA ALA E 292 47.63 -43.13 30.12
C ALA E 292 47.38 -43.14 31.63
N LEU E 293 46.87 -42.03 32.15
CA LEU E 293 46.61 -41.94 33.59
C LEU E 293 45.46 -42.83 34.03
N ASP E 294 44.55 -43.18 33.11
CA ASP E 294 43.46 -44.09 33.47
C ASP E 294 44.01 -45.46 33.85
N ARG E 295 45.01 -45.94 33.13
CA ARG E 295 45.63 -47.23 33.40
C ARG E 295 46.80 -47.14 34.36
N GLU E 296 47.07 -45.95 34.91
CA GLU E 296 48.14 -45.74 35.89
C GLU E 296 49.51 -46.11 35.32
N ALA E 297 49.65 -46.02 34.00
CA ALA E 297 50.91 -46.34 33.36
C ALA E 297 51.92 -45.23 33.59
N THR E 298 53.18 -45.63 33.74
CA THR E 298 54.29 -44.69 33.88
C THR E 298 54.66 -44.01 32.57
N THR E 299 54.06 -44.42 31.46
CA THR E 299 54.48 -43.83 30.19
C THR E 299 53.47 -43.96 29.03
N ILE E 300 53.85 -43.38 27.90
CA ILE E 300 52.97 -43.21 26.76
C ILE E 300 53.62 -43.86 25.53
N THR E 301 52.80 -44.34 24.60
CA THR E 301 53.32 -45.07 23.46
C THR E 301 52.78 -44.59 22.13
N LEU E 302 53.51 -44.87 21.06
CA LEU E 302 53.01 -44.50 19.73
C LEU E 302 51.58 -44.98 19.52
N LYS E 303 51.29 -46.20 19.95
CA LYS E 303 49.93 -46.73 19.79
C LYS E 303 48.93 -45.96 20.64
N ASP E 304 49.37 -45.41 21.78
CA ASP E 304 48.49 -44.56 22.58
C ASP E 304 48.10 -43.31 21.81
N LEU E 305 49.07 -42.69 21.13
CA LEU E 305 48.75 -41.58 20.23
C LEU E 305 47.86 -42.03 19.08
N GLN E 306 48.16 -43.20 18.51
CA GLN E 306 47.36 -43.72 17.41
C GLN E 306 45.96 -44.09 17.86
N LYS E 307 45.81 -44.52 19.12
CA LYS E 307 44.49 -44.93 19.61
C LYS E 307 43.50 -43.79 19.60
N ARG E 308 43.97 -42.55 19.80
CA ARG E 308 43.10 -41.40 19.93
C ARG E 308 43.59 -40.24 19.08
N ALA E 309 43.99 -40.53 17.84
CA ALA E 309 44.43 -39.50 16.92
C ALA E 309 43.23 -38.97 16.14
N LEU E 310 43.51 -38.16 15.11
CA LEU E 310 42.49 -37.67 14.20
C LEU E 310 42.55 -38.48 12.91
N SER E 311 41.40 -39.01 12.49
CA SER E 311 41.38 -39.88 11.33
C SER E 311 41.73 -39.10 10.07
N VAL E 312 42.17 -39.84 9.05
CA VAL E 312 42.59 -39.22 7.79
C VAL E 312 41.42 -38.50 7.13
N ALA E 313 40.21 -39.07 7.22
CA ALA E 313 39.07 -38.52 6.52
C ALA E 313 38.79 -37.09 6.96
N GLN E 314 38.82 -36.84 8.27
CA GLN E 314 38.66 -35.46 8.74
C GLN E 314 39.93 -34.65 8.50
N CYS E 315 41.10 -35.23 8.76
CA CYS E 315 42.34 -34.46 8.75
C CYS E 315 42.56 -33.76 7.42
N GLN E 316 42.24 -34.43 6.31
CA GLN E 316 42.37 -33.78 5.00
C GLN E 316 41.30 -32.71 4.80
N LYS E 317 40.20 -32.78 5.56
CA LYS E 317 39.11 -31.85 5.34
C LYS E 317 39.47 -30.44 5.78
N MET E 318 40.12 -30.29 6.94
CA MET E 318 40.58 -28.95 7.33
C MET E 318 41.60 -28.43 6.34
N PHE E 319 42.47 -29.30 5.84
CA PHE E 319 43.46 -28.87 4.85
C PHE E 319 42.79 -28.22 3.65
N LYS E 320 41.71 -28.83 3.15
CA LYS E 320 41.00 -28.25 2.01
C LYS E 320 40.48 -26.85 2.34
N GLU E 321 39.91 -26.68 3.53
CA GLU E 321 39.45 -25.37 3.96
C GLU E 321 40.63 -24.43 4.22
N ILE E 322 41.68 -24.94 4.86
CA ILE E 322 42.77 -24.07 5.31
C ILE E 322 43.58 -23.56 4.12
N GLN E 323 43.89 -24.44 3.16
CA GLN E 323 44.66 -24.00 2.01
C GLN E 323 43.87 -22.98 1.18
N GLU E 324 42.53 -23.09 1.20
CA GLU E 324 41.71 -22.12 0.50
C GLU E 324 41.76 -20.76 1.16
N GLY E 325 41.61 -20.71 2.48
CA GLY E 325 41.65 -19.44 3.19
C GLY E 325 43.03 -18.80 3.14
N GLU E 326 44.08 -19.60 3.28
CA GLU E 326 45.43 -19.06 3.16
C GLU E 326 45.71 -18.58 1.75
N ARG E 327 45.05 -19.17 0.76
CA ARG E 327 45.22 -18.72 -0.62
C ARG E 327 44.64 -17.32 -0.82
N GLN E 328 43.42 -17.09 -0.33
CA GLN E 328 42.79 -15.78 -0.47
C GLN E 328 43.45 -14.72 0.40
N LEU E 329 43.94 -15.11 1.57
CA LEU E 329 44.57 -14.18 2.51
C LEU E 329 46.04 -13.93 2.19
N SER E 330 46.50 -14.32 0.99
CA SER E 330 47.89 -14.17 0.61
C SER E 330 48.07 -12.85 -0.13
N GLU E 331 48.83 -11.95 0.49
CA GLU E 331 49.15 -10.65 -0.11
C GLU E 331 50.58 -10.70 -0.63
N THR E 332 50.73 -10.62 -1.94
CA THR E 332 52.03 -10.73 -2.59
C THR E 332 52.47 -9.36 -3.11
N GLU E 333 53.73 -9.30 -3.56
CA GLU E 333 54.26 -8.06 -4.12
C GLU E 333 53.62 -7.73 -5.47
N ALA E 334 53.12 -8.75 -6.18
CA ALA E 334 52.45 -8.50 -7.44
C ALA E 334 51.18 -7.67 -7.25
N ASP E 335 50.43 -7.97 -6.19
CA ASP E 335 49.25 -7.18 -5.88
C ASP E 335 49.61 -5.74 -5.54
N VAL E 336 50.73 -5.55 -4.84
CA VAL E 336 51.18 -4.20 -4.48
C VAL E 336 51.46 -3.38 -5.74
N GLN E 337 52.16 -3.98 -6.70
CA GLN E 337 52.47 -3.26 -7.94
C GLN E 337 51.23 -3.10 -8.81
N ASN E 338 50.21 -3.96 -8.63
CA ASN E 338 48.96 -3.78 -9.34
C ASN E 338 48.24 -2.51 -8.88
N LEU E 339 48.27 -2.24 -7.57
CA LEU E 339 47.73 -0.98 -7.06
C LEU E 339 48.51 0.21 -7.58
N ARG E 340 49.83 0.07 -7.73
CA ARG E 340 50.64 1.16 -8.26
C ARG E 340 50.22 1.52 -9.68
N SER E 341 49.99 0.51 -10.52
CA SER E 341 49.63 0.77 -11.91
C SER E 341 48.23 1.36 -12.03
N ALA E 342 47.25 0.77 -11.31
CA ALA E 342 45.88 1.25 -11.41
C ALA E 342 45.74 2.67 -10.88
N LEU E 343 46.39 2.97 -9.76
CA LEU E 343 46.29 4.29 -9.17
C LEU E 343 47.22 5.31 -9.82
N GLY E 344 48.22 4.87 -10.58
CA GLY E 344 49.11 5.79 -11.26
C GLY E 344 50.37 6.15 -10.51
N LEU E 345 50.73 5.41 -9.46
CA LEU E 345 51.95 5.68 -8.72
C LEU E 345 53.13 4.81 -9.17
N GLY E 346 52.98 4.07 -10.27
CA GLY E 346 54.07 3.27 -10.77
C GLY E 346 55.27 4.12 -11.14
#